data_6WON
#
_entry.id   6WON
#
_cell.length_a   72.549
_cell.length_b   114.171
_cell.length_c   219.342
_cell.angle_alpha   90.000
_cell.angle_beta   90.000
_cell.angle_gamma   90.000
#
_symmetry.space_group_name_H-M   'P 21 21 21'
#
loop_
_entity.id
_entity.type
_entity.pdbx_description
1 polymer YohF
2 non-polymer 'SULFATE ION'
3 non-polymer 'CHLORIDE ION'
4 water water
#
_entity_poly.entity_id   1
_entity_poly.type   'polypeptide(L)'
_entity_poly.pdbx_seq_one_letter_code
;QGMTKVAIVTASDSGIGKACALLLAQNGFDIGITWHSDERGAQETAKKAAQFGVRAETIHLDLSQLPEGAQAIEHLIQRL
GRVDVLVNNAGAMTKSAFIDMPFTQWRQIFTVDVDGAFLCAQIAARHMIKQGEGGRIINITSVHEHTPLPQASAYTAAKH
ALGGLTKSMALELIEHHILVNAVAPGAIATPMNDMDDSDIEPGSEPSIPIARPGSTHEIASLVAWLCSEGASYTTGQSLI
VDGGFMLANPQFNAK
;
_entity_poly.pdbx_strand_id   A,B,C,D,E,F,G,H
#
loop_
_chem_comp.id
_chem_comp.type
_chem_comp.name
_chem_comp.formula
CL non-polymer 'CHLORIDE ION' 'Cl -1'
SO4 non-polymer 'SULFATE ION' 'O4 S -2'
#
# COMPACT_ATOMS: atom_id res chain seq x y z
N MET A 3 8.51 -41.95 -20.76
CA MET A 3 8.00 -40.85 -21.58
C MET A 3 9.08 -39.78 -21.73
N THR A 4 9.45 -39.49 -22.97
CA THR A 4 10.56 -38.58 -23.21
C THR A 4 10.17 -37.16 -22.82
N LYS A 5 10.96 -36.58 -21.93
CA LYS A 5 10.70 -35.23 -21.44
C LYS A 5 11.25 -34.20 -22.41
N VAL A 6 10.70 -32.98 -22.32
CA VAL A 6 11.02 -31.89 -23.24
C VAL A 6 11.58 -30.72 -22.45
N ALA A 7 12.70 -30.19 -22.91
CA ALA A 7 13.28 -28.97 -22.34
C ALA A 7 13.32 -27.89 -23.42
N ILE A 8 12.88 -26.68 -23.07
CA ILE A 8 12.96 -25.53 -23.96
C ILE A 8 13.97 -24.56 -23.36
N VAL A 9 14.93 -24.12 -24.19
CA VAL A 9 15.97 -23.18 -23.78
C VAL A 9 15.88 -22.00 -24.73
N THR A 10 15.59 -20.82 -24.20
CA THR A 10 15.59 -19.64 -25.05
C THR A 10 17.02 -19.23 -25.38
N ALA A 11 17.20 -18.63 -26.55
CA ALA A 11 18.49 -18.08 -26.98
C ALA A 11 19.59 -19.14 -26.87
N SER A 12 19.29 -20.34 -27.35
CA SER A 12 20.25 -21.43 -27.34
C SER A 12 21.00 -21.57 -28.67
N ASP A 13 21.06 -20.50 -29.46
CA ASP A 13 21.91 -20.50 -30.65
C ASP A 13 23.37 -20.25 -30.30
N SER A 14 23.66 -19.76 -29.10
CA SER A 14 25.03 -19.45 -28.70
C SER A 14 25.15 -19.49 -27.18
N GLY A 15 26.40 -19.45 -26.72
CA GLY A 15 26.73 -19.18 -25.31
C GLY A 15 26.07 -20.14 -24.32
N ILE A 16 25.65 -19.56 -23.19
CA ILE A 16 25.08 -20.34 -22.10
C ILE A 16 23.86 -21.13 -22.56
N GLY A 17 22.98 -20.49 -23.35
CA GLY A 17 21.79 -21.17 -23.81
C GLY A 17 22.11 -22.40 -24.64
N LYS A 18 23.11 -22.29 -25.52
CA LYS A 18 23.56 -23.44 -26.29
C LYS A 18 24.10 -24.54 -25.38
N ALA A 19 24.94 -24.17 -24.41
CA ALA A 19 25.54 -25.17 -23.53
C ALA A 19 24.47 -25.93 -22.74
N CYS A 20 23.44 -25.23 -22.25
CA CYS A 20 22.31 -25.88 -21.57
C CYS A 20 21.53 -26.80 -22.49
N ALA A 21 21.26 -26.35 -23.71
CA ALA A 21 20.51 -27.18 -24.64
C ALA A 21 21.26 -28.46 -24.96
N LEU A 22 22.56 -28.37 -25.18
CA LEU A 22 23.34 -29.54 -25.54
C LEU A 22 23.50 -30.50 -24.37
N LEU A 23 23.67 -29.96 -23.15
CA LEU A 23 23.86 -30.84 -22.01
C LEU A 23 22.54 -31.50 -21.63
N LEU A 24 21.42 -30.77 -21.72
CA LEU A 24 20.13 -31.41 -21.50
C LEU A 24 19.85 -32.45 -22.57
N ALA A 25 20.27 -32.20 -23.81
CA ALA A 25 20.20 -33.21 -24.86
C ALA A 25 20.94 -34.49 -24.45
N GLN A 26 22.19 -34.36 -24.00
CA GLN A 26 22.91 -35.54 -23.53
C GLN A 26 22.18 -36.21 -22.37
N ASN A 27 21.45 -35.43 -21.57
CA ASN A 27 20.71 -35.98 -20.43
C ASN A 27 19.47 -36.77 -20.86
N GLY A 28 19.07 -36.67 -22.12
CA GLY A 28 17.94 -37.42 -22.63
C GLY A 28 16.68 -36.61 -22.87
N PHE A 29 16.74 -35.29 -22.72
CA PHE A 29 15.60 -34.43 -23.04
C PHE A 29 15.54 -34.19 -24.55
N ASP A 30 14.34 -34.27 -25.12
CA ASP A 30 14.08 -33.57 -26.37
C ASP A 30 14.24 -32.07 -26.13
N ILE A 31 14.69 -31.35 -27.16
CA ILE A 31 15.15 -29.98 -27.00
C ILE A 31 14.36 -29.03 -27.90
N GLY A 32 13.92 -27.91 -27.33
CA GLY A 32 13.44 -26.78 -28.10
C GLY A 32 14.44 -25.63 -28.01
N ILE A 33 14.76 -25.05 -29.17
CA ILE A 33 15.81 -24.04 -29.32
C ILE A 33 15.19 -22.79 -29.94
N THR A 34 15.36 -21.64 -29.28
CA THR A 34 14.88 -20.39 -29.86
C THR A 34 16.06 -19.53 -30.29
N TRP A 35 15.83 -18.72 -31.33
CA TRP A 35 16.84 -17.83 -31.88
C TRP A 35 16.20 -16.49 -32.21
N HIS A 36 16.96 -15.43 -31.96
CA HIS A 36 16.50 -14.08 -32.26
C HIS A 36 16.82 -13.69 -33.70
N SER A 37 18.08 -13.85 -34.10
CA SER A 37 18.45 -13.54 -35.49
C SER A 37 19.33 -14.58 -36.14
N ASP A 38 19.99 -15.47 -35.38
CA ASP A 38 20.97 -16.40 -35.93
C ASP A 38 20.33 -17.78 -36.02
N GLU A 39 19.52 -17.97 -37.06
CA GLU A 39 18.84 -19.25 -37.26
C GLU A 39 19.84 -20.36 -37.56
N ARG A 40 20.88 -20.07 -38.35
CA ARG A 40 21.86 -21.09 -38.67
C ARG A 40 22.58 -21.58 -37.42
N GLY A 41 22.88 -20.66 -36.49
CA GLY A 41 23.43 -21.08 -35.20
C GLY A 41 22.48 -21.99 -34.45
N ALA A 42 21.19 -21.68 -34.47
CA ALA A 42 20.21 -22.55 -33.83
C ALA A 42 20.17 -23.93 -34.49
N GLN A 43 20.16 -23.96 -35.82
CA GLN A 43 20.16 -25.25 -36.52
C GLN A 43 21.42 -26.04 -36.23
N GLU A 44 22.56 -25.34 -36.04
CA GLU A 44 23.79 -26.01 -35.63
C GLU A 44 23.65 -26.63 -34.25
N THR A 45 22.98 -25.92 -33.34
CA THR A 45 22.70 -26.50 -32.04
C THR A 45 21.77 -27.70 -32.14
N ALA A 46 20.74 -27.62 -32.99
CA ALA A 46 19.79 -28.72 -33.12
C ALA A 46 20.47 -29.95 -33.72
N LYS A 47 21.37 -29.74 -34.69
CA LYS A 47 22.05 -30.87 -35.32
C LYS A 47 22.96 -31.58 -34.31
N LYS A 48 23.61 -30.82 -33.43
CA LYS A 48 24.47 -31.47 -32.43
C LYS A 48 23.63 -32.16 -31.35
N ALA A 49 22.52 -31.54 -30.94
CA ALA A 49 21.64 -32.16 -29.96
C ALA A 49 21.10 -33.48 -30.47
N ALA A 50 20.76 -33.53 -31.76
CA ALA A 50 20.14 -34.71 -32.34
C ALA A 50 21.12 -35.87 -32.45
N GLN A 51 22.42 -35.59 -32.50
CA GLN A 51 23.40 -36.67 -32.53
C GLN A 51 23.46 -37.41 -31.20
N PHE A 52 22.93 -36.81 -30.13
CA PHE A 52 22.74 -37.51 -28.87
C PHE A 52 21.49 -38.36 -28.87
N GLY A 53 20.80 -38.48 -30.01
CA GLY A 53 19.67 -39.39 -30.13
C GLY A 53 18.36 -38.85 -29.62
N VAL A 54 18.21 -37.53 -29.52
CA VAL A 54 16.98 -36.90 -29.09
C VAL A 54 16.45 -36.06 -30.26
N ARG A 55 15.19 -35.65 -30.15
CA ARG A 55 14.59 -34.74 -31.10
C ARG A 55 14.91 -33.29 -30.71
N ALA A 56 15.28 -32.48 -31.71
CA ALA A 56 15.53 -31.06 -31.50
C ALA A 56 14.73 -30.25 -32.51
N GLU A 57 14.20 -29.12 -32.07
CA GLU A 57 13.39 -28.25 -32.93
C GLU A 57 13.81 -26.80 -32.70
N THR A 58 13.80 -26.00 -33.76
CA THR A 58 14.16 -24.60 -33.65
C THR A 58 12.97 -23.71 -33.98
N ILE A 59 13.00 -22.48 -33.47
CA ILE A 59 11.94 -21.49 -33.69
C ILE A 59 12.50 -20.10 -33.45
N HIS A 60 12.06 -19.14 -34.26
CA HIS A 60 12.39 -17.76 -34.02
C HIS A 60 11.68 -17.24 -32.79
N LEU A 61 12.40 -16.48 -31.96
CA LEU A 61 11.83 -15.85 -30.78
C LEU A 61 12.35 -14.43 -30.68
N ASP A 62 11.44 -13.46 -30.71
CA ASP A 62 11.81 -12.06 -30.53
C ASP A 62 10.96 -11.50 -29.39
N LEU A 63 11.55 -11.44 -28.20
CA LEU A 63 10.87 -10.93 -27.01
C LEU A 63 10.85 -9.41 -26.96
N SER A 64 11.18 -8.71 -28.05
CA SER A 64 11.13 -7.26 -27.99
C SER A 64 9.73 -6.70 -28.28
N GLN A 65 8.88 -7.43 -29.00
CA GLN A 65 7.48 -7.04 -29.20
C GLN A 65 6.61 -8.03 -28.42
N LEU A 66 5.93 -7.53 -27.38
CA LEU A 66 5.19 -8.34 -26.44
C LEU A 66 3.73 -7.88 -26.35
N PRO A 67 2.79 -8.78 -26.03
CA PRO A 67 2.97 -10.19 -25.69
C PRO A 67 3.10 -11.15 -26.88
N GLU A 68 2.82 -10.68 -28.10
CA GLU A 68 2.79 -11.55 -29.27
C GLU A 68 4.10 -12.32 -29.43
N GLY A 69 5.24 -11.66 -29.21
CA GLY A 69 6.52 -12.31 -29.41
C GLY A 69 6.71 -13.60 -28.62
N ALA A 70 6.06 -13.70 -27.45
CA ALA A 70 6.23 -14.88 -26.62
C ALA A 70 5.44 -16.09 -27.11
N GLN A 71 4.57 -15.91 -28.11
CA GLN A 71 3.73 -17.00 -28.59
C GLN A 71 4.53 -18.09 -29.29
N ALA A 72 5.77 -17.79 -29.71
CA ALA A 72 6.63 -18.82 -30.28
C ALA A 72 6.82 -19.98 -29.32
N ILE A 73 6.85 -19.71 -28.01
CA ILE A 73 6.99 -20.78 -27.03
C ILE A 73 5.81 -21.73 -27.11
N GLU A 74 4.61 -21.20 -27.31
CA GLU A 74 3.43 -22.06 -27.46
C GLU A 74 3.54 -22.95 -28.68
N HIS A 75 4.02 -22.40 -29.81
CA HIS A 75 4.16 -23.21 -31.01
C HIS A 75 5.24 -24.26 -30.85
N LEU A 76 6.36 -23.91 -30.21
CA LEU A 76 7.42 -24.88 -29.95
C LEU A 76 6.90 -26.06 -29.12
N ILE A 77 6.08 -25.77 -28.10
CA ILE A 77 5.51 -26.84 -27.27
C ILE A 77 4.56 -27.72 -28.08
N GLN A 78 3.72 -27.10 -28.91
CA GLN A 78 2.81 -27.89 -29.74
C GLN A 78 3.61 -28.83 -30.64
N ARG A 79 4.69 -28.33 -31.23
CA ARG A 79 5.56 -29.18 -32.04
C ARG A 79 6.11 -30.33 -31.21
N LEU A 80 6.71 -30.04 -30.06
CA LEU A 80 7.38 -31.08 -29.28
C LEU A 80 6.40 -31.97 -28.52
N GLY A 81 5.15 -31.54 -28.29
CA GLY A 81 4.14 -32.37 -27.67
C GLY A 81 3.93 -32.17 -26.17
N ARG A 82 4.83 -31.47 -25.49
CA ARG A 82 4.78 -31.24 -24.05
C ARG A 82 5.97 -30.35 -23.69
N VAL A 83 6.02 -29.90 -22.44
CA VAL A 83 7.22 -29.26 -21.90
C VAL A 83 7.40 -29.69 -20.45
N ASP A 84 8.63 -30.09 -20.10
CA ASP A 84 9.01 -30.45 -18.75
C ASP A 84 9.99 -29.48 -18.11
N VAL A 85 10.83 -28.82 -18.92
CA VAL A 85 11.81 -27.86 -18.46
C VAL A 85 11.71 -26.62 -19.31
N LEU A 86 11.69 -25.44 -18.67
CA LEU A 86 11.90 -24.19 -19.37
C LEU A 86 13.14 -23.53 -18.79
N VAL A 87 14.07 -23.15 -19.65
CA VAL A 87 15.20 -22.34 -19.25
C VAL A 87 15.04 -20.97 -19.92
N ASN A 88 14.75 -19.95 -19.11
CA ASN A 88 14.73 -18.56 -19.56
C ASN A 88 16.16 -18.05 -19.52
N ASN A 89 16.78 -17.93 -20.68
CA ASN A 89 18.17 -17.53 -20.75
C ASN A 89 18.28 -16.00 -20.81
N ALA A 90 19.42 -15.49 -20.35
CA ALA A 90 19.66 -14.06 -20.27
C ALA A 90 20.27 -13.55 -21.58
N GLY A 91 19.65 -12.54 -22.17
CA GLY A 91 20.20 -11.90 -23.34
C GLY A 91 21.32 -10.94 -23.00
N ALA A 92 21.77 -10.20 -24.01
CA ALA A 92 22.93 -9.33 -23.86
C ALA A 92 22.67 -8.22 -22.85
N MET A 93 23.73 -7.80 -22.17
CA MET A 93 23.69 -6.70 -21.22
C MET A 93 23.96 -5.39 -21.96
N THR A 94 23.19 -4.36 -21.64
CA THR A 94 23.41 -3.03 -22.19
C THR A 94 23.62 -2.02 -21.06
N LYS A 95 24.59 -1.15 -21.25
CA LYS A 95 24.91 -0.11 -20.29
C LYS A 95 24.28 1.21 -20.73
N SER A 96 23.87 2.00 -19.74
CA SER A 96 23.35 3.34 -20.03
C SER A 96 23.33 4.12 -18.72
N ALA A 97 23.92 5.31 -18.71
CA ALA A 97 23.97 6.12 -17.50
C ALA A 97 22.56 6.35 -16.95
N PHE A 98 22.42 6.18 -15.62
CA PHE A 98 21.12 6.36 -14.98
C PHE A 98 20.53 7.74 -15.25
N ILE A 99 21.36 8.78 -15.14
CA ILE A 99 20.85 10.15 -15.15
C ILE A 99 20.26 10.50 -16.50
N ASP A 100 20.78 9.90 -17.59
CA ASP A 100 20.41 10.25 -18.96
C ASP A 100 19.54 9.22 -19.66
N MET A 101 19.38 8.03 -19.09
CA MET A 101 18.78 6.92 -19.81
C MET A 101 17.36 7.28 -20.26
N PRO A 102 17.07 7.22 -21.56
CA PRO A 102 15.71 7.49 -22.03
C PRO A 102 14.73 6.45 -21.49
N PHE A 103 13.48 6.90 -21.28
CA PHE A 103 12.47 5.99 -20.76
C PHE A 103 12.25 4.80 -21.70
N THR A 104 12.37 5.02 -23.02
CA THR A 104 12.18 3.92 -23.96
C THR A 104 13.24 2.85 -23.81
N GLN A 105 14.47 3.26 -23.49
CA GLN A 105 15.54 2.28 -23.25
C GLN A 105 15.32 1.53 -21.95
N TRP A 106 14.93 2.26 -20.89
CA TRP A 106 14.51 1.61 -19.65
C TRP A 106 13.49 0.51 -19.92
N ARG A 107 12.43 0.85 -20.65
CA ARG A 107 11.37 -0.10 -20.91
C ARG A 107 11.84 -1.22 -21.84
N GLN A 108 12.68 -0.88 -22.82
CA GLN A 108 13.20 -1.92 -23.72
C GLN A 108 13.94 -3.00 -22.96
N ILE A 109 14.78 -2.60 -21.99
CA ILE A 109 15.57 -3.55 -21.24
C ILE A 109 14.68 -4.41 -20.34
N PHE A 110 13.71 -3.79 -19.66
CA PHE A 110 12.77 -4.59 -18.88
C PHE A 110 11.95 -5.53 -19.79
N THR A 111 11.63 -5.08 -21.00
CA THR A 111 10.89 -5.92 -21.93
C THR A 111 11.62 -7.24 -22.18
N VAL A 112 12.89 -7.16 -22.59
CA VAL A 112 13.60 -8.41 -22.92
C VAL A 112 14.15 -9.15 -21.70
N ASP A 113 14.40 -8.47 -20.58
CA ASP A 113 15.11 -9.11 -19.48
C ASP A 113 14.22 -9.61 -18.35
N VAL A 114 12.93 -9.25 -18.32
CA VAL A 114 12.04 -9.84 -17.33
C VAL A 114 10.62 -9.99 -17.88
N ASP A 115 10.15 -9.03 -18.69
CA ASP A 115 8.80 -9.14 -19.24
C ASP A 115 8.68 -10.38 -20.11
N GLY A 116 9.67 -10.62 -20.98
CA GLY A 116 9.64 -11.82 -21.81
C GLY A 116 9.70 -13.10 -21.02
N ALA A 117 10.56 -13.15 -20.00
CA ALA A 117 10.66 -14.37 -19.19
C ALA A 117 9.34 -14.66 -18.50
N PHE A 118 8.67 -13.59 -18.03
CA PHE A 118 7.40 -13.75 -17.37
C PHE A 118 6.37 -14.42 -18.26
N LEU A 119 6.29 -14.02 -19.53
CA LEU A 119 5.27 -14.55 -20.42
C LEU A 119 5.58 -15.97 -20.85
N CYS A 120 6.86 -16.24 -21.19
CA CYS A 120 7.31 -17.60 -21.49
C CYS A 120 7.05 -18.54 -20.32
N ALA A 121 7.39 -18.10 -19.10
CA ALA A 121 7.17 -18.92 -17.92
C ALA A 121 5.69 -19.26 -17.74
N GLN A 122 4.81 -18.27 -17.96
CA GLN A 122 3.37 -18.53 -17.89
C GLN A 122 2.96 -19.62 -18.85
N ILE A 123 3.40 -19.50 -20.11
CA ILE A 123 2.98 -20.46 -21.13
C ILE A 123 3.47 -21.87 -20.76
N ALA A 124 4.74 -21.99 -20.40
CA ALA A 124 5.27 -23.31 -20.03
C ALA A 124 4.57 -23.85 -18.79
N ALA A 125 4.32 -23.00 -17.79
CA ALA A 125 3.68 -23.46 -16.57
C ALA A 125 2.26 -23.96 -16.84
N ARG A 126 1.53 -23.27 -17.71
CA ARG A 126 0.18 -23.72 -18.04
C ARG A 126 0.20 -25.15 -18.55
N HIS A 127 1.15 -25.46 -19.44
CA HIS A 127 1.27 -26.82 -19.95
C HIS A 127 1.71 -27.79 -18.86
N MET A 128 2.68 -27.39 -18.01
CA MET A 128 3.14 -28.29 -16.94
C MET A 128 1.98 -28.63 -16.02
N ILE A 129 1.16 -27.64 -15.68
CA ILE A 129 -0.02 -27.87 -14.85
C ILE A 129 -0.94 -28.89 -15.51
N LYS A 130 -1.31 -28.64 -16.77
CA LYS A 130 -2.25 -29.52 -17.44
C LYS A 130 -1.71 -30.93 -17.57
N GLN A 131 -0.42 -31.07 -17.90
CA GLN A 131 0.18 -32.40 -18.02
C GLN A 131 0.07 -33.19 -16.72
N GLY A 132 0.16 -32.51 -15.59
CA GLY A 132 0.05 -33.16 -14.29
C GLY A 132 1.30 -33.89 -13.83
N GLU A 133 2.46 -33.61 -14.42
CA GLU A 133 3.66 -34.37 -14.09
C GLU A 133 4.78 -33.47 -13.58
N GLY A 134 4.41 -32.33 -12.99
CA GLY A 134 5.38 -31.39 -12.47
C GLY A 134 6.22 -30.73 -13.56
N GLY A 135 7.27 -30.05 -13.11
CA GLY A 135 8.16 -29.42 -14.05
C GLY A 135 9.25 -28.65 -13.35
N ARG A 136 10.13 -28.08 -14.16
CA ARG A 136 11.23 -27.25 -13.68
C ARG A 136 11.34 -26.01 -14.55
N ILE A 137 11.48 -24.86 -13.92
CA ILE A 137 11.75 -23.62 -14.63
C ILE A 137 12.98 -22.99 -14.01
N ILE A 138 14.00 -22.75 -14.84
CA ILE A 138 15.23 -22.09 -14.42
C ILE A 138 15.31 -20.75 -15.13
N ASN A 139 15.43 -19.67 -14.36
CA ASN A 139 15.64 -18.34 -14.87
C ASN A 139 17.13 -18.02 -14.75
N ILE A 140 17.82 -17.86 -15.88
CA ILE A 140 19.20 -17.43 -15.84
C ILE A 140 19.21 -15.94 -15.53
N THR A 141 19.78 -15.57 -14.38
CA THR A 141 19.84 -14.15 -14.06
C THR A 141 21.29 -13.68 -14.15
N SER A 142 21.90 -13.36 -13.01
CA SER A 142 23.22 -12.78 -12.97
C SER A 142 23.58 -12.52 -11.52
N VAL A 143 24.88 -12.39 -11.23
CA VAL A 143 25.27 -11.82 -9.93
C VAL A 143 24.57 -10.49 -9.71
N HIS A 144 24.21 -9.79 -10.79
CA HIS A 144 23.53 -8.51 -10.70
C HIS A 144 22.05 -8.64 -10.41
N GLU A 145 21.55 -9.85 -10.17
CA GLU A 145 20.33 -10.02 -9.40
C GLU A 145 20.52 -9.57 -7.97
N HIS A 146 21.77 -9.49 -7.49
CA HIS A 146 22.06 -9.26 -6.09
C HIS A 146 22.92 -8.04 -5.80
N THR A 147 23.73 -7.60 -6.76
CA THR A 147 24.66 -6.51 -6.54
C THR A 147 24.73 -5.70 -7.82
N PRO A 148 24.88 -4.38 -7.73
CA PRO A 148 24.73 -3.54 -8.92
C PRO A 148 25.92 -3.65 -9.87
N LEU A 149 25.62 -3.53 -11.18
CA LEU A 149 26.62 -3.45 -12.22
C LEU A 149 26.78 -2.00 -12.62
N PRO A 150 27.92 -1.35 -12.36
CA PRO A 150 28.00 0.10 -12.56
C PRO A 150 27.72 0.49 -14.00
N GLN A 151 27.02 1.61 -14.16
CA GLN A 151 26.54 2.11 -15.45
C GLN A 151 25.50 1.20 -16.10
N ALA A 152 24.87 0.29 -15.36
CA ALA A 152 23.85 -0.58 -15.93
C ALA A 152 22.66 -0.69 -15.00
N SER A 153 22.08 0.47 -14.64
CA SER A 153 21.01 0.47 -13.65
C SER A 153 19.79 -0.31 -14.14
N ALA A 154 19.42 -0.14 -15.41
CA ALA A 154 18.24 -0.85 -15.92
C ALA A 154 18.45 -2.35 -15.90
N TYR A 155 19.63 -2.79 -16.34
CA TYR A 155 19.98 -4.22 -16.31
C TYR A 155 19.93 -4.75 -14.89
N THR A 156 20.51 -4.01 -13.94
CA THR A 156 20.51 -4.45 -12.55
C THR A 156 19.09 -4.55 -12.01
N ALA A 157 18.27 -3.52 -12.26
CA ALA A 157 16.90 -3.53 -11.78
C ALA A 157 16.12 -4.69 -12.37
N ALA A 158 16.26 -4.94 -13.67
CA ALA A 158 15.51 -6.03 -14.29
C ALA A 158 15.97 -7.40 -13.78
N LYS A 159 17.29 -7.57 -13.55
CA LYS A 159 17.76 -8.83 -12.99
C LYS A 159 17.19 -9.04 -11.59
N HIS A 160 17.17 -7.99 -10.78
CA HIS A 160 16.52 -8.06 -9.47
C HIS A 160 15.05 -8.47 -9.63
N ALA A 161 14.35 -7.85 -10.60
CA ALA A 161 12.95 -8.17 -10.83
C ALA A 161 12.75 -9.64 -11.16
N LEU A 162 13.58 -10.17 -12.06
CA LEU A 162 13.48 -11.58 -12.38
C LEU A 162 13.79 -12.43 -11.15
N GLY A 163 14.67 -11.94 -10.28
CA GLY A 163 14.90 -12.62 -9.01
C GLY A 163 13.65 -12.70 -8.16
N GLY A 164 12.93 -11.58 -8.04
CA GLY A 164 11.67 -11.60 -7.31
C GLY A 164 10.62 -12.47 -7.97
N LEU A 165 10.47 -12.38 -9.30
CA LEU A 165 9.54 -13.26 -10.00
C LEU A 165 9.85 -14.73 -9.73
N THR A 166 11.13 -15.07 -9.71
CA THR A 166 11.51 -16.46 -9.43
C THR A 166 10.97 -16.91 -8.08
N LYS A 167 11.12 -16.08 -7.03
CA LYS A 167 10.61 -16.48 -5.72
C LYS A 167 9.09 -16.60 -5.75
N SER A 168 8.43 -15.66 -6.42
CA SER A 168 6.98 -15.66 -6.49
C SER A 168 6.47 -16.88 -7.24
N MET A 169 7.07 -17.16 -8.41
CA MET A 169 6.65 -18.32 -9.19
C MET A 169 6.81 -19.60 -8.38
N ALA A 170 7.93 -19.71 -7.66
CA ALA A 170 8.20 -20.92 -6.91
C ALA A 170 7.15 -21.16 -5.84
N LEU A 171 6.70 -20.08 -5.18
CA LEU A 171 5.68 -20.22 -4.14
C LEU A 171 4.34 -20.60 -4.74
N GLU A 172 3.95 -19.99 -5.85
CA GLU A 172 2.64 -20.25 -6.42
C GLU A 172 2.58 -21.52 -7.27
N LEU A 173 3.71 -22.02 -7.75
CA LEU A 173 3.63 -23.21 -8.60
C LEU A 173 3.99 -24.50 -7.86
N ILE A 174 4.38 -24.42 -6.59
CA ILE A 174 4.83 -25.61 -5.87
C ILE A 174 3.72 -26.65 -5.76
N GLU A 175 2.46 -26.22 -5.64
CA GLU A 175 1.38 -27.19 -5.52
C GLU A 175 1.26 -28.07 -6.77
N HIS A 176 1.76 -27.63 -7.91
CA HIS A 176 1.79 -28.43 -9.11
C HIS A 176 3.11 -29.16 -9.31
N HIS A 177 3.95 -29.17 -8.28
CA HIS A 177 5.26 -29.80 -8.35
C HIS A 177 6.13 -29.17 -9.43
N ILE A 178 5.98 -27.86 -9.64
CA ILE A 178 6.87 -27.13 -10.54
C ILE A 178 7.89 -26.39 -9.68
N LEU A 179 9.17 -26.71 -9.87
CA LEU A 179 10.24 -26.11 -9.09
C LEU A 179 10.88 -24.99 -9.88
N VAL A 180 11.05 -23.84 -9.24
CA VAL A 180 11.49 -22.62 -9.93
C VAL A 180 12.70 -22.05 -9.20
N ASN A 181 13.81 -21.90 -9.94
CA ASN A 181 15.04 -21.37 -9.36
C ASN A 181 15.70 -20.43 -10.37
N ALA A 182 16.62 -19.62 -9.85
CA ALA A 182 17.49 -18.83 -10.70
C ALA A 182 18.91 -19.38 -10.64
N VAL A 183 19.61 -19.32 -11.77
CA VAL A 183 21.05 -19.53 -11.79
C VAL A 183 21.67 -18.18 -12.10
N ALA A 184 22.58 -17.72 -11.22
CA ALA A 184 23.13 -16.36 -11.29
C ALA A 184 24.60 -16.41 -11.66
N PRO A 185 24.96 -16.34 -12.94
CA PRO A 185 26.38 -16.39 -13.29
C PRO A 185 27.09 -15.09 -12.98
N GLY A 186 28.39 -15.22 -12.66
CA GLY A 186 29.29 -14.09 -12.71
C GLY A 186 29.77 -13.86 -14.13
N ALA A 187 31.06 -13.59 -14.30
CA ALA A 187 31.64 -13.33 -15.62
C ALA A 187 31.86 -14.64 -16.36
N ILE A 188 31.25 -14.76 -17.53
CA ILE A 188 31.31 -15.98 -18.32
C ILE A 188 31.92 -15.63 -19.67
N ALA A 189 32.92 -16.41 -20.07
CA ALA A 189 33.57 -16.23 -21.36
C ALA A 189 32.79 -16.96 -22.45
N THR A 190 32.67 -16.31 -23.61
CA THR A 190 32.20 -16.98 -24.81
C THR A 190 33.32 -16.96 -25.85
N PRO A 191 33.73 -18.12 -26.38
CA PRO A 191 34.96 -18.44 -27.10
C PRO A 191 35.98 -17.30 -27.20
N GLU A 201 44.26 -18.77 -20.26
CA GLU A 201 42.91 -18.56 -19.70
C GLU A 201 42.92 -18.32 -18.19
N PRO A 202 43.68 -19.09 -17.40
CA PRO A 202 43.81 -18.76 -15.98
C PRO A 202 44.52 -17.42 -15.80
N GLY A 203 44.06 -16.65 -14.82
CA GLY A 203 44.63 -15.35 -14.56
C GLY A 203 44.13 -14.22 -15.45
N SER A 204 43.15 -14.46 -16.32
CA SER A 204 42.70 -13.44 -17.24
C SER A 204 41.84 -12.36 -16.58
N GLU A 205 41.20 -12.67 -15.45
CA GLU A 205 40.37 -11.70 -14.72
C GLU A 205 40.81 -11.63 -13.26
N PRO A 206 41.91 -10.92 -12.99
CA PRO A 206 42.48 -10.92 -11.63
C PRO A 206 41.55 -10.36 -10.56
N SER A 207 40.56 -9.55 -10.93
CA SER A 207 39.65 -8.98 -9.93
C SER A 207 38.68 -10.00 -9.35
N ILE A 208 38.56 -11.18 -9.95
CA ILE A 208 37.69 -12.24 -9.42
C ILE A 208 38.56 -13.19 -8.61
N PRO A 209 38.11 -13.63 -7.43
CA PRO A 209 38.95 -14.55 -6.64
C PRO A 209 39.46 -15.77 -7.41
N ILE A 210 38.66 -16.37 -8.29
CA ILE A 210 39.14 -17.47 -9.12
C ILE A 210 40.10 -16.97 -10.20
N ALA A 211 40.12 -15.66 -10.46
CA ALA A 211 41.07 -14.97 -11.34
C ALA A 211 40.85 -15.27 -12.82
N ARG A 212 39.68 -15.78 -13.18
CA ARG A 212 39.32 -16.07 -14.57
C ARG A 212 37.81 -15.99 -14.70
N PRO A 213 37.29 -15.77 -15.91
CA PRO A 213 35.85 -15.93 -16.11
C PRO A 213 35.49 -17.41 -16.13
N GLY A 214 34.20 -17.68 -15.95
CA GLY A 214 33.71 -19.04 -16.03
C GLY A 214 33.49 -19.52 -17.46
N SER A 215 33.32 -20.82 -17.60
CA SER A 215 32.92 -21.36 -18.89
C SER A 215 31.39 -21.51 -18.95
N THR A 216 30.86 -21.56 -20.17
CA THR A 216 29.44 -21.85 -20.31
C THR A 216 29.07 -23.22 -19.75
N HIS A 217 29.99 -24.18 -19.79
CA HIS A 217 29.73 -25.47 -19.20
C HIS A 217 29.55 -25.36 -17.68
N GLU A 218 30.31 -24.51 -17.04
CA GLU A 218 30.22 -24.38 -15.58
C GLU A 218 28.89 -23.78 -15.13
N ILE A 219 28.17 -23.13 -16.04
CA ILE A 219 26.79 -22.73 -15.79
C ILE A 219 25.83 -23.83 -16.16
N ALA A 220 26.02 -24.41 -17.34
CA ALA A 220 25.12 -25.45 -17.83
C ALA A 220 25.07 -26.65 -16.90
N SER A 221 26.20 -26.98 -16.27
CA SER A 221 26.24 -28.15 -15.39
C SER A 221 25.22 -28.02 -14.27
N LEU A 222 25.09 -26.82 -13.70
CA LEU A 222 24.15 -26.62 -12.60
C LEU A 222 22.72 -26.57 -13.11
N VAL A 223 22.51 -25.95 -14.27
CA VAL A 223 21.17 -25.95 -14.86
C VAL A 223 20.70 -27.38 -15.01
N ALA A 224 21.58 -28.28 -15.48
CA ALA A 224 21.22 -29.67 -15.69
C ALA A 224 20.95 -30.37 -14.37
N TRP A 225 21.77 -30.11 -13.34
CA TRP A 225 21.45 -30.67 -12.03
C TRP A 225 20.06 -30.22 -11.58
N LEU A 226 19.72 -28.95 -11.82
CA LEU A 226 18.42 -28.45 -11.39
C LEU A 226 17.27 -29.14 -12.11
N CYS A 227 17.52 -29.71 -13.30
CA CYS A 227 16.50 -30.45 -14.01
C CYS A 227 16.45 -31.93 -13.64
N SER A 228 17.35 -32.39 -12.77
CA SER A 228 17.53 -33.80 -12.46
C SER A 228 16.65 -34.24 -11.29
N GLU A 229 16.52 -35.57 -11.12
CA GLU A 229 15.67 -36.07 -10.05
C GLU A 229 16.16 -35.64 -8.68
N GLY A 230 17.49 -35.54 -8.51
CA GLY A 230 18.04 -35.21 -7.20
C GLY A 230 17.70 -33.81 -6.73
N ALA A 231 17.25 -32.94 -7.62
CA ALA A 231 16.98 -31.56 -7.28
C ALA A 231 15.54 -31.33 -6.81
N SER A 232 14.83 -32.39 -6.44
CA SER A 232 13.39 -32.26 -6.19
C SER A 232 13.03 -31.56 -4.87
N TYR A 233 14.00 -31.16 -4.03
CA TYR A 233 13.68 -30.35 -2.86
C TYR A 233 14.14 -28.89 -3.00
N THR A 234 14.62 -28.50 -4.18
CA THR A 234 15.24 -27.19 -4.40
C THR A 234 14.29 -26.27 -5.19
N THR A 235 13.74 -25.25 -4.53
CA THR A 235 12.88 -24.30 -5.21
C THR A 235 12.97 -22.94 -4.52
N GLY A 236 12.76 -21.88 -5.31
CA GLY A 236 12.74 -20.51 -4.85
C GLY A 236 14.10 -19.87 -4.60
N GLN A 237 15.20 -20.47 -5.07
CA GLN A 237 16.55 -20.02 -4.75
C GLN A 237 17.24 -19.39 -5.96
N SER A 238 18.29 -18.62 -5.67
CA SER A 238 19.18 -18.06 -6.68
C SER A 238 20.55 -18.62 -6.41
N LEU A 239 21.00 -19.55 -7.26
CA LEU A 239 22.25 -20.27 -7.07
C LEU A 239 23.32 -19.54 -7.87
N ILE A 240 24.34 -19.04 -7.17
CA ILE A 240 25.31 -18.13 -7.76
C ILE A 240 26.55 -18.91 -8.13
N VAL A 241 26.91 -18.85 -9.42
CA VAL A 241 28.06 -19.53 -9.98
C VAL A 241 28.98 -18.43 -10.50
N ASP A 242 29.97 -18.04 -9.69
CA ASP A 242 30.62 -16.74 -9.94
C ASP A 242 32.10 -16.71 -9.61
N GLY A 243 32.74 -17.85 -9.35
CA GLY A 243 34.16 -17.86 -9.06
C GLY A 243 34.57 -17.01 -7.88
N GLY A 244 33.64 -16.73 -6.96
CA GLY A 244 33.93 -15.91 -5.81
C GLY A 244 33.64 -14.44 -5.99
N PHE A 245 33.02 -14.04 -7.10
CA PHE A 245 32.71 -12.65 -7.38
C PHE A 245 32.05 -11.95 -6.19
N MET A 246 30.99 -12.56 -5.65
CA MET A 246 30.24 -11.94 -4.55
C MET A 246 31.08 -11.78 -3.29
N LEU A 247 32.22 -12.47 -3.18
CA LEU A 247 33.03 -12.39 -1.97
C LEU A 247 33.96 -11.18 -1.95
N ALA A 248 34.27 -10.62 -3.12
CA ALA A 248 35.27 -9.57 -3.23
C ALA A 248 34.65 -8.22 -2.94
N ASN A 249 35.14 -7.57 -1.90
CA ASN A 249 34.64 -6.25 -1.50
C ASN A 249 35.85 -5.33 -1.58
N PRO A 250 35.75 -4.04 -1.21
CA PRO A 250 36.95 -3.18 -1.26
C PRO A 250 38.15 -3.71 -0.48
N GLN A 251 37.95 -4.67 0.44
CA GLN A 251 39.06 -5.26 1.15
C GLN A 251 39.79 -6.34 0.37
N PHE A 252 39.26 -6.73 -0.79
CA PHE A 252 39.87 -7.74 -1.63
C PHE A 252 41.14 -7.22 -2.33
N GLN B 1 16.68 31.85 5.02
CA GLN B 1 15.79 31.20 4.07
C GLN B 1 16.54 30.70 2.85
N GLY B 2 17.66 31.33 2.51
CA GLY B 2 18.54 30.78 1.49
C GLY B 2 19.07 29.41 1.84
N MET B 3 19.05 29.05 3.13
CA MET B 3 19.52 27.77 3.61
C MET B 3 18.41 26.73 3.73
N THR B 4 17.17 27.06 3.34
CA THR B 4 16.06 26.12 3.53
C THR B 4 16.08 25.03 2.47
N LYS B 5 16.03 23.78 2.91
CA LYS B 5 16.05 22.61 2.04
C LYS B 5 14.63 22.20 1.68
N VAL B 6 14.49 21.52 0.55
CA VAL B 6 13.21 21.10 0.04
C VAL B 6 13.15 19.59 -0.01
N ALA B 7 12.07 19.02 0.54
CA ALA B 7 11.76 17.61 0.42
C ALA B 7 10.51 17.44 -0.42
N ILE B 8 10.55 16.54 -1.38
CA ILE B 8 9.37 16.14 -2.13
C ILE B 8 9.01 14.71 -1.76
N VAL B 9 7.75 14.50 -1.39
CA VAL B 9 7.25 13.19 -0.99
C VAL B 9 6.07 12.90 -1.90
N THR B 10 6.17 11.82 -2.68
CA THR B 10 5.05 11.49 -3.56
C THR B 10 3.94 10.81 -2.77
N ALA B 11 2.72 10.99 -3.25
CA ALA B 11 1.54 10.37 -2.65
C ALA B 11 1.45 10.69 -1.16
N SER B 12 1.74 11.95 -0.82
CA SER B 12 1.74 12.39 0.57
C SER B 12 0.39 12.95 0.99
N ASP B 13 -0.67 12.66 0.23
CA ASP B 13 -2.02 13.03 0.64
C ASP B 13 -2.53 12.19 1.82
N SER B 14 -1.87 11.09 2.15
CA SER B 14 -2.35 10.19 3.20
C SER B 14 -1.26 9.18 3.53
N GLY B 15 -1.54 8.36 4.54
CA GLY B 15 -0.70 7.18 4.81
C GLY B 15 0.74 7.52 5.10
N ILE B 16 1.63 6.64 4.64
CA ILE B 16 3.07 6.79 4.92
C ILE B 16 3.60 8.07 4.32
N GLY B 17 3.20 8.38 3.09
CA GLY B 17 3.66 9.61 2.47
C GLY B 17 3.33 10.84 3.30
N LYS B 18 2.09 10.91 3.81
CA LYS B 18 1.69 12.05 4.62
C LYS B 18 2.53 12.15 5.89
N ALA B 19 2.74 11.02 6.58
CA ALA B 19 3.56 11.03 7.78
C ALA B 19 4.97 11.52 7.49
N CYS B 20 5.59 11.06 6.39
CA CYS B 20 6.90 11.57 6.01
C CYS B 20 6.87 13.06 5.74
N ALA B 21 5.88 13.52 4.98
CA ALA B 21 5.85 14.93 4.62
C ALA B 21 5.73 15.81 5.86
N LEU B 22 4.91 15.41 6.82
CA LEU B 22 4.69 16.24 8.00
C LEU B 22 5.89 16.21 8.94
N LEU B 23 6.53 15.05 9.08
CA LEU B 23 7.71 15.00 9.93
C LEU B 23 8.85 15.81 9.33
N LEU B 24 9.01 15.74 8.01
CA LEU B 24 10.07 16.52 7.37
C LEU B 24 9.80 18.01 7.48
N ALA B 25 8.53 18.42 7.30
CA ALA B 25 8.15 19.80 7.55
C ALA B 25 8.47 20.19 9.00
N GLN B 26 8.07 19.36 9.96
CA GLN B 26 8.40 19.64 11.35
C GLN B 26 9.92 19.74 11.56
N ASN B 27 10.71 19.00 10.79
CA ASN B 27 12.16 19.06 10.91
C ASN B 27 12.78 20.21 10.14
N GLY B 28 11.99 20.96 9.36
CA GLY B 28 12.48 22.20 8.77
C GLY B 28 12.59 22.22 7.26
N PHE B 29 12.07 21.19 6.59
CA PHE B 29 12.08 21.19 5.13
C PHE B 29 10.83 21.88 4.59
N ASP B 30 11.02 22.81 3.64
CA ASP B 30 9.93 23.11 2.72
C ASP B 30 9.51 21.81 2.04
N ILE B 31 8.22 21.66 1.78
CA ILE B 31 7.63 20.36 1.44
C ILE B 31 6.90 20.46 0.10
N GLY B 32 7.19 19.52 -0.81
CA GLY B 32 6.34 19.26 -1.95
C GLY B 32 5.52 18.00 -1.74
N ILE B 33 4.22 18.11 -2.01
CA ILE B 33 3.24 17.06 -1.78
C ILE B 33 2.60 16.72 -3.12
N THR B 34 2.60 15.44 -3.50
CA THR B 34 1.85 15.02 -4.68
C THR B 34 0.70 14.12 -4.28
N TRP B 35 -0.36 14.13 -5.11
CA TRP B 35 -1.57 13.39 -4.85
C TRP B 35 -2.13 12.85 -6.16
N HIS B 36 -2.73 11.67 -6.09
CA HIS B 36 -3.28 11.03 -7.25
C HIS B 36 -4.75 11.38 -7.44
N SER B 37 -5.57 11.18 -6.44
CA SER B 37 -6.98 11.56 -6.54
C SER B 37 -7.55 12.24 -5.30
N ASP B 38 -6.82 12.27 -4.18
CA ASP B 38 -7.33 12.84 -2.93
C ASP B 38 -6.71 14.23 -2.74
N GLU B 39 -7.24 15.19 -3.48
CA GLU B 39 -6.73 16.56 -3.42
C GLU B 39 -6.96 17.17 -2.04
N ARG B 40 -8.09 16.87 -1.40
CA ARG B 40 -8.36 17.51 -0.11
C ARG B 40 -7.41 17.01 0.96
N GLY B 41 -7.09 15.71 0.96
CA GLY B 41 -6.05 15.21 1.84
C GLY B 41 -4.70 15.86 1.60
N ALA B 42 -4.38 16.11 0.33
CA ALA B 42 -3.13 16.83 0.04
C ALA B 42 -3.18 18.24 0.58
N GLN B 43 -4.35 18.91 0.47
CA GLN B 43 -4.49 20.24 1.02
C GLN B 43 -4.43 20.22 2.54
N GLU B 44 -4.86 19.13 3.17
CA GLU B 44 -4.77 19.06 4.62
C GLU B 44 -3.34 18.82 5.09
N THR B 45 -2.56 18.06 4.32
CA THR B 45 -1.16 17.87 4.67
C THR B 45 -0.39 19.18 4.54
N ALA B 46 -0.67 19.95 3.49
CA ALA B 46 0.00 21.25 3.32
C ALA B 46 -0.38 22.21 4.43
N LYS B 47 -1.66 22.24 4.81
CA LYS B 47 -2.11 23.04 5.94
C LYS B 47 -1.27 22.74 7.19
N LYS B 48 -1.22 21.47 7.58
CA LYS B 48 -0.48 21.11 8.79
C LYS B 48 1.01 21.36 8.62
N ALA B 49 1.56 21.08 7.44
CA ALA B 49 2.99 21.31 7.21
C ALA B 49 3.36 22.77 7.45
N ALA B 50 2.51 23.69 7.01
CA ALA B 50 2.85 25.11 7.09
C ALA B 50 2.76 25.65 8.51
N GLN B 51 2.08 24.94 9.42
CA GLN B 51 2.09 25.32 10.81
C GLN B 51 3.46 25.16 11.46
N PHE B 52 4.38 24.44 10.81
CA PHE B 52 5.74 24.30 11.29
C PHE B 52 6.66 25.38 10.77
N GLY B 53 6.13 26.44 10.15
CA GLY B 53 6.95 27.53 9.66
C GLY B 53 7.73 27.23 8.40
N VAL B 54 7.24 26.34 7.54
CA VAL B 54 7.87 26.02 6.27
C VAL B 54 6.85 26.20 5.15
N ARG B 55 7.36 26.25 3.93
CA ARG B 55 6.51 26.25 2.74
C ARG B 55 6.01 24.85 2.46
N ALA B 56 4.77 24.76 1.97
CA ALA B 56 4.24 23.48 1.49
C ALA B 56 3.49 23.76 0.20
N GLU B 57 3.79 22.96 -0.84
CA GLU B 57 3.16 23.08 -2.15
C GLU B 57 2.65 21.70 -2.56
N THR B 58 1.49 21.68 -3.24
CA THR B 58 0.88 20.44 -3.69
C THR B 58 0.82 20.39 -5.21
N ILE B 59 0.80 19.17 -5.75
CA ILE B 59 0.63 18.98 -7.19
C ILE B 59 0.02 17.61 -7.42
N HIS B 60 -0.87 17.57 -8.40
CA HIS B 60 -1.42 16.31 -8.90
C HIS B 60 -0.31 15.52 -9.59
N LEU B 61 -0.22 14.23 -9.28
CA LEU B 61 0.71 13.34 -9.96
C LEU B 61 -0.07 12.10 -10.41
N ASP B 62 -0.09 11.85 -11.72
CA ASP B 62 -0.73 10.68 -12.31
C ASP B 62 0.34 9.83 -13.01
N LEU B 63 0.91 8.88 -12.29
CA LEU B 63 1.95 8.00 -12.83
C LEU B 63 1.41 6.91 -13.76
N SER B 64 0.14 6.98 -14.16
CA SER B 64 -0.44 5.91 -14.97
C SER B 64 -0.05 6.04 -16.44
N GLN B 65 0.25 7.26 -16.91
CA GLN B 65 0.68 7.47 -18.29
C GLN B 65 2.07 8.09 -18.28
N LEU B 66 3.08 7.29 -18.62
CA LEU B 66 4.47 7.69 -18.57
C LEU B 66 5.05 7.77 -19.98
N PRO B 67 6.09 8.60 -20.20
CA PRO B 67 6.83 9.37 -19.20
C PRO B 67 6.18 10.71 -18.80
N GLU B 68 5.10 11.10 -19.49
CA GLU B 68 4.60 12.47 -19.36
C GLU B 68 4.11 12.77 -17.95
N GLY B 69 3.44 11.81 -17.31
CA GLY B 69 2.86 12.08 -16.00
C GLY B 69 3.89 12.49 -14.96
N ALA B 70 5.13 12.07 -15.13
CA ALA B 70 6.16 12.41 -14.15
C ALA B 70 6.60 13.87 -14.26
N GLN B 71 6.19 14.59 -15.30
CA GLN B 71 6.58 16.00 -15.43
C GLN B 71 6.07 16.83 -14.27
N ALA B 72 4.98 16.41 -13.62
CA ALA B 72 4.49 17.15 -12.46
C ALA B 72 5.55 17.27 -11.37
N ILE B 73 6.49 16.34 -11.30
CA ILE B 73 7.60 16.48 -10.36
C ILE B 73 8.46 17.69 -10.73
N GLU B 74 8.75 17.87 -12.02
CA GLU B 74 9.53 19.02 -12.46
C GLU B 74 8.80 20.32 -12.17
N HIS B 75 7.47 20.33 -12.31
CA HIS B 75 6.72 21.54 -12.01
C HIS B 75 6.74 21.87 -10.53
N LEU B 76 6.60 20.85 -9.68
CA LEU B 76 6.68 21.06 -8.23
C LEU B 76 8.04 21.61 -7.82
N ILE B 77 9.11 20.98 -8.32
CA ILE B 77 10.47 21.47 -8.06
C ILE B 77 10.57 22.95 -8.43
N GLN B 78 10.08 23.31 -9.63
CA GLN B 78 10.14 24.71 -10.06
C GLN B 78 9.42 25.63 -9.09
N ARG B 79 8.26 25.20 -8.58
CA ARG B 79 7.54 26.04 -7.64
C ARG B 79 8.31 26.19 -6.34
N LEU B 80 8.94 25.11 -5.86
CA LEU B 80 9.67 25.19 -4.61
C LEU B 80 11.06 25.80 -4.81
N GLY B 81 11.59 25.80 -6.03
CA GLY B 81 12.84 26.47 -6.34
C GLY B 81 14.08 25.61 -6.20
N ARG B 82 13.95 24.36 -5.75
CA ARG B 82 15.07 23.44 -5.57
C ARG B 82 14.49 22.14 -5.02
N VAL B 83 15.33 21.11 -4.97
CA VAL B 83 14.98 19.85 -4.31
C VAL B 83 16.25 19.25 -3.69
N ASP B 84 16.14 18.87 -2.41
CA ASP B 84 17.22 18.24 -1.65
C ASP B 84 16.88 16.83 -1.20
N VAL B 85 15.60 16.53 -1.02
CA VAL B 85 15.13 15.21 -0.61
C VAL B 85 14.01 14.79 -1.55
N LEU B 86 14.09 13.57 -2.08
CA LEU B 86 12.95 12.93 -2.72
C LEU B 86 12.60 11.68 -1.94
N VAL B 87 11.32 11.49 -1.66
CA VAL B 87 10.82 10.24 -1.09
C VAL B 87 9.88 9.63 -2.11
N ASN B 88 10.32 8.56 -2.78
CA ASN B 88 9.50 7.83 -3.73
C ASN B 88 8.59 6.91 -2.95
N ASN B 89 7.36 7.37 -2.70
CA ASN B 89 6.47 6.66 -1.80
C ASN B 89 5.65 5.62 -2.53
N ALA B 90 5.35 4.52 -1.84
CA ALA B 90 4.77 3.35 -2.48
C ALA B 90 3.26 3.48 -2.63
N GLY B 91 2.77 3.26 -3.86
CA GLY B 91 1.35 3.16 -4.09
C GLY B 91 0.75 1.89 -3.49
N ALA B 92 -0.51 1.66 -3.80
CA ALA B 92 -1.23 0.54 -3.22
C ALA B 92 -0.77 -0.79 -3.84
N MET B 93 -0.80 -1.83 -3.02
CA MET B 93 -0.48 -3.18 -3.48
C MET B 93 -1.62 -3.76 -4.34
N THR B 94 -1.24 -4.55 -5.37
CA THR B 94 -2.17 -5.26 -6.24
C THR B 94 -1.89 -6.76 -6.26
N LYS B 95 -2.97 -7.55 -6.25
CA LYS B 95 -2.90 -9.00 -6.21
C LYS B 95 -3.48 -9.59 -7.47
N SER B 96 -2.92 -10.72 -7.88
CA SER B 96 -3.27 -11.41 -9.12
C SER B 96 -2.49 -12.71 -9.22
N ALA B 97 -3.17 -13.84 -9.36
CA ALA B 97 -2.48 -15.13 -9.43
C ALA B 97 -1.54 -15.14 -10.63
N PHE B 98 -0.32 -15.65 -10.41
CA PHE B 98 0.71 -15.60 -11.45
C PHE B 98 0.24 -16.27 -12.74
N ILE B 99 -0.35 -17.46 -12.62
CA ILE B 99 -0.62 -18.29 -13.80
C ILE B 99 -1.56 -17.59 -14.78
N ASP B 100 -2.40 -16.68 -14.28
CA ASP B 100 -3.49 -16.08 -15.05
C ASP B 100 -3.33 -14.58 -15.29
N MET B 101 -2.35 -13.94 -14.69
CA MET B 101 -2.25 -12.50 -14.71
C MET B 101 -2.18 -11.97 -16.14
N PRO B 102 -3.10 -11.09 -16.56
CA PRO B 102 -2.97 -10.45 -17.88
C PRO B 102 -1.68 -9.64 -17.99
N PHE B 103 -1.10 -9.62 -19.20
CA PHE B 103 0.07 -8.79 -19.43
C PHE B 103 -0.20 -7.33 -19.08
N THR B 104 -1.41 -6.84 -19.36
CA THR B 104 -1.72 -5.43 -19.07
C THR B 104 -1.58 -5.14 -17.58
N GLN B 105 -1.97 -6.09 -16.74
CA GLN B 105 -1.88 -5.88 -15.30
C GLN B 105 -0.43 -5.94 -14.83
N TRP B 106 0.35 -6.89 -15.37
CA TRP B 106 1.78 -6.95 -15.10
C TRP B 106 2.43 -5.60 -15.41
N ARG B 107 2.12 -5.03 -16.59
CA ARG B 107 2.74 -3.78 -16.97
C ARG B 107 2.22 -2.62 -16.13
N GLN B 108 0.93 -2.64 -15.79
CA GLN B 108 0.37 -1.57 -14.97
C GLN B 108 1.05 -1.52 -13.60
N ILE B 109 1.28 -2.69 -12.97
CA ILE B 109 1.92 -2.72 -11.66
C ILE B 109 3.36 -2.21 -11.76
N PHE B 110 4.10 -2.64 -12.79
CA PHE B 110 5.46 -2.12 -12.95
C PHE B 110 5.47 -0.61 -13.21
N THR B 111 4.46 -0.13 -13.95
CA THR B 111 4.35 1.30 -14.24
C THR B 111 4.30 2.13 -12.96
N VAL B 112 3.40 1.75 -12.03
CA VAL B 112 3.22 2.55 -10.82
C VAL B 112 4.28 2.24 -9.77
N ASP B 113 4.83 1.03 -9.74
CA ASP B 113 5.66 0.63 -8.61
C ASP B 113 7.16 0.70 -8.87
N VAL B 114 7.61 0.86 -10.11
CA VAL B 114 9.04 1.08 -10.31
C VAL B 114 9.35 2.03 -11.45
N ASP B 115 8.53 2.03 -12.53
CA ASP B 115 8.79 2.94 -13.64
C ASP B 115 8.64 4.39 -13.19
N GLY B 116 7.60 4.68 -12.41
CA GLY B 116 7.39 6.03 -11.94
C GLY B 116 8.51 6.49 -11.03
N ALA B 117 8.89 5.65 -10.05
CA ALA B 117 9.98 5.98 -9.16
C ALA B 117 11.27 6.23 -9.93
N PHE B 118 11.51 5.45 -10.99
CA PHE B 118 12.69 5.68 -11.82
C PHE B 118 12.67 7.07 -12.43
N LEU B 119 11.53 7.49 -12.98
CA LEU B 119 11.44 8.79 -13.67
C LEU B 119 11.50 9.95 -12.69
N CYS B 120 10.76 9.85 -11.58
CA CYS B 120 10.84 10.88 -10.55
C CYS B 120 12.26 11.01 -10.02
N ALA B 121 12.93 9.87 -9.79
CA ALA B 121 14.30 9.90 -9.28
C ALA B 121 15.24 10.62 -10.25
N GLN B 122 15.10 10.37 -11.56
CA GLN B 122 15.94 11.05 -12.55
C GLN B 122 15.78 12.55 -12.44
N ILE B 123 14.53 13.01 -12.42
CA ILE B 123 14.26 14.44 -12.41
C ILE B 123 14.84 15.08 -11.16
N ALA B 124 14.63 14.46 -10.00
CA ALA B 124 15.15 15.04 -8.76
C ALA B 124 16.68 15.02 -8.76
N ALA B 125 17.28 13.93 -9.25
CA ALA B 125 18.73 13.82 -9.24
C ALA B 125 19.37 14.85 -10.16
N ARG B 126 18.75 15.12 -11.31
CA ARG B 126 19.26 16.18 -12.19
C ARG B 126 19.33 17.52 -11.47
N HIS B 127 18.31 17.85 -10.67
CA HIS B 127 18.34 19.12 -9.95
C HIS B 127 19.39 19.10 -8.85
N MET B 128 19.52 17.96 -8.16
CA MET B 128 20.49 17.86 -7.08
C MET B 128 21.91 18.03 -7.61
N ILE B 129 22.20 17.45 -8.77
CA ILE B 129 23.52 17.59 -9.38
C ILE B 129 23.77 19.04 -9.73
N LYS B 130 22.82 19.65 -10.45
CA LYS B 130 22.95 21.06 -10.82
C LYS B 130 23.10 21.96 -9.61
N GLN B 131 22.33 21.72 -8.55
CA GLN B 131 22.44 22.54 -7.34
C GLN B 131 23.83 22.40 -6.70
N GLY B 132 24.47 21.24 -6.85
CA GLY B 132 25.82 21.06 -6.35
C GLY B 132 25.95 20.94 -4.85
N GLU B 133 24.85 20.68 -4.13
CA GLU B 133 24.87 20.60 -2.68
C GLU B 133 24.48 19.22 -2.17
N GLY B 134 24.56 18.19 -3.01
CA GLY B 134 24.17 16.86 -2.61
C GLY B 134 22.67 16.73 -2.44
N GLY B 135 22.28 15.59 -1.86
CA GLY B 135 20.88 15.31 -1.67
C GLY B 135 20.67 13.91 -1.16
N ARG B 136 19.41 13.59 -0.92
CA ARG B 136 19.01 12.30 -0.39
C ARG B 136 17.80 11.81 -1.15
N ILE B 137 17.81 10.53 -1.52
CA ILE B 137 16.68 9.90 -2.19
C ILE B 137 16.33 8.63 -1.44
N ILE B 138 15.09 8.55 -0.96
CA ILE B 138 14.61 7.39 -0.24
C ILE B 138 13.52 6.74 -1.07
N ASN B 139 13.70 5.46 -1.40
CA ASN B 139 12.69 4.70 -2.14
C ASN B 139 11.94 3.84 -1.14
N ILE B 140 10.64 4.08 -0.98
CA ILE B 140 9.82 3.22 -0.13
C ILE B 140 9.56 1.94 -0.90
N THR B 141 10.14 0.84 -0.45
CA THR B 141 9.83 -0.43 -1.12
C THR B 141 8.86 -1.23 -0.24
N SER B 142 9.31 -2.35 0.32
CA SER B 142 8.46 -3.25 1.10
C SER B 142 9.32 -4.42 1.54
N VAL B 143 8.86 -5.16 2.55
CA VAL B 143 9.53 -6.43 2.81
C VAL B 143 9.54 -7.30 1.57
N HIS B 144 8.60 -7.07 0.65
CA HIS B 144 8.54 -7.87 -0.56
C HIS B 144 9.53 -7.44 -1.63
N GLU B 145 10.38 -6.47 -1.33
CA GLU B 145 11.66 -6.33 -2.04
C GLU B 145 12.56 -7.54 -1.80
N HIS B 146 12.27 -8.34 -0.78
CA HIS B 146 13.15 -9.41 -0.32
C HIS B 146 12.51 -10.78 -0.28
N THR B 147 11.20 -10.87 -0.04
CA THR B 147 10.52 -12.15 0.14
C THR B 147 9.17 -12.04 -0.55
N PRO B 148 8.67 -13.13 -1.14
CA PRO B 148 7.49 -13.00 -2.02
C PRO B 148 6.21 -12.77 -1.23
N LEU B 149 5.28 -12.07 -1.86
CA LEU B 149 3.92 -11.95 -1.34
C LEU B 149 3.02 -12.85 -2.16
N PRO B 150 2.43 -13.89 -1.58
CA PRO B 150 1.61 -14.81 -2.39
C PRO B 150 0.49 -14.08 -3.10
N GLN B 151 0.23 -14.50 -4.34
CA GLN B 151 -0.76 -13.92 -5.26
C GLN B 151 -0.36 -12.53 -5.74
N ALA B 152 0.87 -12.10 -5.50
CA ALA B 152 1.28 -10.75 -5.87
C ALA B 152 2.66 -10.79 -6.52
N SER B 153 2.80 -11.63 -7.54
CA SER B 153 4.11 -11.80 -8.18
C SER B 153 4.56 -10.52 -8.88
N ALA B 154 3.64 -9.82 -9.54
CA ALA B 154 4.03 -8.56 -10.19
C ALA B 154 4.52 -7.56 -9.15
N TYR B 155 3.77 -7.41 -8.06
CA TYR B 155 4.16 -6.49 -7.02
C TYR B 155 5.52 -6.86 -6.42
N THR B 156 5.73 -8.15 -6.17
CA THR B 156 7.02 -8.60 -5.64
C THR B 156 8.15 -8.29 -6.61
N ALA B 157 7.95 -8.60 -7.88
CA ALA B 157 9.00 -8.38 -8.86
C ALA B 157 9.32 -6.89 -8.98
N ALA B 158 8.29 -6.05 -8.95
CA ALA B 158 8.53 -4.61 -9.07
C ALA B 158 9.22 -4.05 -7.83
N LYS B 159 8.88 -4.55 -6.63
CA LYS B 159 9.60 -4.12 -5.43
C LYS B 159 11.05 -4.56 -5.47
N HIS B 160 11.30 -5.80 -5.91
CA HIS B 160 12.67 -6.27 -6.15
C HIS B 160 13.39 -5.36 -7.13
N ALA B 161 12.73 -5.04 -8.24
CA ALA B 161 13.28 -4.09 -9.21
C ALA B 161 13.68 -2.79 -8.55
N LEU B 162 12.78 -2.22 -7.73
CA LEU B 162 13.10 -0.94 -7.12
C LEU B 162 14.26 -1.06 -6.16
N GLY B 163 14.42 -2.23 -5.52
CA GLY B 163 15.59 -2.46 -4.69
C GLY B 163 16.87 -2.45 -5.51
N GLY B 164 16.85 -3.11 -6.68
CA GLY B 164 18.02 -3.08 -7.53
C GLY B 164 18.37 -1.68 -8.00
N LEU B 165 17.36 -0.91 -8.40
CA LEU B 165 17.60 0.45 -8.84
C LEU B 165 18.19 1.29 -7.70
N THR B 166 17.71 1.08 -6.48
CA THR B 166 18.25 1.77 -5.32
C THR B 166 19.77 1.58 -5.23
N LYS B 167 20.23 0.33 -5.35
CA LYS B 167 21.66 0.06 -5.28
C LYS B 167 22.41 0.72 -6.44
N SER B 168 21.82 0.69 -7.63
CA SER B 168 22.45 1.30 -8.79
C SER B 168 22.58 2.81 -8.61
N MET B 169 21.48 3.47 -8.22
CA MET B 169 21.49 4.92 -8.01
C MET B 169 22.52 5.30 -6.96
N ALA B 170 22.56 4.55 -5.86
CA ALA B 170 23.52 4.83 -4.80
C ALA B 170 24.94 4.85 -5.33
N LEU B 171 25.29 3.86 -6.15
CA LEU B 171 26.64 3.80 -6.70
C LEU B 171 26.88 4.92 -7.72
N GLU B 172 25.91 5.18 -8.60
CA GLU B 172 26.11 6.16 -9.67
C GLU B 172 26.00 7.61 -9.22
N LEU B 173 25.30 7.90 -8.12
CA LEU B 173 25.12 9.27 -7.68
C LEU B 173 26.01 9.64 -6.51
N ILE B 174 26.84 8.72 -6.00
CA ILE B 174 27.65 9.03 -4.82
C ILE B 174 28.60 10.18 -5.11
N GLU B 175 29.11 10.29 -6.34
CA GLU B 175 30.06 11.35 -6.64
C GLU B 175 29.43 12.74 -6.51
N HIS B 176 28.11 12.85 -6.60
CA HIS B 176 27.41 14.11 -6.39
C HIS B 176 26.93 14.28 -4.95
N HIS B 177 27.41 13.45 -4.03
CA HIS B 177 27.01 13.50 -2.64
C HIS B 177 25.50 13.30 -2.50
N ILE B 178 24.95 12.42 -3.33
CA ILE B 178 23.56 12.00 -3.24
C ILE B 178 23.54 10.60 -2.64
N LEU B 179 22.91 10.46 -1.47
CA LEU B 179 22.82 9.17 -0.80
C LEU B 179 21.45 8.58 -1.11
N VAL B 180 21.40 7.30 -1.47
CA VAL B 180 20.18 6.65 -1.94
C VAL B 180 19.96 5.37 -1.16
N ASN B 181 18.82 5.27 -0.49
CA ASN B 181 18.50 4.09 0.29
C ASN B 181 17.05 3.73 0.06
N ALA B 182 16.73 2.46 0.38
CA ALA B 182 15.35 2.00 0.46
C ALA B 182 14.96 1.83 1.93
N VAL B 183 13.73 2.22 2.25
CA VAL B 183 13.05 1.81 3.48
C VAL B 183 11.96 0.84 3.09
N ALA B 184 11.94 -0.33 3.74
CA ALA B 184 11.16 -1.49 3.32
C ALA B 184 10.14 -1.81 4.40
N PRO B 185 8.92 -1.24 4.33
CA PRO B 185 7.96 -1.46 5.42
C PRO B 185 7.40 -2.88 5.39
N GLY B 186 7.09 -3.39 6.58
CA GLY B 186 6.26 -4.58 6.68
C GLY B 186 4.82 -4.16 6.51
N ALA B 187 3.90 -4.74 7.28
CA ALA B 187 2.50 -4.38 7.19
C ALA B 187 2.25 -3.13 8.01
N ILE B 188 1.80 -2.07 7.35
CA ILE B 188 1.56 -0.77 7.98
C ILE B 188 0.07 -0.49 7.93
N ALA B 189 -0.51 -0.13 9.08
CA ALA B 189 -1.94 0.12 9.15
C ALA B 189 -2.29 1.47 8.51
N THR B 190 -3.31 1.45 7.65
CA THR B 190 -3.85 2.65 7.03
C THR B 190 -4.87 3.33 7.97
N GLU B 201 -5.03 -2.76 18.97
CA GLU B 201 -3.97 -3.05 18.02
C GLU B 201 -2.97 -4.13 18.48
N PRO B 202 -2.49 -4.10 19.72
CA PRO B 202 -1.62 -5.19 20.16
C PRO B 202 -2.37 -6.52 20.11
N GLY B 203 -1.76 -7.51 19.45
CA GLY B 203 -2.41 -8.78 19.21
C GLY B 203 -3.29 -8.84 17.99
N SER B 204 -3.35 -7.78 17.18
CA SER B 204 -4.27 -7.75 16.05
C SER B 204 -3.71 -8.42 14.79
N GLU B 205 -2.41 -8.68 14.74
CA GLU B 205 -1.78 -9.40 13.62
C GLU B 205 -0.94 -10.53 14.18
N PRO B 206 -1.57 -11.65 14.57
CA PRO B 206 -0.81 -12.75 15.22
C PRO B 206 0.27 -13.38 14.35
N SER B 207 0.18 -13.27 13.02
CA SER B 207 1.19 -13.89 12.16
C SER B 207 2.53 -13.14 12.17
N ILE B 208 2.56 -11.91 12.67
CA ILE B 208 3.76 -11.08 12.70
C ILE B 208 4.33 -11.15 14.11
N PRO B 209 5.65 -11.31 14.28
CA PRO B 209 6.20 -11.49 15.65
C PRO B 209 5.75 -10.42 16.63
N ILE B 210 5.80 -9.14 16.25
CA ILE B 210 5.33 -8.07 17.11
C ILE B 210 3.81 -8.07 17.29
N ALA B 211 3.10 -8.85 16.49
CA ALA B 211 1.66 -9.13 16.67
C ALA B 211 0.78 -7.92 16.37
N ARG B 212 1.27 -6.94 15.62
CA ARG B 212 0.45 -5.80 15.25
C ARG B 212 1.00 -5.21 13.96
N PRO B 213 0.19 -4.47 13.21
CA PRO B 213 0.75 -3.71 12.09
C PRO B 213 1.55 -2.54 12.63
N GLY B 214 2.36 -1.95 11.75
CA GLY B 214 3.06 -0.74 12.09
C GLY B 214 2.21 0.50 11.91
N SER B 215 2.63 1.58 12.55
CA SER B 215 2.07 2.90 12.30
C SER B 215 2.83 3.57 11.17
N THR B 216 2.21 4.59 10.57
CA THR B 216 2.94 5.36 9.55
C THR B 216 4.09 6.15 10.17
N HIS B 217 3.92 6.62 11.41
CA HIS B 217 5.04 7.28 12.09
C HIS B 217 6.24 6.35 12.21
N GLU B 218 6.01 5.05 12.40
CA GLU B 218 7.14 4.12 12.54
C GLU B 218 7.93 3.94 11.24
N ILE B 219 7.36 4.31 10.09
CA ILE B 219 8.15 4.42 8.87
C ILE B 219 8.74 5.81 8.71
N ALA B 220 7.91 6.83 8.90
CA ALA B 220 8.35 8.22 8.72
C ALA B 220 9.57 8.53 9.59
N SER B 221 9.61 8.00 10.82
CA SER B 221 10.73 8.32 11.70
C SER B 221 12.07 7.93 11.08
N LEU B 222 12.13 6.74 10.47
CA LEU B 222 13.37 6.31 9.85
C LEU B 222 13.68 7.14 8.60
N VAL B 223 12.66 7.40 7.78
CA VAL B 223 12.84 8.26 6.61
C VAL B 223 13.41 9.61 7.03
N ALA B 224 12.88 10.18 8.12
CA ALA B 224 13.43 11.45 8.63
C ALA B 224 14.90 11.30 9.01
N TRP B 225 15.26 10.22 9.72
CA TRP B 225 16.66 10.04 10.09
C TRP B 225 17.56 9.99 8.88
N LEU B 226 17.13 9.29 7.82
CA LEU B 226 17.90 9.21 6.59
C LEU B 226 18.10 10.57 5.92
N CYS B 227 17.25 11.54 6.21
CA CYS B 227 17.41 12.90 5.70
C CYS B 227 18.23 13.79 6.63
N SER B 228 18.70 13.26 7.76
CA SER B 228 19.40 14.04 8.75
C SER B 228 20.92 13.96 8.54
N GLU B 229 21.64 14.87 9.19
CA GLU B 229 23.10 14.91 9.10
C GLU B 229 23.73 13.62 9.60
N GLY B 230 23.11 12.95 10.57
CA GLY B 230 23.68 11.72 11.12
C GLY B 230 23.75 10.57 10.14
N ALA B 231 22.97 10.59 9.05
CA ALA B 231 22.94 9.51 8.09
C ALA B 231 23.93 9.69 6.94
N SER B 232 24.92 10.56 7.10
CA SER B 232 25.82 10.90 6.00
C SER B 232 26.69 9.73 5.53
N TYR B 233 26.74 8.61 6.23
CA TYR B 233 27.53 7.47 5.79
C TYR B 233 26.67 6.31 5.33
N THR B 234 25.35 6.47 5.30
CA THR B 234 24.43 5.39 4.95
C THR B 234 23.96 5.56 3.51
N THR B 235 24.26 4.59 2.67
CA THR B 235 23.80 4.65 1.29
C THR B 235 23.84 3.26 0.69
N GLY B 236 22.91 3.02 -0.25
CA GLY B 236 22.81 1.75 -0.95
C GLY B 236 22.12 0.65 -0.19
N GLN B 237 21.46 0.94 0.93
CA GLN B 237 20.94 -0.08 1.81
C GLN B 237 19.41 -0.17 1.74
N SER B 238 18.88 -1.34 2.13
CA SER B 238 17.44 -1.56 2.26
C SER B 238 17.16 -1.77 3.75
N LEU B 239 16.57 -0.76 4.40
CA LEU B 239 16.39 -0.76 5.84
C LEU B 239 14.95 -1.21 6.12
N ILE B 240 14.81 -2.37 6.75
CA ILE B 240 13.52 -3.05 6.85
C ILE B 240 12.89 -2.74 8.19
N VAL B 241 11.67 -2.23 8.16
CA VAL B 241 10.92 -1.84 9.34
C VAL B 241 9.65 -2.69 9.31
N ASP B 242 9.66 -3.83 10.01
CA ASP B 242 8.62 -4.80 9.75
C ASP B 242 8.14 -5.56 10.98
N GLY B 243 8.43 -5.07 12.19
CA GLY B 243 8.04 -5.76 13.41
C GLY B 243 8.45 -7.22 13.47
N GLY B 244 9.54 -7.57 12.79
CA GLY B 244 10.03 -8.94 12.78
C GLY B 244 9.48 -9.79 11.67
N PHE B 245 8.76 -9.21 10.71
CA PHE B 245 8.19 -9.96 9.59
C PHE B 245 9.20 -10.93 8.97
N MET B 246 10.41 -10.45 8.69
CA MET B 246 11.43 -11.28 8.04
C MET B 246 11.93 -12.41 8.93
N LEU B 247 11.73 -12.32 10.25
CA LEU B 247 12.13 -13.41 11.13
C LEU B 247 11.20 -14.61 11.09
N ALA B 248 9.97 -14.45 10.60
CA ALA B 248 8.94 -15.47 10.72
C ALA B 248 9.02 -16.45 9.54
N ASN B 249 9.34 -17.69 9.82
CA ASN B 249 9.48 -18.74 8.83
C ASN B 249 8.54 -19.88 9.22
N PRO B 250 8.47 -21.00 8.48
CA PRO B 250 7.57 -22.09 8.89
C PRO B 250 7.71 -22.55 10.34
N GLN B 251 8.87 -22.38 10.97
CA GLN B 251 9.04 -22.83 12.34
C GLN B 251 8.48 -21.85 13.36
N PHE B 252 8.13 -20.63 12.93
CA PHE B 252 7.43 -19.68 13.80
C PHE B 252 6.11 -20.25 14.31
N ASN B 253 5.59 -21.29 13.68
CA ASN B 253 4.36 -21.93 14.13
C ASN B 253 4.60 -22.70 15.42
N ALA B 254 3.49 -23.01 16.11
CA ALA B 254 3.52 -23.77 17.35
C ALA B 254 4.45 -23.14 18.39
N GLN C 1 -8.45 -14.65 -54.02
CA GLN C 1 -8.70 -13.90 -52.80
C GLN C 1 -7.90 -12.60 -52.76
N GLY C 2 -7.47 -12.12 -53.94
CA GLY C 2 -7.15 -10.70 -54.04
C GLY C 2 -8.35 -9.82 -53.77
N MET C 3 -9.54 -10.40 -53.82
CA MET C 3 -10.78 -9.70 -53.52
C MET C 3 -11.21 -9.82 -52.06
N THR C 4 -10.44 -10.51 -51.21
CA THR C 4 -10.87 -10.72 -49.83
C THR C 4 -10.60 -9.46 -49.00
N LYS C 5 -11.66 -8.86 -48.47
CA LYS C 5 -11.52 -7.69 -47.64
C LYS C 5 -11.27 -8.10 -46.19
N VAL C 6 -10.76 -7.16 -45.40
CA VAL C 6 -10.35 -7.38 -44.01
C VAL C 6 -11.14 -6.46 -43.10
N ALA C 7 -11.70 -7.03 -42.02
CA ALA C 7 -12.38 -6.25 -40.99
C ALA C 7 -11.67 -6.44 -39.66
N ILE C 8 -11.38 -5.33 -38.99
CA ILE C 8 -10.83 -5.35 -37.65
C ILE C 8 -11.90 -4.87 -36.67
N VAL C 9 -12.16 -5.66 -35.63
CA VAL C 9 -13.08 -5.30 -34.58
C VAL C 9 -12.32 -5.32 -33.25
N THR C 10 -12.26 -4.17 -32.58
CA THR C 10 -11.61 -4.11 -31.27
C THR C 10 -12.49 -4.76 -30.20
N ALA C 11 -11.83 -5.29 -29.17
CA ALA C 11 -12.52 -5.95 -28.07
C ALA C 11 -13.54 -6.94 -28.60
N SER C 12 -13.10 -7.78 -29.54
CA SER C 12 -13.96 -8.81 -30.10
C SER C 12 -13.78 -10.15 -29.39
N ASP C 13 -13.25 -10.14 -28.17
CA ASP C 13 -13.18 -11.35 -27.37
C ASP C 13 -14.54 -11.77 -26.80
N SER C 14 -15.53 -10.88 -26.78
CA SER C 14 -16.82 -11.17 -26.16
C SER C 14 -17.81 -10.08 -26.58
N GLY C 15 -19.05 -10.24 -26.13
CA GLY C 15 -20.05 -9.18 -26.25
C GLY C 15 -20.32 -8.75 -27.68
N ILE C 16 -20.60 -7.46 -27.84
CA ILE C 16 -20.93 -6.92 -29.16
C ILE C 16 -19.77 -7.12 -30.12
N GLY C 17 -18.54 -6.95 -29.63
CA GLY C 17 -17.39 -7.05 -30.52
C GLY C 17 -17.27 -8.42 -31.13
N LYS C 18 -17.48 -9.47 -30.32
CA LYS C 18 -17.38 -10.84 -30.82
C LYS C 18 -18.47 -11.13 -31.85
N ALA C 19 -19.71 -10.69 -31.59
CA ALA C 19 -20.79 -10.95 -32.53
C ALA C 19 -20.53 -10.24 -33.86
N CYS C 20 -20.00 -9.01 -33.81
CA CYS C 20 -19.64 -8.30 -35.04
C CYS C 20 -18.56 -9.06 -35.82
N ALA C 21 -17.54 -9.54 -35.12
CA ALA C 21 -16.46 -10.25 -35.81
C ALA C 21 -16.98 -11.52 -36.47
N LEU C 22 -17.85 -12.26 -35.77
CA LEU C 22 -18.34 -13.52 -36.33
C LEU C 22 -19.30 -13.29 -37.48
N LEU C 23 -20.12 -12.24 -37.43
CA LEU C 23 -21.02 -11.98 -38.55
C LEU C 23 -20.25 -11.50 -39.77
N LEU C 24 -19.22 -10.67 -39.58
CA LEU C 24 -18.41 -10.23 -40.70
C LEU C 24 -17.56 -11.40 -41.25
N ALA C 25 -17.05 -12.27 -40.37
CA ALA C 25 -16.41 -13.50 -40.86
C ALA C 25 -17.38 -14.31 -41.71
N GLN C 26 -18.60 -14.52 -41.21
CA GLN C 26 -19.62 -15.25 -41.97
C GLN C 26 -19.97 -14.54 -43.28
N ASN C 27 -19.89 -13.22 -43.32
CA ASN C 27 -20.19 -12.51 -44.56
C ASN C 27 -18.99 -12.41 -45.49
N GLY C 28 -17.84 -12.94 -45.10
CA GLY C 28 -16.72 -13.11 -45.99
C GLY C 28 -15.50 -12.23 -45.76
N PHE C 29 -15.44 -11.50 -44.64
CA PHE C 29 -14.28 -10.67 -44.31
C PHE C 29 -13.25 -11.53 -43.54
N ASP C 30 -11.99 -11.47 -43.96
CA ASP C 30 -10.89 -11.83 -43.06
C ASP C 30 -11.00 -10.94 -41.82
N ILE C 31 -10.68 -11.51 -40.65
CA ILE C 31 -11.04 -10.89 -39.37
C ILE C 31 -9.79 -10.61 -38.56
N GLY C 32 -9.71 -9.40 -38.01
CA GLY C 32 -8.74 -9.05 -36.99
C GLY C 32 -9.44 -8.86 -35.66
N ILE C 33 -8.91 -9.51 -34.62
CA ILE C 33 -9.52 -9.55 -33.30
C ILE C 33 -8.54 -8.97 -32.29
N THR C 34 -8.96 -7.94 -31.57
CA THR C 34 -8.13 -7.42 -30.49
C THR C 34 -8.73 -7.79 -29.14
N TRP C 35 -7.85 -7.91 -28.14
CA TRP C 35 -8.28 -8.27 -26.80
C TRP C 35 -7.45 -7.53 -25.78
N HIS C 36 -8.11 -7.09 -24.71
CA HIS C 36 -7.42 -6.36 -23.65
C HIS C 36 -6.79 -7.34 -22.66
N SER C 37 -7.57 -8.27 -22.12
CA SER C 37 -7.01 -9.30 -21.24
C SER C 37 -7.48 -10.71 -21.52
N ASP C 38 -8.65 -10.93 -22.12
CA ASP C 38 -9.22 -12.26 -22.28
C ASP C 38 -8.75 -12.85 -23.62
N GLU C 39 -7.49 -13.30 -23.64
CA GLU C 39 -6.97 -13.90 -24.87
C GLU C 39 -7.71 -15.18 -25.23
N ARG C 40 -8.09 -15.97 -24.24
CA ARG C 40 -8.82 -17.21 -24.50
C ARG C 40 -10.13 -16.93 -25.23
N GLY C 41 -10.88 -15.93 -24.76
CA GLY C 41 -12.10 -15.53 -25.47
C GLY C 41 -11.82 -15.07 -26.89
N ALA C 42 -10.71 -14.36 -27.09
CA ALA C 42 -10.31 -13.95 -28.43
C ALA C 42 -10.02 -15.15 -29.32
N GLN C 43 -9.23 -16.11 -28.82
CA GLN C 43 -8.87 -17.27 -29.62
C GLN C 43 -10.09 -18.13 -29.95
N GLU C 44 -11.10 -18.11 -29.08
CA GLU C 44 -12.35 -18.79 -29.40
C GLU C 44 -13.10 -18.06 -30.51
N THR C 45 -13.11 -16.73 -30.49
CA THR C 45 -13.71 -16.01 -31.60
C THR C 45 -12.98 -16.32 -32.90
N ALA C 46 -11.65 -16.41 -32.86
CA ALA C 46 -10.90 -16.70 -34.08
C ALA C 46 -11.21 -18.09 -34.60
N LYS C 47 -11.36 -19.06 -33.69
CA LYS C 47 -11.65 -20.43 -34.09
C LYS C 47 -13.00 -20.52 -34.78
N LYS C 48 -14.02 -19.88 -34.20
CA LYS C 48 -15.33 -19.90 -34.85
C LYS C 48 -15.31 -19.13 -36.16
N ALA C 49 -14.64 -17.96 -36.17
CA ALA C 49 -14.58 -17.15 -37.38
C ALA C 49 -14.00 -17.95 -38.55
N ALA C 50 -12.91 -18.67 -38.30
CA ALA C 50 -12.19 -19.36 -39.37
C ALA C 50 -12.95 -20.56 -39.92
N GLN C 51 -13.98 -21.02 -39.21
CA GLN C 51 -14.82 -22.08 -39.74
C GLN C 51 -15.67 -21.62 -40.91
N PHE C 52 -15.77 -20.31 -41.13
CA PHE C 52 -16.48 -19.74 -42.27
C PHE C 52 -15.60 -19.57 -43.49
N GLY C 53 -14.48 -20.29 -43.56
CA GLY C 53 -13.62 -20.22 -44.74
C GLY C 53 -12.86 -18.93 -44.82
N VAL C 54 -12.54 -18.32 -43.67
CA VAL C 54 -11.93 -17.01 -43.67
C VAL C 54 -10.78 -17.00 -42.67
N ARG C 55 -9.86 -16.07 -42.87
CA ARG C 55 -8.69 -15.94 -42.01
C ARG C 55 -9.06 -15.10 -40.79
N ALA C 56 -8.49 -15.46 -39.64
CA ALA C 56 -8.70 -14.68 -38.43
C ALA C 56 -7.42 -14.58 -37.63
N GLU C 57 -7.08 -13.37 -37.19
CA GLU C 57 -5.86 -13.10 -36.45
C GLU C 57 -6.19 -12.33 -35.18
N THR C 58 -5.51 -12.67 -34.10
CA THR C 58 -5.70 -12.04 -32.79
C THR C 58 -4.50 -11.18 -32.43
N ILE C 59 -4.74 -10.11 -31.67
CA ILE C 59 -3.64 -9.32 -31.10
C ILE C 59 -4.12 -8.68 -29.80
N HIS C 60 -3.16 -8.47 -28.90
CA HIS C 60 -3.43 -7.71 -27.68
C HIS C 60 -3.46 -6.22 -27.97
N LEU C 61 -4.52 -5.55 -27.50
CA LEU C 61 -4.64 -4.10 -27.61
C LEU C 61 -4.88 -3.51 -26.23
N ASP C 62 -4.04 -2.56 -25.82
CA ASP C 62 -4.16 -1.93 -24.50
C ASP C 62 -4.28 -0.44 -24.73
N LEU C 63 -5.52 0.05 -24.80
CA LEU C 63 -5.73 1.47 -25.01
C LEU C 63 -5.60 2.27 -23.73
N SER C 64 -5.19 1.65 -22.64
CA SER C 64 -4.96 2.38 -21.40
C SER C 64 -3.72 3.27 -21.48
N GLN C 65 -2.80 2.99 -22.39
CA GLN C 65 -1.57 3.76 -22.51
C GLN C 65 -1.41 4.18 -23.97
N LEU C 66 -1.53 5.47 -24.20
CA LEU C 66 -1.57 6.08 -25.51
C LEU C 66 -0.42 7.07 -25.66
N PRO C 67 0.06 7.33 -26.88
CA PRO C 67 -0.43 6.76 -28.15
C PRO C 67 0.15 5.38 -28.50
N GLU C 68 1.15 4.92 -27.74
CA GLU C 68 1.89 3.71 -28.13
C GLU C 68 0.99 2.49 -28.24
N GLY C 69 0.05 2.32 -27.31
CA GLY C 69 -0.79 1.12 -27.31
C GLY C 69 -1.59 0.94 -28.59
N ALA C 70 -1.90 2.03 -29.29
CA ALA C 70 -2.62 1.90 -30.54
C ALA C 70 -1.80 1.25 -31.65
N GLN C 71 -0.48 1.13 -31.48
CA GLN C 71 0.34 0.54 -32.54
C GLN C 71 -0.05 -0.91 -32.83
N ALA C 72 -0.65 -1.61 -31.88
CA ALA C 72 -1.09 -2.97 -32.15
C ALA C 72 -2.08 -3.03 -33.32
N ILE C 73 -2.87 -1.97 -33.52
CA ILE C 73 -3.73 -1.93 -34.69
C ILE C 73 -2.89 -1.99 -35.97
N GLU C 74 -1.81 -1.22 -36.02
CA GLU C 74 -0.94 -1.24 -37.18
C GLU C 74 -0.33 -2.62 -37.40
N HIS C 75 0.14 -3.25 -36.32
CA HIS C 75 0.70 -4.58 -36.41
C HIS C 75 -0.34 -5.59 -36.89
N LEU C 76 -1.57 -5.47 -36.42
CA LEU C 76 -2.64 -6.35 -36.87
C LEU C 76 -2.91 -6.15 -38.37
N ILE C 77 -3.01 -4.89 -38.81
CA ILE C 77 -3.18 -4.61 -40.23
C ILE C 77 -2.04 -5.22 -41.04
N GLN C 78 -0.81 -5.10 -40.57
CA GLN C 78 0.30 -5.66 -41.33
C GLN C 78 0.18 -7.18 -41.46
N ARG C 79 -0.24 -7.86 -40.40
CA ARG C 79 -0.39 -9.32 -40.45
C ARG C 79 -1.47 -9.73 -41.45
N LEU C 80 -2.58 -9.01 -41.48
CA LEU C 80 -3.69 -9.35 -42.38
C LEU C 80 -3.46 -8.83 -43.80
N GLY C 81 -2.56 -7.87 -44.00
CA GLY C 81 -2.24 -7.37 -45.31
C GLY C 81 -3.05 -6.18 -45.79
N ARG C 82 -4.15 -5.85 -45.12
CA ARG C 82 -4.96 -4.70 -45.51
C ARG C 82 -6.02 -4.48 -44.44
N VAL C 83 -6.74 -3.36 -44.57
CA VAL C 83 -7.92 -3.15 -43.75
C VAL C 83 -8.97 -2.41 -44.57
N ASP C 84 -10.18 -2.96 -44.57
CA ASP C 84 -11.32 -2.39 -45.28
C ASP C 84 -12.42 -1.94 -44.35
N VAL C 85 -12.50 -2.52 -43.15
CA VAL C 85 -13.51 -2.18 -42.16
C VAL C 85 -12.81 -2.08 -40.81
N LEU C 86 -13.05 -0.99 -40.08
CA LEU C 86 -12.69 -0.90 -38.66
C LEU C 86 -13.96 -0.69 -37.85
N VAL C 87 -14.17 -1.54 -36.86
CA VAL C 87 -15.25 -1.36 -35.89
C VAL C 87 -14.60 -0.99 -34.55
N ASN C 88 -14.74 0.28 -34.15
CA ASN C 88 -14.28 0.74 -32.84
C ASN C 88 -15.31 0.34 -31.79
N ASN C 89 -15.07 -0.78 -31.10
CA ASN C 89 -16.06 -1.30 -30.17
C ASN C 89 -15.94 -0.60 -28.81
N ALA C 90 -17.07 -0.50 -28.10
CA ALA C 90 -17.14 0.28 -26.87
C ALA C 90 -16.81 -0.58 -25.64
N GLY C 91 -15.99 -0.02 -24.75
CA GLY C 91 -15.56 -0.73 -23.56
C GLY C 91 -16.58 -0.63 -22.43
N ALA C 92 -16.17 -1.12 -21.26
CA ALA C 92 -17.05 -1.11 -20.10
C ALA C 92 -17.37 0.33 -19.67
N MET C 93 -18.54 0.48 -19.06
CA MET C 93 -18.99 1.75 -18.51
C MET C 93 -18.72 1.78 -17.00
N THR C 94 -18.29 2.93 -16.50
CA THR C 94 -18.06 3.09 -15.08
C THR C 94 -18.82 4.31 -14.58
N LYS C 95 -19.26 4.23 -13.33
CA LYS C 95 -20.07 5.29 -12.73
C LYS C 95 -19.27 6.02 -11.67
N SER C 96 -19.36 7.34 -11.70
CA SER C 96 -18.80 8.19 -10.65
C SER C 96 -19.58 9.49 -10.64
N ALA C 97 -20.12 9.88 -9.49
CA ALA C 97 -20.90 11.11 -9.39
C ALA C 97 -20.07 12.29 -9.87
N PHE C 98 -20.70 13.17 -10.63
CA PHE C 98 -19.99 14.30 -11.23
C PHE C 98 -19.22 15.10 -10.17
N ILE C 99 -19.89 15.44 -9.07
CA ILE C 99 -19.32 16.35 -8.09
C ILE C 99 -18.09 15.78 -7.39
N ASP C 100 -17.95 14.46 -7.35
CA ASP C 100 -16.86 13.81 -6.63
C ASP C 100 -15.80 13.19 -7.54
N MET C 101 -16.00 13.20 -8.84
CA MET C 101 -15.13 12.40 -9.71
C MET C 101 -13.72 12.98 -9.75
N PRO C 102 -12.69 12.19 -9.45
CA PRO C 102 -11.31 12.68 -9.60
C PRO C 102 -10.96 12.90 -11.06
N PHE C 103 -10.07 13.87 -11.30
CA PHE C 103 -9.63 14.17 -12.65
C PHE C 103 -8.99 12.96 -13.31
N THR C 104 -8.29 12.13 -12.53
CA THR C 104 -7.65 10.95 -13.11
C THR C 104 -8.68 9.98 -13.65
N GLN C 105 -9.85 9.88 -13.01
CA GLN C 105 -10.90 9.01 -13.54
C GLN C 105 -11.52 9.60 -14.80
N TRP C 106 -11.81 10.90 -14.79
CA TRP C 106 -12.30 11.57 -15.99
C TRP C 106 -11.36 11.33 -17.16
N ARG C 107 -10.06 11.44 -16.92
CA ARG C 107 -9.09 11.29 -18.01
C ARG C 107 -8.98 9.82 -18.45
N GLN C 108 -9.07 8.88 -17.50
CA GLN C 108 -9.05 7.47 -17.85
C GLN C 108 -10.23 7.10 -18.76
N ILE C 109 -11.41 7.60 -18.43
CA ILE C 109 -12.59 7.25 -19.23
C ILE C 109 -12.48 7.82 -20.64
N PHE C 110 -12.02 9.07 -20.77
CA PHE C 110 -11.84 9.62 -22.11
C PHE C 110 -10.77 8.85 -22.89
N THR C 111 -9.71 8.45 -22.19
CA THR C 111 -8.63 7.67 -22.81
C THR C 111 -9.17 6.44 -23.53
N VAL C 112 -9.97 5.64 -22.83
CA VAL C 112 -10.41 4.36 -23.40
C VAL C 112 -11.66 4.50 -24.27
N ASP C 113 -12.47 5.53 -24.05
CA ASP C 113 -13.75 5.64 -24.73
C ASP C 113 -13.75 6.61 -25.91
N VAL C 114 -12.71 7.41 -26.09
CA VAL C 114 -12.68 8.20 -27.32
C VAL C 114 -11.25 8.43 -27.83
N ASP C 115 -10.28 8.64 -26.93
CA ASP C 115 -8.90 8.85 -27.39
C ASP C 115 -8.41 7.63 -28.17
N GLY C 116 -8.70 6.42 -27.66
CA GLY C 116 -8.23 5.23 -28.33
C GLY C 116 -8.88 5.02 -29.68
N ALA C 117 -10.19 5.25 -29.76
CA ALA C 117 -10.90 5.13 -31.03
C ALA C 117 -10.36 6.13 -32.05
N PHE C 118 -10.02 7.34 -31.60
CA PHE C 118 -9.40 8.33 -32.46
C PHE C 118 -8.12 7.79 -33.09
N LEU C 119 -7.24 7.21 -32.28
CA LEU C 119 -5.95 6.77 -32.77
C LEU C 119 -6.11 5.57 -33.70
N CYS C 120 -6.99 4.64 -33.34
CA CYS C 120 -7.25 3.48 -34.20
C CYS C 120 -7.85 3.90 -35.54
N ALA C 121 -8.79 4.86 -35.51
CA ALA C 121 -9.38 5.35 -36.75
C ALA C 121 -8.33 5.97 -37.65
N GLN C 122 -7.45 6.81 -37.08
CA GLN C 122 -6.35 7.40 -37.85
C GLN C 122 -5.53 6.33 -38.52
N ILE C 123 -5.07 5.33 -37.75
CA ILE C 123 -4.20 4.29 -38.30
C ILE C 123 -4.91 3.54 -39.41
N ALA C 124 -6.17 3.16 -39.19
CA ALA C 124 -6.89 2.39 -40.20
C ALA C 124 -7.20 3.24 -41.43
N ALA C 125 -7.59 4.50 -41.23
CA ALA C 125 -7.96 5.34 -42.38
C ALA C 125 -6.78 5.57 -43.30
N ARG C 126 -5.57 5.69 -42.71
CA ARG C 126 -4.37 5.85 -43.52
C ARG C 126 -4.20 4.69 -44.48
N HIS C 127 -4.38 3.45 -44.00
CA HIS C 127 -4.33 2.29 -44.88
C HIS C 127 -5.44 2.32 -45.92
N MET C 128 -6.67 2.64 -45.52
CA MET C 128 -7.77 2.70 -46.48
C MET C 128 -7.49 3.70 -47.59
N ILE C 129 -6.89 4.84 -47.24
CA ILE C 129 -6.57 5.86 -48.24
C ILE C 129 -5.54 5.34 -49.23
N LYS C 130 -4.45 4.76 -48.73
CA LYS C 130 -3.40 4.35 -49.67
C LYS C 130 -3.80 3.11 -50.46
N GLN C 131 -4.64 2.24 -49.88
CA GLN C 131 -5.20 1.13 -50.65
C GLN C 131 -6.01 1.62 -51.84
N GLY C 132 -6.70 2.75 -51.71
CA GLY C 132 -7.46 3.30 -52.81
C GLY C 132 -8.74 2.58 -53.14
N GLU C 133 -9.29 1.79 -52.21
CA GLU C 133 -10.54 1.06 -52.47
C GLU C 133 -11.62 1.40 -51.46
N GLY C 134 -11.52 2.57 -50.82
CA GLY C 134 -12.52 2.97 -49.86
C GLY C 134 -12.46 2.12 -48.59
N GLY C 135 -13.44 2.34 -47.73
CA GLY C 135 -13.49 1.63 -46.47
C GLY C 135 -14.74 2.01 -45.72
N ARG C 136 -14.91 1.36 -44.56
CA ARG C 136 -16.01 1.64 -43.65
C ARG C 136 -15.45 1.68 -42.24
N ILE C 137 -15.76 2.74 -41.50
CA ILE C 137 -15.41 2.83 -40.09
C ILE C 137 -16.70 2.98 -39.29
N ILE C 138 -16.90 2.08 -38.32
CA ILE C 138 -18.10 2.07 -37.50
C ILE C 138 -17.66 2.26 -36.05
N ASN C 139 -18.12 3.33 -35.43
CA ASN C 139 -17.86 3.59 -34.02
C ASN C 139 -19.06 3.10 -33.21
N ILE C 140 -18.84 2.11 -32.35
CA ILE C 140 -19.90 1.68 -31.43
C ILE C 140 -19.96 2.72 -30.32
N THR C 141 -21.03 3.52 -30.30
CA THR C 141 -21.17 4.48 -29.22
C THR C 141 -22.18 3.95 -28.22
N SER C 142 -23.37 4.56 -28.16
CA SER C 142 -24.36 4.33 -27.11
C SER C 142 -25.54 5.29 -27.25
N VAL C 143 -26.70 4.96 -26.69
CA VAL C 143 -27.76 5.97 -26.58
C VAL C 143 -27.22 7.19 -25.83
N HIS C 144 -26.19 6.95 -25.04
CA HIS C 144 -25.55 7.96 -24.27
C HIS C 144 -24.73 8.95 -25.06
N GLU C 145 -24.53 8.65 -26.33
CA GLU C 145 -24.07 9.66 -27.26
C GLU C 145 -25.07 10.82 -27.35
N HIS C 146 -26.30 10.60 -26.93
CA HIS C 146 -27.39 11.55 -27.19
C HIS C 146 -28.14 12.00 -25.95
N THR C 147 -28.16 11.17 -24.90
CA THR C 147 -28.94 11.45 -23.70
C THR C 147 -28.14 10.99 -22.49
N PRO C 148 -28.19 11.73 -21.38
CA PRO C 148 -27.23 11.46 -20.28
C PRO C 148 -27.54 10.16 -19.54
N LEU C 149 -26.47 9.51 -19.07
CA LEU C 149 -26.61 8.38 -18.17
C LEU C 149 -26.36 8.85 -16.74
N PRO C 150 -27.35 8.81 -15.85
CA PRO C 150 -27.15 9.36 -14.50
C PRO C 150 -25.94 8.74 -13.81
N GLN C 151 -25.15 9.61 -13.16
CA GLN C 151 -23.95 9.26 -12.41
C GLN C 151 -22.84 8.74 -13.31
N ALA C 152 -22.89 9.02 -14.61
CA ALA C 152 -21.85 8.61 -15.52
C ALA C 152 -21.57 9.76 -16.49
N SER C 153 -21.16 10.90 -15.94
CA SER C 153 -21.00 12.10 -16.77
C SER C 153 -19.79 11.97 -17.70
N ALA C 154 -18.71 11.35 -17.21
CA ALA C 154 -17.55 11.15 -18.06
C ALA C 154 -17.89 10.26 -19.24
N TYR C 155 -18.53 9.11 -18.96
CA TYR C 155 -18.99 8.19 -19.99
C TYR C 155 -19.88 8.87 -21.02
N THR C 156 -20.83 9.69 -20.54
CA THR C 156 -21.75 10.40 -21.43
C THR C 156 -21.01 11.39 -22.31
N ALA C 157 -20.10 12.16 -21.70
CA ALA C 157 -19.39 13.19 -22.47
C ALA C 157 -18.45 12.56 -23.49
N ALA C 158 -17.80 11.45 -23.12
CA ALA C 158 -16.92 10.76 -24.06
C ALA C 158 -17.71 10.13 -25.21
N LYS C 159 -18.90 9.58 -24.91
CA LYS C 159 -19.73 9.05 -26.00
C LYS C 159 -20.18 10.16 -26.93
N HIS C 160 -20.58 11.31 -26.38
CA HIS C 160 -20.86 12.48 -27.20
C HIS C 160 -19.67 12.85 -28.07
N ALA C 161 -18.48 12.92 -27.47
CA ALA C 161 -17.27 13.24 -28.21
C ALA C 161 -17.04 12.27 -29.36
N LEU C 162 -17.24 10.96 -29.13
CA LEU C 162 -17.07 9.99 -30.21
C LEU C 162 -18.14 10.17 -31.28
N GLY C 163 -19.35 10.60 -30.89
CA GLY C 163 -20.34 10.97 -31.88
C GLY C 163 -19.90 12.13 -32.76
N GLY C 164 -19.30 13.15 -32.14
CA GLY C 164 -18.83 14.29 -32.92
C GLY C 164 -17.70 13.91 -33.85
N LEU C 165 -16.75 13.12 -33.33
CA LEU C 165 -15.64 12.63 -34.15
C LEU C 165 -16.18 11.85 -35.35
N THR C 166 -17.22 11.04 -35.13
CA THR C 166 -17.84 10.28 -36.21
C THR C 166 -18.28 11.21 -37.35
N LYS C 167 -18.87 12.38 -37.02
CA LYS C 167 -19.32 13.32 -38.05
C LYS C 167 -18.14 13.97 -38.76
N SER C 168 -17.09 14.32 -37.99
CA SER C 168 -15.91 14.96 -38.58
C SER C 168 -15.18 14.01 -39.51
N MET C 169 -14.97 12.78 -39.08
CA MET C 169 -14.33 11.79 -39.94
C MET C 169 -15.15 11.57 -41.21
N ALA C 170 -16.48 11.52 -41.08
CA ALA C 170 -17.31 11.25 -42.26
C ALA C 170 -17.07 12.32 -43.31
N LEU C 171 -17.12 13.59 -42.89
CA LEU C 171 -16.90 14.69 -43.80
C LEU C 171 -15.49 14.68 -44.39
N GLU C 172 -14.47 14.43 -43.56
CA GLU C 172 -13.09 14.55 -44.02
C GLU C 172 -12.61 13.36 -44.83
N LEU C 173 -13.20 12.18 -44.65
CA LEU C 173 -12.78 10.98 -45.36
C LEU C 173 -13.67 10.66 -46.56
N ILE C 174 -14.71 11.45 -46.83
CA ILE C 174 -15.63 11.08 -47.90
C ILE C 174 -14.93 11.09 -49.26
N GLU C 175 -13.98 12.00 -49.47
CA GLU C 175 -13.29 12.01 -50.76
C GLU C 175 -12.54 10.70 -51.03
N HIS C 176 -12.19 9.95 -49.99
CA HIS C 176 -11.51 8.66 -50.17
C HIS C 176 -12.48 7.49 -50.18
N HIS C 177 -13.78 7.74 -50.30
CA HIS C 177 -14.79 6.69 -50.30
C HIS C 177 -14.73 5.86 -49.02
N ILE C 178 -14.47 6.54 -47.91
CA ILE C 178 -14.57 5.94 -46.58
C ILE C 178 -15.85 6.50 -45.95
N LEU C 179 -16.74 5.60 -45.57
CA LEU C 179 -18.00 5.97 -44.93
C LEU C 179 -17.88 5.70 -43.44
N VAL C 180 -18.31 6.67 -42.64
CA VAL C 180 -18.09 6.65 -41.19
C VAL C 180 -19.43 6.86 -40.50
N ASN C 181 -19.81 5.92 -39.64
CA ASN C 181 -21.06 6.05 -38.89
C ASN C 181 -20.87 5.54 -37.46
N ALA C 182 -21.80 5.92 -36.60
CA ALA C 182 -21.92 5.37 -35.26
C ALA C 182 -23.13 4.46 -35.18
N VAL C 183 -22.99 3.30 -34.53
CA VAL C 183 -24.12 2.51 -34.08
C VAL C 183 -24.22 2.67 -32.57
N ALA C 184 -25.39 3.10 -32.10
CA ALA C 184 -25.59 3.53 -30.72
C ALA C 184 -26.50 2.56 -29.98
N PRO C 185 -25.97 1.54 -29.32
CA PRO C 185 -26.83 0.56 -28.68
C PRO C 185 -27.47 1.10 -27.40
N GLY C 186 -28.65 0.59 -27.12
CA GLY C 186 -29.29 0.80 -25.83
C GLY C 186 -28.76 -0.21 -24.84
N ALA C 187 -29.63 -0.78 -24.02
CA ALA C 187 -29.23 -1.79 -23.06
C ALA C 187 -29.09 -3.13 -23.76
N ILE C 188 -27.91 -3.74 -23.68
CA ILE C 188 -27.59 -4.98 -24.38
C ILE C 188 -27.21 -6.03 -23.35
N ALA C 189 -27.83 -7.20 -23.44
CA ALA C 189 -27.50 -8.31 -22.55
C ALA C 189 -26.21 -8.99 -23.01
N THR C 190 -25.26 -9.13 -22.09
CA THR C 190 -23.99 -9.79 -22.38
C THR C 190 -24.05 -11.27 -22.02
N GLU C 201 -37.19 -13.60 -19.42
CA GLU C 201 -36.33 -12.68 -20.17
C GLU C 201 -37.12 -11.56 -20.86
N PRO C 202 -38.27 -11.87 -21.50
CA PRO C 202 -39.19 -10.80 -21.89
C PRO C 202 -39.86 -10.19 -20.66
N GLY C 203 -39.93 -8.87 -20.65
CA GLY C 203 -40.38 -8.15 -19.48
C GLY C 203 -39.34 -7.94 -18.42
N SER C 204 -38.08 -8.29 -18.68
CA SER C 204 -37.03 -8.17 -17.68
C SER C 204 -36.58 -6.73 -17.48
N GLU C 205 -36.91 -5.82 -18.40
CA GLU C 205 -36.58 -4.40 -18.27
C GLU C 205 -37.80 -3.56 -18.64
N PRO C 206 -38.81 -3.51 -17.76
CA PRO C 206 -40.06 -2.83 -18.14
C PRO C 206 -39.92 -1.34 -18.37
N SER C 207 -38.82 -0.71 -17.92
CA SER C 207 -38.62 0.71 -18.16
C SER C 207 -38.27 1.00 -19.61
N ILE C 208 -37.89 -0.01 -20.40
CA ILE C 208 -37.66 0.15 -21.82
C ILE C 208 -38.95 -0.24 -22.56
N PRO C 209 -39.33 0.46 -23.64
CA PRO C 209 -40.60 0.13 -24.31
C PRO C 209 -40.70 -1.31 -24.80
N ILE C 210 -39.64 -1.87 -25.38
CA ILE C 210 -39.68 -3.27 -25.77
C ILE C 210 -39.62 -4.22 -24.57
N ALA C 211 -39.32 -3.68 -23.38
CA ALA C 211 -39.43 -4.34 -22.08
C ALA C 211 -38.32 -5.36 -21.83
N ARG C 212 -37.25 -5.34 -22.63
CA ARG C 212 -36.16 -6.30 -22.53
C ARG C 212 -34.89 -5.68 -23.06
N PRO C 213 -33.72 -6.14 -22.60
CA PRO C 213 -32.47 -5.68 -23.22
C PRO C 213 -32.29 -6.28 -24.61
N GLY C 214 -31.37 -5.68 -25.38
CA GLY C 214 -31.08 -6.20 -26.69
C GLY C 214 -30.05 -7.33 -26.65
N SER C 215 -29.98 -8.08 -27.75
CA SER C 215 -28.97 -9.11 -27.91
C SER C 215 -27.75 -8.55 -28.66
N THR C 216 -26.62 -9.24 -28.56
CA THR C 216 -25.44 -8.80 -29.30
C THR C 216 -25.68 -8.89 -30.80
N HIS C 217 -26.46 -9.88 -31.24
CA HIS C 217 -26.78 -10.02 -32.65
C HIS C 217 -27.57 -8.82 -33.17
N GLU C 218 -28.44 -8.23 -32.33
CA GLU C 218 -29.27 -7.11 -32.75
C GLU C 218 -28.46 -5.83 -32.97
N ILE C 219 -27.25 -5.77 -32.43
CA ILE C 219 -26.29 -4.74 -32.79
C ILE C 219 -25.44 -5.18 -33.97
N ALA C 220 -24.89 -6.39 -33.88
CA ALA C 220 -23.98 -6.89 -34.92
C ALA C 220 -24.64 -6.90 -36.29
N SER C 221 -25.95 -7.15 -36.36
CA SER C 221 -26.62 -7.24 -37.65
C SER C 221 -26.58 -5.89 -38.37
N LEU C 222 -26.76 -4.78 -37.63
CA LEU C 222 -26.73 -3.49 -38.31
C LEU C 222 -25.30 -3.11 -38.70
N VAL C 223 -24.34 -3.43 -37.84
CA VAL C 223 -22.93 -3.20 -38.18
C VAL C 223 -22.57 -3.90 -39.48
N ALA C 224 -23.11 -5.11 -39.68
CA ALA C 224 -22.81 -5.86 -40.89
C ALA C 224 -23.46 -5.23 -42.11
N TRP C 225 -24.68 -4.71 -41.95
CA TRP C 225 -25.29 -4.00 -43.07
C TRP C 225 -24.49 -2.76 -43.43
N LEU C 226 -23.97 -2.05 -42.42
CA LEU C 226 -23.15 -0.87 -42.69
C LEU C 226 -21.87 -1.21 -43.45
N CYS C 227 -21.45 -2.48 -43.43
CA CYS C 227 -20.32 -2.92 -44.22
C CYS C 227 -20.74 -3.53 -45.54
N SER C 228 -22.04 -3.70 -45.77
CA SER C 228 -22.54 -4.30 -46.99
C SER C 228 -22.53 -3.28 -48.13
N GLU C 229 -22.78 -3.81 -49.32
CA GLU C 229 -22.80 -3.00 -50.53
C GLU C 229 -23.90 -1.95 -50.50
N GLY C 230 -25.06 -2.29 -49.90
CA GLY C 230 -26.22 -1.42 -49.94
C GLY C 230 -26.13 -0.19 -49.04
N ALA C 231 -25.18 -0.16 -48.11
CA ALA C 231 -25.00 0.98 -47.23
C ALA C 231 -24.14 2.07 -47.85
N SER C 232 -23.90 2.01 -49.17
CA SER C 232 -22.94 2.89 -49.80
C SER C 232 -23.37 4.36 -49.84
N TYR C 233 -24.58 4.72 -49.40
CA TYR C 233 -24.98 6.12 -49.32
C TYR C 233 -25.17 6.60 -47.88
N THR C 234 -24.78 5.80 -46.89
CA THR C 234 -24.99 6.13 -45.50
C THR C 234 -23.66 6.56 -44.89
N THR C 235 -23.58 7.82 -44.46
CA THR C 235 -22.37 8.29 -43.78
C THR C 235 -22.70 9.47 -42.89
N GLY C 236 -21.97 9.58 -41.79
CA GLY C 236 -22.10 10.71 -40.88
C GLY C 236 -23.19 10.56 -39.84
N GLN C 237 -23.80 9.39 -39.75
CA GLN C 237 -25.02 9.18 -38.99
C GLN C 237 -24.77 8.36 -37.73
N SER C 238 -25.66 8.54 -36.74
CA SER C 238 -25.66 7.76 -35.51
C SER C 238 -26.93 6.91 -35.47
N LEU C 239 -26.79 5.61 -35.76
CA LEU C 239 -27.93 4.70 -35.92
C LEU C 239 -28.20 4.03 -34.57
N ILE C 240 -29.37 4.32 -33.99
CA ILE C 240 -29.68 3.96 -32.61
C ILE C 240 -30.47 2.66 -32.60
N VAL C 241 -29.96 1.67 -31.88
CA VAL C 241 -30.60 0.36 -31.77
C VAL C 241 -30.87 0.14 -30.30
N ASP C 242 -32.09 0.47 -29.85
CA ASP C 242 -32.31 0.65 -28.43
C ASP C 242 -33.67 0.18 -27.92
N GLY C 243 -34.46 -0.55 -28.72
CA GLY C 243 -35.73 -1.04 -28.23
C GLY C 243 -36.74 0.03 -27.84
N GLY C 244 -36.60 1.25 -28.34
CA GLY C 244 -37.47 2.35 -27.95
C GLY C 244 -36.96 3.20 -26.80
N PHE C 245 -35.78 2.89 -26.27
CA PHE C 245 -35.18 3.65 -25.17
C PHE C 245 -35.33 5.17 -25.33
N MET C 246 -34.99 5.71 -26.51
CA MET C 246 -35.04 7.15 -26.70
C MET C 246 -36.46 7.70 -26.65
N LEU C 247 -37.47 6.86 -26.86
CA LEU C 247 -38.85 7.32 -26.85
C LEU C 247 -39.42 7.49 -25.46
N ALA C 248 -38.78 6.92 -24.44
CA ALA C 248 -39.36 6.88 -23.09
C ALA C 248 -38.94 8.14 -22.33
N ASN C 249 -39.87 9.06 -22.19
CA ASN C 249 -39.61 10.28 -21.45
C ASN C 249 -40.38 10.18 -20.13
N PRO C 250 -40.38 11.23 -19.27
CA PRO C 250 -41.15 11.15 -18.01
C PRO C 250 -42.61 10.72 -18.14
N GLN C 251 -43.21 10.90 -19.32
CA GLN C 251 -44.60 10.49 -19.50
C GLN C 251 -44.74 9.01 -19.84
N PHE C 252 -43.64 8.28 -20.03
CA PHE C 252 -43.71 6.86 -20.31
C PHE C 252 -44.08 6.10 -19.04
N ASN C 253 -45.05 5.19 -19.16
CA ASN C 253 -45.47 4.35 -18.05
C ASN C 253 -45.19 2.90 -18.40
N ALA C 254 -44.35 2.25 -17.59
CA ALA C 254 -43.98 0.86 -17.80
C ALA C 254 -45.18 -0.06 -17.59
N THR D 4 -26.33 39.25 -2.08
CA THR D 4 -26.01 39.77 -3.41
C THR D 4 -25.18 38.76 -4.21
N LYS D 5 -25.60 38.52 -5.46
CA LYS D 5 -25.14 37.38 -6.25
C LYS D 5 -23.79 37.66 -6.92
N VAL D 6 -23.05 36.58 -7.20
CA VAL D 6 -21.71 36.65 -7.79
C VAL D 6 -21.68 35.79 -9.06
N ALA D 7 -21.14 36.36 -10.13
CA ALA D 7 -21.01 35.67 -11.40
C ALA D 7 -19.54 35.64 -11.79
N ILE D 8 -19.04 34.44 -12.10
CA ILE D 8 -17.68 34.26 -12.58
C ILE D 8 -17.75 33.93 -14.06
N VAL D 9 -17.06 34.72 -14.88
CA VAL D 9 -17.04 34.53 -16.33
C VAL D 9 -15.60 34.31 -16.74
N THR D 10 -15.30 33.12 -17.29
CA THR D 10 -13.92 32.87 -17.68
C THR D 10 -13.61 33.60 -18.97
N ALA D 11 -12.32 33.94 -19.15
CA ALA D 11 -11.84 34.59 -20.36
C ALA D 11 -12.70 35.81 -20.68
N SER D 12 -12.90 36.66 -19.68
CA SER D 12 -13.76 37.82 -19.84
C SER D 12 -12.95 39.08 -20.06
N ASP D 13 -11.71 38.94 -20.52
CA ASP D 13 -10.90 40.10 -20.90
C ASP D 13 -11.27 40.64 -22.28
N SER D 14 -12.05 39.89 -23.06
CA SER D 14 -12.41 40.27 -24.42
C SER D 14 -13.60 39.44 -24.87
N GLY D 15 -14.09 39.75 -26.07
CA GLY D 15 -15.05 38.95 -26.81
C GLY D 15 -16.31 38.62 -26.02
N ILE D 16 -16.84 37.41 -26.27
CA ILE D 16 -18.08 36.97 -25.64
C ILE D 16 -17.98 37.06 -24.12
N GLY D 17 -16.87 36.59 -23.54
CA GLY D 17 -16.74 36.62 -22.10
C GLY D 17 -16.84 38.02 -21.54
N LYS D 18 -16.20 38.98 -22.21
CA LYS D 18 -16.28 40.36 -21.75
C LYS D 18 -17.71 40.87 -21.79
N ALA D 19 -18.41 40.65 -22.91
CA ALA D 19 -19.79 41.10 -23.00
C ALA D 19 -20.64 40.44 -21.92
N CYS D 20 -20.39 39.16 -21.65
CA CYS D 20 -21.13 38.43 -20.63
C CYS D 20 -20.90 39.06 -19.27
N ALA D 21 -19.64 39.34 -18.95
CA ALA D 21 -19.27 39.91 -17.68
C ALA D 21 -19.85 41.32 -17.51
N LEU D 22 -19.88 42.10 -18.58
CA LEU D 22 -20.37 43.47 -18.44
C LEU D 22 -21.89 43.51 -18.32
N LEU D 23 -22.58 42.59 -18.98
CA LEU D 23 -24.03 42.58 -18.89
C LEU D 23 -24.49 42.08 -17.53
N LEU D 24 -23.84 41.04 -17.02
CA LEU D 24 -24.20 40.52 -15.70
C LEU D 24 -23.96 41.55 -14.62
N ALA D 25 -22.93 42.39 -14.79
CA ALA D 25 -22.71 43.48 -13.86
C ALA D 25 -23.91 44.44 -13.85
N GLN D 26 -24.37 44.85 -15.03
CA GLN D 26 -25.55 45.71 -15.09
C GLN D 26 -26.77 45.08 -14.45
N ASN D 27 -26.89 43.75 -14.52
CA ASN D 27 -27.98 43.04 -13.89
C ASN D 27 -27.87 43.01 -12.37
N GLY D 28 -26.71 43.36 -11.81
CA GLY D 28 -26.54 43.46 -10.36
C GLY D 28 -25.59 42.43 -9.76
N PHE D 29 -24.94 41.60 -10.57
CA PHE D 29 -23.99 40.60 -10.09
C PHE D 29 -22.62 41.23 -9.80
N ASP D 30 -22.05 40.93 -8.64
CA ASP D 30 -20.60 41.02 -8.49
C ASP D 30 -19.95 40.08 -9.50
N ILE D 31 -18.78 40.48 -9.99
CA ILE D 31 -18.20 39.87 -11.19
C ILE D 31 -16.80 39.35 -10.89
N GLY D 32 -16.54 38.11 -11.30
CA GLY D 32 -15.19 37.56 -11.35
C GLY D 32 -14.76 37.43 -12.81
N ILE D 33 -13.62 38.03 -13.12
CA ILE D 33 -13.07 38.04 -14.48
C ILE D 33 -11.77 37.24 -14.48
N THR D 34 -11.67 36.24 -15.36
CA THR D 34 -10.40 35.57 -15.52
C THR D 34 -9.76 35.96 -16.84
N TRP D 35 -8.43 35.83 -16.89
CA TRP D 35 -7.69 36.21 -18.08
C TRP D 35 -6.52 35.25 -18.25
N HIS D 36 -6.24 34.91 -19.51
CA HIS D 36 -5.13 34.02 -19.82
C HIS D 36 -3.83 34.79 -20.04
N SER D 37 -3.87 35.87 -20.82
CA SER D 37 -2.66 36.64 -21.09
C SER D 37 -2.87 38.15 -20.92
N ASP D 38 -4.07 38.65 -21.20
CA ASP D 38 -4.31 40.09 -21.28
C ASP D 38 -4.91 40.59 -19.96
N GLU D 39 -4.03 40.88 -19.00
CA GLU D 39 -4.53 41.34 -17.71
C GLU D 39 -5.15 42.73 -17.80
N ARG D 40 -4.50 43.64 -18.50
CA ARG D 40 -5.08 44.99 -18.61
C ARG D 40 -6.45 44.95 -19.28
N GLY D 41 -6.63 44.05 -20.26
CA GLY D 41 -7.96 43.86 -20.82
C GLY D 41 -8.96 43.37 -19.80
N ALA D 42 -8.51 42.51 -18.88
CA ALA D 42 -9.37 42.08 -17.78
C ALA D 42 -9.64 43.24 -16.82
N GLN D 43 -8.62 44.04 -16.53
CA GLN D 43 -8.83 45.18 -15.65
C GLN D 43 -9.75 46.23 -16.28
N GLU D 44 -9.68 46.40 -17.60
CA GLU D 44 -10.63 47.31 -18.24
C GLU D 44 -12.06 46.80 -18.08
N THR D 45 -12.25 45.48 -18.17
CA THR D 45 -13.57 44.90 -17.95
C THR D 45 -14.03 45.15 -16.51
N ALA D 46 -13.13 44.97 -15.54
CA ALA D 46 -13.48 45.18 -14.14
C ALA D 46 -13.82 46.64 -13.88
N LYS D 47 -13.07 47.55 -14.50
CA LYS D 47 -13.30 48.98 -14.34
C LYS D 47 -14.68 49.39 -14.86
N LYS D 48 -15.06 48.85 -16.01
CA LYS D 48 -16.39 49.13 -16.57
C LYS D 48 -17.49 48.46 -15.75
N ALA D 49 -17.25 47.23 -15.28
CA ALA D 49 -18.26 46.57 -14.45
C ALA D 49 -18.46 47.31 -13.14
N ALA D 50 -17.37 47.82 -12.54
CA ALA D 50 -17.50 48.51 -11.27
C ALA D 50 -18.32 49.79 -11.38
N GLN D 51 -18.38 50.40 -12.57
CA GLN D 51 -19.19 51.61 -12.73
C GLN D 51 -20.68 51.34 -12.62
N PHE D 52 -21.11 50.08 -12.70
CA PHE D 52 -22.50 49.70 -12.49
C PHE D 52 -22.83 49.46 -11.03
N GLY D 53 -21.94 49.83 -10.11
CA GLY D 53 -22.23 49.69 -8.69
C GLY D 53 -22.03 48.30 -8.12
N VAL D 54 -21.23 47.46 -8.78
CA VAL D 54 -20.97 46.11 -8.30
C VAL D 54 -19.47 45.97 -8.03
N ARG D 55 -19.10 44.88 -7.37
CA ARG D 55 -17.69 44.60 -7.15
C ARG D 55 -17.18 43.69 -8.27
N ALA D 56 -15.98 43.99 -8.76
CA ALA D 56 -15.35 43.20 -9.82
C ALA D 56 -13.96 42.77 -9.36
N GLU D 57 -13.58 41.53 -9.69
CA GLU D 57 -12.28 40.96 -9.34
C GLU D 57 -11.69 40.18 -10.51
N THR D 58 -10.40 40.37 -10.75
CA THR D 58 -9.70 39.70 -11.85
C THR D 58 -8.70 38.67 -11.31
N ILE D 59 -8.51 37.59 -12.06
CA ILE D 59 -7.50 36.59 -11.72
C ILE D 59 -6.99 35.93 -13.00
N HIS D 60 -5.72 35.52 -12.95
CA HIS D 60 -5.14 34.72 -14.02
C HIS D 60 -5.77 33.32 -14.02
N LEU D 61 -6.11 32.83 -15.22
CA LEU D 61 -6.60 31.46 -15.40
C LEU D 61 -5.98 30.92 -16.69
N ASP D 62 -5.21 29.85 -16.58
CA ASP D 62 -4.64 29.17 -17.74
C ASP D 62 -5.06 27.71 -17.68
N LEU D 63 -5.98 27.32 -18.56
CA LEU D 63 -6.53 25.98 -18.55
C LEU D 63 -5.72 25.00 -19.40
N SER D 64 -4.55 25.40 -19.88
CA SER D 64 -3.75 24.51 -20.70
C SER D 64 -2.95 23.50 -19.88
N GLN D 65 -2.87 23.67 -18.56
CA GLN D 65 -2.19 22.71 -17.69
C GLN D 65 -3.11 22.38 -16.51
N LEU D 66 -3.54 21.13 -16.42
CA LEU D 66 -4.60 20.76 -15.50
C LEU D 66 -4.13 19.61 -14.61
N PRO D 67 -4.70 19.49 -13.40
CA PRO D 67 -5.82 20.28 -12.88
C PRO D 67 -5.41 21.58 -12.20
N GLU D 68 -4.12 21.83 -12.03
CA GLU D 68 -3.67 22.97 -11.24
C GLU D 68 -4.19 24.29 -11.80
N GLY D 69 -4.24 24.43 -13.13
CA GLY D 69 -4.73 25.66 -13.73
C GLY D 69 -6.14 26.04 -13.29
N ALA D 70 -6.97 25.06 -12.96
CA ALA D 70 -8.35 25.34 -12.57
C ALA D 70 -8.48 25.90 -11.15
N GLN D 71 -7.45 25.75 -10.29
CA GLN D 71 -7.58 26.23 -8.92
C GLN D 71 -7.80 27.73 -8.85
N ALA D 72 -7.46 28.47 -9.91
CA ALA D 72 -7.75 29.91 -9.92
C ALA D 72 -9.23 30.19 -9.68
N ILE D 73 -10.13 29.31 -10.13
CA ILE D 73 -11.54 29.52 -9.88
C ILE D 73 -11.82 29.50 -8.37
N GLU D 74 -11.20 28.56 -7.67
CA GLU D 74 -11.40 28.46 -6.22
C GLU D 74 -10.94 29.73 -5.51
N HIS D 75 -9.77 30.26 -5.91
CA HIS D 75 -9.28 31.48 -5.28
C HIS D 75 -10.18 32.68 -5.57
N LEU D 76 -10.72 32.76 -6.80
CA LEU D 76 -11.66 33.83 -7.12
C LEU D 76 -12.90 33.76 -6.24
N ILE D 77 -13.46 32.56 -6.07
CA ILE D 77 -14.64 32.39 -5.22
C ILE D 77 -14.32 32.79 -3.79
N GLN D 78 -13.13 32.43 -3.30
CA GLN D 78 -12.74 32.81 -1.95
C GLN D 78 -12.71 34.32 -1.81
N ARG D 79 -12.25 35.01 -2.85
CA ARG D 79 -12.19 36.47 -2.84
C ARG D 79 -13.58 37.07 -2.79
N LEU D 80 -14.47 36.63 -3.68
CA LEU D 80 -15.77 37.25 -3.84
C LEU D 80 -16.78 36.82 -2.78
N GLY D 81 -16.50 35.73 -2.05
CA GLY D 81 -17.32 35.30 -0.93
C GLY D 81 -18.35 34.24 -1.25
N ARG D 82 -18.60 33.96 -2.53
CA ARG D 82 -19.62 33.01 -2.98
C ARG D 82 -19.56 32.95 -4.49
N VAL D 83 -20.29 32.01 -5.07
CA VAL D 83 -20.53 32.01 -6.52
C VAL D 83 -21.95 31.54 -6.79
N ASP D 84 -22.68 32.32 -7.59
CA ASP D 84 -24.03 31.97 -7.99
C ASP D 84 -24.13 31.60 -9.46
N VAL D 85 -23.27 32.19 -10.29
CA VAL D 85 -23.25 31.96 -11.73
C VAL D 85 -21.82 31.61 -12.13
N LEU D 86 -21.66 30.55 -12.91
CA LEU D 86 -20.41 30.27 -13.59
C LEU D 86 -20.68 30.22 -15.09
N VAL D 87 -19.96 31.02 -15.86
CA VAL D 87 -19.98 30.95 -17.31
C VAL D 87 -18.66 30.37 -17.77
N ASN D 88 -18.68 29.13 -18.27
CA ASN D 88 -17.50 28.52 -18.89
C ASN D 88 -17.43 29.01 -20.33
N ASN D 89 -16.58 29.99 -20.58
CA ASN D 89 -16.42 30.59 -21.90
C ASN D 89 -15.60 29.68 -22.82
N ALA D 90 -15.77 29.87 -24.12
CA ALA D 90 -15.10 29.04 -25.11
C ALA D 90 -13.84 29.73 -25.64
N GLY D 91 -12.71 29.03 -25.55
CA GLY D 91 -11.45 29.55 -26.05
C GLY D 91 -11.37 29.51 -27.57
N ALA D 92 -10.19 29.82 -28.08
CA ALA D 92 -10.00 29.88 -29.52
C ALA D 92 -10.15 28.50 -30.16
N MET D 93 -10.63 28.50 -31.41
CA MET D 93 -10.73 27.28 -32.20
C MET D 93 -9.40 27.01 -32.90
N THR D 94 -9.08 25.72 -33.03
CA THR D 94 -7.88 25.26 -33.73
C THR D 94 -8.25 24.32 -34.86
N LYS D 95 -7.61 24.47 -36.00
CA LYS D 95 -7.81 23.55 -37.10
C LYS D 95 -6.61 22.62 -37.24
N SER D 96 -6.89 21.38 -37.63
CA SER D 96 -5.85 20.38 -37.87
C SER D 96 -6.51 19.23 -38.63
N ALA D 97 -5.92 18.78 -39.74
CA ALA D 97 -6.53 17.69 -40.49
C ALA D 97 -6.58 16.42 -39.64
N PHE D 98 -7.73 15.75 -39.64
CA PHE D 98 -7.90 14.55 -38.82
C PHE D 98 -6.80 13.52 -39.07
N ILE D 99 -6.45 13.29 -40.33
CA ILE D 99 -5.60 12.16 -40.70
C ILE D 99 -4.18 12.33 -40.19
N ASP D 100 -3.78 13.57 -39.91
CA ASP D 100 -2.41 13.95 -39.59
C ASP D 100 -2.24 14.48 -38.19
N MET D 101 -3.33 14.74 -37.47
CA MET D 101 -3.26 15.48 -36.22
C MET D 101 -2.45 14.71 -35.18
N PRO D 102 -1.40 15.30 -34.62
CA PRO D 102 -0.64 14.59 -33.56
C PRO D 102 -1.52 14.36 -32.34
N PHE D 103 -1.22 13.26 -31.63
CA PHE D 103 -2.01 12.95 -30.44
C PHE D 103 -1.85 14.04 -29.37
N THR D 104 -0.67 14.63 -29.24
CA THR D 104 -0.50 15.69 -28.24
C THR D 104 -1.44 16.85 -28.53
N GLN D 105 -1.67 17.16 -29.81
CA GLN D 105 -2.56 18.25 -30.19
C GLN D 105 -4.02 17.90 -29.90
N TRP D 106 -4.44 16.70 -30.32
CA TRP D 106 -5.74 16.19 -29.90
C TRP D 106 -5.97 16.39 -28.41
N ARG D 107 -4.96 16.04 -27.59
CA ARG D 107 -5.09 16.15 -26.15
C ARG D 107 -5.09 17.61 -25.70
N GLN D 108 -4.28 18.46 -26.34
CA GLN D 108 -4.27 19.87 -25.96
C GLN D 108 -5.65 20.48 -26.16
N ILE D 109 -6.29 20.15 -27.28
CA ILE D 109 -7.59 20.75 -27.57
C ILE D 109 -8.63 20.27 -26.57
N PHE D 110 -8.66 18.98 -26.26
CA PHE D 110 -9.61 18.52 -25.25
C PHE D 110 -9.31 19.14 -23.89
N THR D 111 -8.02 19.37 -23.59
CA THR D 111 -7.64 19.92 -22.29
C THR D 111 -8.33 21.27 -22.06
N VAL D 112 -8.25 22.17 -23.04
CA VAL D 112 -8.79 23.52 -22.84
C VAL D 112 -10.27 23.63 -23.19
N ASP D 113 -10.80 22.72 -24.01
CA ASP D 113 -12.16 22.90 -24.51
C ASP D 113 -13.21 22.04 -23.81
N VAL D 114 -12.80 21.07 -22.97
CA VAL D 114 -13.80 20.39 -22.16
C VAL D 114 -13.24 20.00 -20.78
N ASP D 115 -11.97 19.58 -20.72
CA ASP D 115 -11.38 19.22 -19.42
C ASP D 115 -11.40 20.40 -18.48
N GLY D 116 -11.04 21.59 -18.98
CA GLY D 116 -11.03 22.77 -18.14
C GLY D 116 -12.42 23.14 -17.63
N ALA D 117 -13.43 23.08 -18.52
CA ALA D 117 -14.80 23.40 -18.09
C ALA D 117 -15.27 22.41 -17.04
N PHE D 118 -14.92 21.13 -17.21
CA PHE D 118 -15.27 20.12 -16.22
C PHE D 118 -14.77 20.50 -14.83
N LEU D 119 -13.48 20.85 -14.74
CA LEU D 119 -12.89 21.13 -13.43
C LEU D 119 -13.45 22.42 -12.84
N CYS D 120 -13.64 23.44 -13.68
CA CYS D 120 -14.17 24.71 -13.20
C CYS D 120 -15.59 24.54 -12.67
N ALA D 121 -16.41 23.76 -13.38
CA ALA D 121 -17.78 23.52 -12.96
C ALA D 121 -17.84 22.73 -11.66
N GLN D 122 -16.97 21.74 -11.48
CA GLN D 122 -16.91 21.02 -10.21
C GLN D 122 -16.65 21.98 -9.05
N ILE D 123 -15.69 22.89 -9.20
CA ILE D 123 -15.36 23.82 -8.12
C ILE D 123 -16.55 24.74 -7.83
N ALA D 124 -17.12 25.34 -8.88
CA ALA D 124 -18.27 26.21 -8.68
C ALA D 124 -19.43 25.45 -8.04
N ALA D 125 -19.73 24.25 -8.55
CA ALA D 125 -20.90 23.53 -8.08
C ALA D 125 -20.78 23.17 -6.60
N ARG D 126 -19.57 22.84 -6.14
CA ARG D 126 -19.41 22.50 -4.72
C ARG D 126 -19.79 23.67 -3.84
N HIS D 127 -19.42 24.89 -4.24
CA HIS D 127 -19.82 26.06 -3.49
C HIS D 127 -21.33 26.28 -3.58
N MET D 128 -21.89 26.16 -4.78
CA MET D 128 -23.32 26.34 -4.96
C MET D 128 -24.12 25.39 -4.07
N ILE D 129 -23.70 24.12 -4.02
CA ILE D 129 -24.38 23.15 -3.15
C ILE D 129 -24.26 23.58 -1.69
N LYS D 130 -23.05 23.97 -1.28
CA LYS D 130 -22.82 24.34 0.11
C LYS D 130 -23.68 25.54 0.50
N GLN D 131 -23.74 26.55 -0.39
CA GLN D 131 -24.52 27.75 -0.11
C GLN D 131 -26.01 27.44 0.07
N GLY D 132 -26.50 26.39 -0.57
CA GLY D 132 -27.91 26.06 -0.45
C GLY D 132 -28.87 27.02 -1.11
N GLU D 133 -28.41 27.83 -2.07
CA GLU D 133 -29.26 28.78 -2.77
C GLU D 133 -29.32 28.52 -4.28
N GLY D 134 -28.97 27.31 -4.72
CA GLY D 134 -28.96 27.02 -6.12
C GLY D 134 -27.94 27.86 -6.87
N GLY D 135 -28.02 27.77 -8.19
CA GLY D 135 -27.06 28.46 -9.02
C GLY D 135 -27.35 28.20 -10.48
N ARG D 136 -26.48 28.75 -11.32
CA ARG D 136 -26.62 28.64 -12.77
C ARG D 136 -25.22 28.45 -13.35
N ILE D 137 -25.09 27.45 -14.22
CA ILE D 137 -23.82 27.16 -14.88
C ILE D 137 -24.10 27.16 -16.36
N ILE D 138 -23.37 27.98 -17.11
CA ILE D 138 -23.56 28.10 -18.54
C ILE D 138 -22.26 27.75 -19.23
N ASN D 139 -22.31 26.76 -20.09
CA ASN D 139 -21.18 26.33 -20.89
C ASN D 139 -21.33 26.91 -22.28
N ILE D 140 -20.44 27.82 -22.66
CA ILE D 140 -20.42 28.34 -24.02
C ILE D 140 -19.84 27.26 -24.92
N THR D 141 -20.65 26.73 -25.82
CA THR D 141 -20.09 25.73 -26.72
C THR D 141 -19.97 26.34 -28.11
N SER D 142 -20.85 25.95 -29.03
CA SER D 142 -20.69 26.26 -30.45
C SER D 142 -21.74 25.50 -31.24
N VAL D 143 -22.13 26.02 -32.42
CA VAL D 143 -22.93 25.20 -33.34
C VAL D 143 -22.27 23.84 -33.53
N HIS D 144 -20.94 23.79 -33.44
CA HIS D 144 -20.19 22.56 -33.66
C HIS D 144 -20.22 21.62 -32.47
N GLU D 145 -21.05 21.93 -31.47
CA GLU D 145 -21.54 20.90 -30.56
C GLU D 145 -22.49 19.96 -31.28
N HIS D 146 -23.00 20.37 -32.45
CA HIS D 146 -24.06 19.63 -33.12
C HIS D 146 -23.76 19.23 -34.57
N THR D 147 -22.78 19.87 -35.22
CA THR D 147 -22.54 19.64 -36.64
C THR D 147 -21.06 19.93 -36.87
N PRO D 148 -20.38 19.17 -37.71
CA PRO D 148 -18.92 19.23 -37.75
C PRO D 148 -18.38 20.52 -38.36
N LEU D 149 -17.19 20.93 -37.90
CA LEU D 149 -16.45 22.01 -38.51
C LEU D 149 -15.33 21.41 -39.35
N PRO D 150 -15.36 21.57 -40.68
CA PRO D 150 -14.34 20.92 -41.53
C PRO D 150 -12.94 21.32 -41.10
N GLN D 151 -12.05 20.33 -41.05
CA GLN D 151 -10.65 20.47 -40.65
C GLN D 151 -10.50 20.76 -39.16
N ALA D 152 -11.54 20.55 -38.35
CA ALA D 152 -11.47 20.78 -36.90
C ALA D 152 -12.14 19.63 -36.15
N SER D 153 -11.68 18.40 -36.41
CA SER D 153 -12.32 17.22 -35.81
C SER D 153 -12.19 17.22 -34.29
N ALA D 154 -11.03 17.60 -33.77
CA ALA D 154 -10.87 17.61 -32.31
C ALA D 154 -11.75 18.67 -31.66
N TYR D 155 -11.73 19.89 -32.21
CA TYR D 155 -12.60 20.95 -31.73
C TYR D 155 -14.06 20.52 -31.77
N THR D 156 -14.47 19.88 -32.88
CA THR D 156 -15.83 19.37 -32.98
C THR D 156 -16.10 18.33 -31.91
N ALA D 157 -15.19 17.37 -31.77
CA ALA D 157 -15.35 16.30 -30.80
C ALA D 157 -15.42 16.85 -29.39
N ALA D 158 -14.59 17.86 -29.08
CA ALA D 158 -14.59 18.42 -27.72
C ALA D 158 -15.83 19.26 -27.46
N LYS D 159 -16.34 19.97 -28.48
CA LYS D 159 -17.59 20.70 -28.31
C LYS D 159 -18.75 19.74 -28.04
N HIS D 160 -18.80 18.61 -28.75
CA HIS D 160 -19.79 17.58 -28.47
C HIS D 160 -19.65 17.07 -27.04
N ALA D 161 -18.40 16.77 -26.62
CA ALA D 161 -18.18 16.30 -25.26
C ALA D 161 -18.73 17.29 -24.23
N LEU D 162 -18.49 18.58 -24.45
CA LEU D 162 -19.00 19.60 -23.52
C LEU D 162 -20.54 19.67 -23.55
N GLY D 163 -21.14 19.34 -24.70
CA GLY D 163 -22.59 19.24 -24.74
C GLY D 163 -23.10 18.06 -23.93
N GLY D 164 -22.41 16.93 -24.00
CA GLY D 164 -22.80 15.81 -23.17
C GLY D 164 -22.61 16.09 -21.69
N LEU D 165 -21.48 16.69 -21.33
CA LEU D 165 -21.25 17.08 -19.94
C LEU D 165 -22.34 18.01 -19.44
N THR D 166 -22.74 18.98 -20.27
CA THR D 166 -23.84 19.88 -19.91
C THR D 166 -25.08 19.10 -19.49
N LYS D 167 -25.51 18.14 -20.32
CA LYS D 167 -26.70 17.36 -20.01
C LYS D 167 -26.51 16.56 -18.72
N SER D 168 -25.32 15.97 -18.55
CA SER D 168 -25.05 15.18 -17.36
C SER D 168 -25.07 16.06 -16.12
N MET D 169 -24.42 17.23 -16.20
CA MET D 169 -24.37 18.13 -15.05
C MET D 169 -25.76 18.60 -14.68
N ALA D 170 -26.57 18.97 -15.69
CA ALA D 170 -27.94 19.40 -15.41
C ALA D 170 -28.70 18.34 -14.66
N LEU D 171 -28.60 17.09 -15.13
CA LEU D 171 -29.35 16.00 -14.53
C LEU D 171 -28.91 15.72 -13.10
N GLU D 172 -27.61 15.81 -12.83
CA GLU D 172 -27.10 15.45 -11.52
C GLU D 172 -27.16 16.59 -10.51
N LEU D 173 -27.21 17.84 -10.97
CA LEU D 173 -27.18 18.99 -10.08
C LEU D 173 -28.56 19.61 -9.86
N ILE D 174 -29.59 19.11 -10.55
CA ILE D 174 -30.91 19.69 -10.43
C ILE D 174 -31.44 19.57 -9.01
N GLU D 175 -31.06 18.52 -8.28
CA GLU D 175 -31.52 18.37 -6.90
C GLU D 175 -31.03 19.49 -6.00
N HIS D 176 -29.98 20.20 -6.38
CA HIS D 176 -29.50 21.35 -5.62
C HIS D 176 -29.96 22.67 -6.21
N HIS D 177 -30.88 22.63 -7.17
CA HIS D 177 -31.42 23.82 -7.84
C HIS D 177 -30.33 24.55 -8.62
N ILE D 178 -29.42 23.79 -9.23
CA ILE D 178 -28.39 24.32 -10.09
C ILE D 178 -28.80 24.02 -11.53
N LEU D 179 -29.15 25.06 -12.27
CA LEU D 179 -29.56 24.89 -13.67
C LEU D 179 -28.33 25.01 -14.57
N VAL D 180 -28.20 24.05 -15.49
CA VAL D 180 -27.02 23.93 -16.36
C VAL D 180 -27.50 23.88 -17.80
N ASN D 181 -27.00 24.80 -18.62
CA ASN D 181 -27.31 24.84 -20.05
C ASN D 181 -26.06 25.24 -20.83
N ALA D 182 -26.10 24.94 -22.13
CA ALA D 182 -25.12 25.47 -23.06
C ALA D 182 -25.74 26.56 -23.91
N VAL D 183 -24.95 27.56 -24.25
CA VAL D 183 -25.29 28.50 -25.32
C VAL D 183 -24.33 28.21 -26.46
N ALA D 184 -24.87 27.95 -27.64
CA ALA D 184 -24.09 27.44 -28.76
C ALA D 184 -24.01 28.52 -29.83
N PRO D 185 -22.98 29.35 -29.83
CA PRO D 185 -22.93 30.46 -30.80
C PRO D 185 -22.55 29.99 -32.19
N GLY D 186 -23.05 30.72 -33.19
CA GLY D 186 -22.60 30.55 -34.55
C GLY D 186 -21.33 31.35 -34.81
N ALA D 187 -21.21 31.94 -35.99
CA ALA D 187 -20.07 32.82 -36.26
C ALA D 187 -20.24 34.13 -35.50
N ILE D 188 -19.19 34.52 -34.77
CA ILE D 188 -19.22 35.74 -33.97
C ILE D 188 -18.10 36.66 -34.47
N ALA D 189 -18.44 37.91 -34.73
CA ALA D 189 -17.44 38.90 -35.10
C ALA D 189 -16.75 39.41 -33.85
N THR D 190 -15.43 39.39 -33.85
CA THR D 190 -14.65 39.87 -32.70
C THR D 190 -13.75 41.03 -33.10
N ASP D 199 -21.16 48.62 -35.60
CA ASP D 199 -22.06 47.84 -36.47
C ASP D 199 -21.28 46.74 -37.18
N ILE D 200 -21.85 45.54 -37.19
CA ILE D 200 -21.32 44.48 -38.05
C ILE D 200 -21.76 44.75 -39.48
N GLU D 201 -20.84 44.59 -40.42
CA GLU D 201 -21.13 44.83 -41.83
C GLU D 201 -22.23 43.89 -42.31
N PRO D 202 -23.39 44.40 -42.72
CA PRO D 202 -24.43 43.53 -43.29
C PRO D 202 -23.92 42.77 -44.51
N GLY D 203 -24.30 41.49 -44.59
CA GLY D 203 -24.02 40.69 -45.78
C GLY D 203 -22.60 40.16 -45.90
N SER D 204 -21.74 40.41 -44.90
CA SER D 204 -20.35 40.00 -44.97
C SER D 204 -20.16 38.49 -44.83
N GLU D 205 -21.22 37.74 -44.55
CA GLU D 205 -21.15 36.29 -44.41
C GLU D 205 -22.35 35.67 -45.12
N PRO D 206 -22.35 35.68 -46.45
CA PRO D 206 -23.55 35.25 -47.19
C PRO D 206 -23.87 33.76 -47.06
N SER D 207 -22.95 32.93 -46.57
CA SER D 207 -23.26 31.51 -46.39
C SER D 207 -24.26 31.27 -45.26
N ILE D 208 -24.42 32.24 -44.35
CA ILE D 208 -25.33 32.12 -43.21
C ILE D 208 -26.66 32.81 -43.56
N PRO D 209 -27.81 32.19 -43.24
CA PRO D 209 -29.11 32.81 -43.62
C PRO D 209 -29.25 34.29 -43.23
N ILE D 210 -28.82 34.69 -42.03
CA ILE D 210 -28.90 36.11 -41.68
C ILE D 210 -27.82 36.93 -42.38
N ALA D 211 -26.86 36.27 -43.02
CA ALA D 211 -25.84 36.85 -43.90
C ALA D 211 -24.75 37.64 -43.16
N ARG D 212 -24.61 37.50 -41.86
CA ARG D 212 -23.57 38.19 -41.12
C ARG D 212 -23.18 37.35 -39.91
N PRO D 213 -22.01 37.60 -39.34
CA PRO D 213 -21.73 37.06 -38.00
C PRO D 213 -22.55 37.80 -36.97
N GLY D 214 -22.58 37.23 -35.78
CA GLY D 214 -23.30 37.86 -34.68
C GLY D 214 -22.38 38.73 -33.87
N SER D 215 -22.98 39.56 -33.03
CA SER D 215 -22.21 40.35 -32.08
C SER D 215 -22.00 39.57 -30.79
N THR D 216 -20.98 39.99 -30.03
CA THR D 216 -20.81 39.41 -28.70
C THR D 216 -22.03 39.66 -27.84
N HIS D 217 -22.64 40.84 -27.98
CA HIS D 217 -23.84 41.14 -27.21
C HIS D 217 -24.99 40.18 -27.53
N GLU D 218 -25.07 39.71 -28.78
CA GLU D 218 -26.17 38.81 -29.15
C GLU D 218 -26.04 37.45 -28.50
N ILE D 219 -24.84 37.11 -28.02
CA ILE D 219 -24.65 35.94 -27.20
C ILE D 219 -24.84 36.26 -25.73
N ALA D 220 -24.22 37.34 -25.26
CA ALA D 220 -24.29 37.70 -23.85
C ALA D 220 -25.74 37.90 -23.40
N SER D 221 -26.58 38.45 -24.28
CA SER D 221 -27.98 38.67 -23.93
C SER D 221 -28.65 37.37 -23.48
N LEU D 222 -28.40 36.26 -24.19
CA LEU D 222 -29.05 35.00 -23.80
C LEU D 222 -28.42 34.44 -22.54
N VAL D 223 -27.10 34.57 -22.43
CA VAL D 223 -26.43 34.15 -21.20
C VAL D 223 -27.03 34.86 -20.01
N ALA D 224 -27.30 36.17 -20.15
CA ALA D 224 -27.86 36.93 -19.05
C ALA D 224 -29.29 36.49 -18.74
N TRP D 225 -30.09 36.18 -19.77
CA TRP D 225 -31.43 35.67 -19.48
C TRP D 225 -31.35 34.34 -18.74
N LEU D 226 -30.41 33.47 -19.11
CA LEU D 226 -30.22 32.22 -18.39
C LEU D 226 -29.83 32.47 -16.93
N CYS D 227 -29.30 33.64 -16.63
CA CYS D 227 -28.94 33.95 -15.25
C CYS D 227 -30.09 34.59 -14.49
N SER D 228 -31.21 34.88 -15.16
CA SER D 228 -32.29 35.68 -14.61
C SER D 228 -33.33 34.80 -13.91
N GLU D 229 -34.17 35.47 -13.13
CA GLU D 229 -35.25 34.82 -12.40
C GLU D 229 -36.14 34.00 -13.31
N GLY D 230 -36.42 34.50 -14.52
CA GLY D 230 -37.39 33.89 -15.42
C GLY D 230 -36.94 32.59 -16.08
N ALA D 231 -35.64 32.28 -16.06
CA ALA D 231 -35.12 31.04 -16.63
C ALA D 231 -35.12 29.89 -15.62
N SER D 232 -35.94 29.95 -14.57
CA SER D 232 -35.85 28.96 -13.50
C SER D 232 -36.37 27.59 -13.90
N TYR D 233 -36.96 27.43 -15.09
CA TYR D 233 -37.43 26.12 -15.56
C TYR D 233 -36.58 25.56 -16.69
N THR D 234 -35.48 26.23 -17.04
CA THR D 234 -34.68 25.89 -18.21
C THR D 234 -33.40 25.20 -17.78
N THR D 235 -33.26 23.92 -18.12
CA THR D 235 -32.02 23.24 -17.77
C THR D 235 -31.83 22.06 -18.71
N GLY D 236 -30.56 21.71 -18.92
CA GLY D 236 -30.16 20.59 -19.75
C GLY D 236 -30.19 20.84 -21.25
N GLN D 237 -30.33 22.10 -21.67
CA GLN D 237 -30.55 22.41 -23.08
C GLN D 237 -29.33 23.10 -23.69
N SER D 238 -29.19 22.98 -25.02
CA SER D 238 -28.16 23.69 -25.75
C SER D 238 -28.90 24.71 -26.60
N LEU D 239 -28.86 25.96 -26.18
CA LEU D 239 -29.57 27.05 -26.86
C LEU D 239 -28.66 27.66 -27.92
N ILE D 240 -29.08 27.55 -29.19
CA ILE D 240 -28.23 27.86 -30.33
C ILE D 240 -28.53 29.27 -30.82
N VAL D 241 -27.48 30.09 -30.92
CA VAL D 241 -27.62 31.48 -31.34
C VAL D 241 -26.69 31.66 -32.54
N ASP D 242 -27.26 31.52 -33.75
CA ASP D 242 -26.41 31.28 -34.91
C ASP D 242 -26.90 31.95 -36.19
N GLY D 243 -27.92 32.79 -36.14
CA GLY D 243 -28.37 33.47 -37.35
C GLY D 243 -28.90 32.53 -38.41
N GLY D 244 -29.38 31.36 -38.01
CA GLY D 244 -29.88 30.38 -38.96
C GLY D 244 -28.86 29.40 -39.48
N PHE D 245 -27.63 29.44 -38.95
CA PHE D 245 -26.55 28.55 -39.40
C PHE D 245 -27.01 27.10 -39.51
N MET D 246 -27.73 26.61 -38.49
CA MET D 246 -28.15 25.21 -38.49
C MET D 246 -29.19 24.90 -39.58
N LEU D 247 -29.91 25.89 -40.07
CA LEU D 247 -30.94 25.63 -41.08
C LEU D 247 -30.34 25.40 -42.47
N ALA D 248 -29.12 25.88 -42.70
CA ALA D 248 -28.56 25.87 -44.04
C ALA D 248 -27.97 24.50 -44.35
N ASN D 249 -28.41 23.91 -45.45
CA ASN D 249 -27.96 22.60 -45.88
C ASN D 249 -27.58 22.73 -47.36
N PRO D 250 -27.18 21.65 -48.05
CA PRO D 250 -26.77 21.79 -49.46
C PRO D 250 -27.77 22.48 -50.36
N GLN D 251 -29.04 22.55 -49.95
CA GLN D 251 -30.06 23.18 -50.78
C GLN D 251 -30.18 24.68 -50.55
N PHE D 252 -29.61 25.19 -49.46
CA PHE D 252 -29.66 26.62 -49.15
C PHE D 252 -28.97 27.47 -50.23
N THR E 4 13.52 8.24 34.13
CA THR E 4 14.88 8.31 33.59
C THR E 4 15.45 6.94 33.20
N LYS E 5 15.68 6.72 31.92
CA LYS E 5 16.10 5.43 31.41
C LYS E 5 17.63 5.30 31.47
N VAL E 6 18.09 4.04 31.42
CA VAL E 6 19.51 3.71 31.56
C VAL E 6 19.97 2.97 30.32
N ALA E 7 21.09 3.42 29.76
CA ALA E 7 21.73 2.79 28.62
C ALA E 7 23.12 2.34 29.03
N ILE E 8 23.45 1.08 28.75
CA ILE E 8 24.78 0.56 29.01
C ILE E 8 25.46 0.31 27.68
N VAL E 9 26.69 0.81 27.54
CA VAL E 9 27.48 0.60 26.34
C VAL E 9 28.79 -0.05 26.73
N THR E 10 29.01 -1.27 26.27
CA THR E 10 30.28 -1.94 26.52
C THR E 10 31.40 -1.27 25.74
N ALA E 11 32.60 -1.28 26.33
CA ALA E 11 33.81 -0.78 25.66
C ALA E 11 33.59 0.62 25.10
N SER E 12 33.08 1.50 25.96
CA SER E 12 32.79 2.88 25.57
C SER E 12 33.86 3.84 26.06
N ASP E 13 35.06 3.34 26.32
CA ASP E 13 36.21 4.19 26.61
C ASP E 13 36.75 4.89 25.37
N SER E 14 36.33 4.47 24.18
CA SER E 14 36.90 4.99 22.94
C SER E 14 36.02 4.59 21.76
N GLY E 15 36.32 5.17 20.60
CA GLY E 15 35.75 4.70 19.36
C GLY E 15 34.25 4.82 19.30
N ILE E 16 33.63 3.83 18.66
CA ILE E 16 32.18 3.80 18.48
C ILE E 16 31.46 3.79 19.82
N GLY E 17 31.95 2.95 20.75
CA GLY E 17 31.32 2.87 22.06
C GLY E 17 31.22 4.23 22.72
N LYS E 18 32.34 4.96 22.77
CA LYS E 18 32.33 6.28 23.38
C LYS E 18 31.33 7.21 22.69
N ALA E 19 31.26 7.18 21.37
CA ALA E 19 30.34 8.09 20.68
C ALA E 19 28.90 7.74 20.99
N CYS E 20 28.61 6.44 21.08
CA CYS E 20 27.27 6.00 21.46
C CYS E 20 26.92 6.47 22.87
N ALA E 21 27.82 6.24 23.83
CA ALA E 21 27.53 6.61 25.21
C ALA E 21 27.30 8.10 25.34
N LEU E 22 28.12 8.91 24.64
CA LEU E 22 27.97 10.35 24.72
C LEU E 22 26.66 10.82 24.10
N LEU E 23 26.29 10.24 22.95
CA LEU E 23 25.06 10.68 22.29
C LEU E 23 23.84 10.25 23.07
N LEU E 24 23.87 9.05 23.67
CA LEU E 24 22.72 8.61 24.46
C LEU E 24 22.59 9.45 25.73
N ALA E 25 23.70 9.86 26.32
CA ALA E 25 23.64 10.81 27.43
C ALA E 25 23.02 12.12 26.97
N GLN E 26 23.42 12.60 25.80
CA GLN E 26 22.82 13.81 25.24
C GLN E 26 21.32 13.64 25.09
N ASN E 27 20.85 12.42 24.87
CA ASN E 27 19.44 12.13 24.64
C ASN E 27 18.69 11.79 25.93
N GLY E 28 19.33 11.89 27.08
CA GLY E 28 18.65 11.80 28.36
C GLY E 28 18.82 10.48 29.10
N PHE E 29 19.59 9.54 28.57
CA PHE E 29 19.81 8.26 29.22
C PHE E 29 20.88 8.40 30.29
N ASP E 30 20.62 7.85 31.48
CA ASP E 30 21.73 7.52 32.38
C ASP E 30 22.62 6.48 31.73
N ILE E 31 23.92 6.56 32.02
CA ILE E 31 24.92 5.86 31.20
C ILE E 31 25.74 4.91 32.05
N GLY E 32 25.89 3.68 31.58
CA GLY E 32 26.86 2.74 32.10
C GLY E 32 27.95 2.50 31.06
N ILE E 33 29.20 2.59 31.50
CA ILE E 33 30.38 2.51 30.64
C ILE E 33 31.25 1.36 31.11
N THR E 34 31.58 0.43 30.22
CA THR E 34 32.50 -0.62 30.58
C THR E 34 33.85 -0.42 29.88
N TRP E 35 34.90 -0.91 30.53
CA TRP E 35 36.26 -0.77 30.03
C TRP E 35 37.03 -2.06 30.28
N HIS E 36 37.83 -2.44 29.29
CA HIS E 36 38.69 -3.60 29.39
C HIS E 36 40.03 -3.26 30.04
N SER E 37 40.79 -2.37 29.41
CA SER E 37 42.13 -2.03 29.87
C SER E 37 42.28 -0.58 30.28
N ASP E 38 41.55 0.33 29.65
CA ASP E 38 41.79 1.76 29.75
C ASP E 38 40.71 2.39 30.64
N GLU E 39 40.94 2.32 31.94
CA GLU E 39 40.02 2.95 32.88
C GLU E 39 40.01 4.47 32.72
N ARG E 40 41.16 5.07 32.40
CA ARG E 40 41.21 6.53 32.27
C ARG E 40 40.34 7.00 31.10
N GLY E 41 40.32 6.25 30.01
CA GLY E 41 39.45 6.58 28.91
C GLY E 41 37.99 6.44 29.28
N ALA E 42 37.65 5.40 30.05
CA ALA E 42 36.30 5.25 30.53
C ALA E 42 35.89 6.40 31.44
N GLN E 43 36.82 6.85 32.31
CA GLN E 43 36.56 8.00 33.19
C GLN E 43 36.30 9.26 32.38
N GLU E 44 37.07 9.47 31.31
CA GLU E 44 36.86 10.65 30.47
C GLU E 44 35.49 10.60 29.80
N THR E 45 35.11 9.44 29.27
CA THR E 45 33.78 9.32 28.68
C THR E 45 32.70 9.58 29.73
N ALA E 46 32.84 8.98 30.92
CA ALA E 46 31.88 9.20 31.99
C ALA E 46 31.74 10.69 32.30
N LYS E 47 32.88 11.38 32.45
CA LYS E 47 32.86 12.81 32.77
C LYS E 47 32.06 13.59 31.74
N LYS E 48 32.39 13.42 30.46
CA LYS E 48 31.67 14.16 29.41
C LYS E 48 30.22 13.74 29.33
N ALA E 49 29.93 12.45 29.53
CA ALA E 49 28.54 12.01 29.58
C ALA E 49 27.78 12.68 30.71
N ALA E 50 28.38 12.74 31.89
CA ALA E 50 27.71 13.36 33.03
C ALA E 50 27.50 14.86 32.82
N GLN E 51 28.34 15.48 31.99
CA GLN E 51 28.19 16.91 31.71
C GLN E 51 26.87 17.22 31.02
N PHE E 52 26.23 16.23 30.42
CA PHE E 52 24.90 16.40 29.82
C PHE E 52 23.79 16.35 30.86
N GLY E 53 24.11 16.41 32.15
CA GLY E 53 23.08 16.38 33.18
C GLY E 53 22.53 15.01 33.45
N VAL E 54 23.41 14.00 33.46
CA VAL E 54 23.01 12.60 33.43
C VAL E 54 23.96 11.84 34.35
N ARG E 55 23.46 10.78 34.98
CA ARG E 55 24.30 9.88 35.74
C ARG E 55 25.17 9.04 34.81
N ALA E 56 26.45 8.86 35.17
CA ALA E 56 27.37 8.09 34.34
C ALA E 56 28.27 7.23 35.23
N GLU E 57 28.12 5.91 35.13
CA GLU E 57 28.86 4.96 35.95
C GLU E 57 29.74 4.07 35.06
N THR E 58 30.95 3.79 35.54
CA THR E 58 31.92 2.98 34.83
C THR E 58 32.19 1.69 35.60
N ILE E 59 32.48 0.61 34.87
CA ILE E 59 32.88 -0.64 35.50
C ILE E 59 33.87 -1.37 34.59
N HIS E 60 34.77 -2.14 35.22
CA HIS E 60 35.70 -2.98 34.47
C HIS E 60 34.97 -4.19 33.91
N LEU E 61 35.12 -4.42 32.61
CA LEU E 61 34.50 -5.56 31.97
C LEU E 61 35.55 -6.22 31.09
N ASP E 62 35.91 -7.46 31.40
CA ASP E 62 36.84 -8.23 30.59
C ASP E 62 36.14 -9.54 30.24
N LEU E 63 35.64 -9.62 29.01
CA LEU E 63 34.88 -10.76 28.52
C LEU E 63 35.75 -11.94 28.10
N SER E 64 37.03 -11.94 28.43
CA SER E 64 37.88 -13.05 28.03
C SER E 64 37.80 -14.24 28.98
N GLN E 65 37.40 -14.03 30.23
CA GLN E 65 37.21 -15.11 31.20
C GLN E 65 35.72 -15.20 31.50
N LEU E 66 35.06 -16.21 30.93
CA LEU E 66 33.61 -16.35 30.96
C LEU E 66 33.21 -17.65 31.65
N PRO E 67 32.03 -17.67 32.29
CA PRO E 67 31.03 -16.60 32.33
C PRO E 67 31.29 -15.50 33.35
N GLU E 68 32.21 -15.74 34.29
CA GLU E 68 32.36 -14.83 35.43
C GLU E 68 32.60 -13.39 34.98
N GLY E 69 33.42 -13.19 33.94
CA GLY E 69 33.72 -11.84 33.51
C GLY E 69 32.50 -11.01 33.17
N ALA E 70 31.42 -11.67 32.72
CA ALA E 70 30.22 -10.96 32.34
C ALA E 70 29.39 -10.47 33.52
N GLN E 71 29.72 -10.89 34.75
CA GLN E 71 28.94 -10.46 35.91
C GLN E 71 29.04 -8.96 36.15
N ALA E 72 30.09 -8.31 35.63
CA ALA E 72 30.21 -6.87 35.81
C ALA E 72 29.01 -6.13 35.24
N ILE E 73 28.38 -6.68 34.20
CA ILE E 73 27.14 -6.09 33.69
C ILE E 73 26.06 -6.12 34.77
N GLU E 74 25.97 -7.23 35.51
CA GLU E 74 25.00 -7.32 36.60
C GLU E 74 25.29 -6.30 37.69
N HIS E 75 26.56 -6.16 38.08
CA HIS E 75 26.91 -5.15 39.08
C HIS E 75 26.62 -3.74 38.56
N LEU E 76 26.90 -3.49 37.28
CA LEU E 76 26.65 -2.16 36.73
C LEU E 76 25.17 -1.85 36.70
N ILE E 77 24.34 -2.83 36.33
CA ILE E 77 22.90 -2.62 36.33
C ILE E 77 22.40 -2.33 37.75
N GLN E 78 22.94 -3.05 38.75
CA GLN E 78 22.54 -2.83 40.13
C GLN E 78 22.93 -1.44 40.62
N ARG E 79 24.08 -0.92 40.17
CA ARG E 79 24.46 0.44 40.55
C ARG E 79 23.53 1.48 39.93
N LEU E 80 23.09 1.26 38.68
CA LEU E 80 22.25 2.22 37.99
C LEU E 80 20.76 2.02 38.27
N GLY E 81 20.37 0.91 38.89
CA GLY E 81 19.01 0.68 39.31
C GLY E 81 18.11 0.02 38.27
N ARG E 82 18.52 -0.03 37.00
CA ARG E 82 17.73 -0.59 35.92
C ARG E 82 18.58 -0.53 34.66
N VAL E 83 18.04 -1.10 33.57
CA VAL E 83 18.66 -0.99 32.26
C VAL E 83 17.57 -1.02 31.20
N ASP E 84 17.56 -0.04 30.31
CA ASP E 84 16.59 0.02 29.22
C ASP E 84 17.24 -0.20 27.86
N VAL E 85 18.53 0.06 27.74
CA VAL E 85 19.28 -0.08 26.50
C VAL E 85 20.56 -0.83 26.82
N LEU E 86 20.94 -1.76 25.95
CA LEU E 86 22.27 -2.35 25.98
C LEU E 86 22.84 -2.24 24.58
N VAL E 87 24.01 -1.61 24.45
CA VAL E 87 24.76 -1.61 23.20
C VAL E 87 25.93 -2.56 23.39
N ASN E 88 25.87 -3.73 22.75
CA ASN E 88 27.00 -4.66 22.72
C ASN E 88 27.98 -4.16 21.67
N ASN E 89 28.98 -3.41 22.11
CA ASN E 89 29.92 -2.78 21.19
C ASN E 89 31.10 -3.71 20.92
N ALA E 90 31.53 -3.75 19.67
CA ALA E 90 32.51 -4.73 19.24
C ALA E 90 33.93 -4.31 19.63
N GLY E 91 34.74 -5.27 20.06
CA GLY E 91 36.15 -5.05 20.32
C GLY E 91 36.97 -5.04 19.04
N ALA E 92 38.29 -4.99 19.22
CA ALA E 92 39.21 -4.87 18.11
C ALA E 92 39.16 -6.09 17.19
N MET E 93 39.44 -5.84 15.90
CA MET E 93 39.51 -6.90 14.90
C MET E 93 40.89 -7.54 14.91
N THR E 94 40.94 -8.87 14.73
CA THR E 94 42.18 -9.61 14.72
C THR E 94 42.32 -10.40 13.43
N LYS E 95 43.51 -10.36 12.83
CA LYS E 95 43.83 -11.11 11.62
C LYS E 95 44.68 -12.34 11.96
N SER E 96 44.37 -13.46 11.32
CA SER E 96 45.15 -14.67 11.50
C SER E 96 44.79 -15.65 10.38
N ALA E 97 45.80 -16.14 9.66
CA ALA E 97 45.55 -17.02 8.52
C ALA E 97 44.77 -18.27 8.95
N PHE E 98 43.79 -18.65 8.13
CA PHE E 98 42.91 -19.76 8.47
C PHE E 98 43.70 -21.06 8.61
N ILE E 99 44.72 -21.24 7.77
CA ILE E 99 45.28 -22.57 7.59
C ILE E 99 46.07 -23.01 8.81
N ASP E 100 46.67 -22.08 9.55
CA ASP E 100 47.48 -22.44 10.72
C ASP E 100 47.04 -21.71 11.97
N MET E 101 45.81 -21.22 12.02
CA MET E 101 45.33 -20.54 13.21
C MET E 101 45.21 -21.53 14.37
N PRO E 102 45.80 -21.24 15.53
CA PRO E 102 45.66 -22.15 16.67
C PRO E 102 44.24 -22.14 17.20
N PHE E 103 43.77 -23.31 17.65
CA PHE E 103 42.41 -23.40 18.15
C PHE E 103 42.17 -22.44 19.32
N THR E 104 43.18 -22.26 20.19
CA THR E 104 43.00 -21.33 21.31
C THR E 104 42.70 -19.92 20.80
N GLN E 105 43.33 -19.52 19.69
CA GLN E 105 43.06 -18.19 19.14
C GLN E 105 41.66 -18.13 18.55
N TRP E 106 41.25 -19.17 17.82
CA TRP E 106 39.87 -19.27 17.35
C TRP E 106 38.89 -19.10 18.50
N ARG E 107 39.09 -19.84 19.60
CA ARG E 107 38.18 -19.73 20.74
C ARG E 107 38.25 -18.36 21.39
N GLN E 108 39.46 -17.80 21.53
CA GLN E 108 39.59 -16.46 22.12
C GLN E 108 38.77 -15.44 21.36
N ILE E 109 38.77 -15.52 20.03
CA ILE E 109 38.05 -14.53 19.24
C ILE E 109 36.54 -14.70 19.39
N PHE E 110 36.06 -15.95 19.37
CA PHE E 110 34.63 -16.19 19.63
C PHE E 110 34.24 -15.78 21.05
N THR E 111 35.13 -15.99 22.02
CA THR E 111 34.83 -15.67 23.41
C THR E 111 34.51 -14.19 23.57
N VAL E 112 35.34 -13.32 22.98
CA VAL E 112 35.12 -11.89 23.17
C VAL E 112 34.14 -11.32 22.14
N ASP E 113 34.01 -11.93 20.96
CA ASP E 113 33.20 -11.31 19.91
C ASP E 113 31.76 -11.84 19.83
N VAL E 114 31.45 -13.01 20.39
CA VAL E 114 30.05 -13.39 20.40
C VAL E 114 29.63 -14.02 21.72
N ASP E 115 30.47 -14.86 22.32
CA ASP E 115 30.11 -15.44 23.62
C ASP E 115 29.83 -14.33 24.64
N GLY E 116 30.74 -13.37 24.74
CA GLY E 116 30.54 -12.27 25.68
C GLY E 116 29.27 -11.50 25.44
N ALA E 117 28.98 -11.19 24.17
CA ALA E 117 27.76 -10.45 23.85
C ALA E 117 26.53 -11.25 24.28
N PHE E 118 26.53 -12.56 24.01
CA PHE E 118 25.44 -13.42 24.42
C PHE E 118 25.19 -13.31 25.93
N LEU E 119 26.23 -13.45 26.75
CA LEU E 119 26.06 -13.42 28.20
C LEU E 119 25.57 -12.06 28.70
N CYS E 120 26.16 -10.98 28.16
CA CYS E 120 25.72 -9.63 28.52
C CYS E 120 24.26 -9.39 28.15
N ALA E 121 23.86 -9.86 26.97
CA ALA E 121 22.47 -9.67 26.53
C ALA E 121 21.51 -10.43 27.44
N GLN E 122 21.86 -11.66 27.84
CA GLN E 122 21.04 -12.41 28.77
C GLN E 122 20.78 -11.62 30.05
N ILE E 123 21.86 -11.07 30.62
CA ILE E 123 21.74 -10.33 31.87
C ILE E 123 20.87 -9.10 31.70
N ALA E 124 21.13 -8.31 30.65
CA ALA E 124 20.31 -7.13 30.39
C ALA E 124 18.85 -7.50 30.11
N ALA E 125 18.63 -8.53 29.26
CA ALA E 125 17.27 -8.90 28.90
C ALA E 125 16.49 -9.41 30.10
N ARG E 126 17.17 -10.05 31.06
CA ARG E 126 16.48 -10.52 32.26
C ARG E 126 15.91 -9.34 33.05
N HIS E 127 16.73 -8.30 33.24
CA HIS E 127 16.24 -7.11 33.94
C HIS E 127 15.14 -6.42 33.15
N MET E 128 15.31 -6.32 31.83
CA MET E 128 14.27 -5.69 31.01
C MET E 128 12.94 -6.40 31.16
N ILE E 129 12.96 -7.74 31.20
CA ILE E 129 11.73 -8.50 31.35
C ILE E 129 11.08 -8.20 32.69
N LYS E 130 11.88 -8.26 33.77
CA LYS E 130 11.33 -8.03 35.11
C LYS E 130 10.77 -6.62 35.27
N GLN E 131 11.47 -5.60 34.74
CA GLN E 131 10.96 -4.23 34.79
C GLN E 131 9.61 -4.10 34.09
N GLY E 132 9.41 -4.84 33.00
CA GLY E 132 8.14 -4.83 32.31
C GLY E 132 7.89 -3.61 31.46
N GLU E 133 8.93 -2.88 31.07
CA GLU E 133 8.77 -1.67 30.27
C GLU E 133 9.50 -1.75 28.94
N GLY E 134 9.75 -2.96 28.46
CA GLY E 134 10.43 -3.14 27.20
C GLY E 134 11.89 -2.73 27.31
N GLY E 135 12.55 -2.77 26.16
CA GLY E 135 13.96 -2.44 26.12
C GLY E 135 14.45 -2.43 24.70
N ARG E 136 15.71 -2.06 24.55
CA ARG E 136 16.39 -2.02 23.26
C ARG E 136 17.76 -2.66 23.42
N ILE E 137 18.10 -3.58 22.52
CA ILE E 137 19.42 -4.19 22.49
C ILE E 137 20.00 -4.00 21.09
N ILE E 138 21.15 -3.35 21.00
CA ILE E 138 21.85 -3.10 19.75
C ILE E 138 23.18 -3.84 19.78
N ASN E 139 23.37 -4.77 18.85
CA ASN E 139 24.65 -5.46 18.68
C ASN E 139 25.44 -4.75 17.58
N ILE E 140 26.58 -4.16 17.93
CA ILE E 140 27.45 -3.58 16.91
C ILE E 140 28.20 -4.73 16.25
N THR E 141 27.91 -4.98 14.98
CA THR E 141 28.65 -6.01 14.27
C THR E 141 29.65 -5.37 13.31
N SER E 142 29.44 -5.56 12.01
CA SER E 142 30.40 -5.15 11.00
C SER E 142 29.80 -5.53 9.66
N VAL E 143 30.30 -4.92 8.57
CA VAL E 143 29.99 -5.45 7.24
C VAL E 143 30.36 -6.93 7.17
N HIS E 144 31.33 -7.35 7.97
CA HIS E 144 31.80 -8.71 7.94
C HIS E 144 30.88 -9.67 8.70
N GLU E 145 29.76 -9.16 9.21
CA GLU E 145 28.60 -10.00 9.46
C GLU E 145 28.03 -10.55 8.17
N HIS E 146 28.32 -9.91 7.03
CA HIS E 146 27.72 -10.28 5.76
C HIS E 146 28.70 -10.72 4.69
N THR E 147 29.97 -10.32 4.77
CA THR E 147 30.90 -10.52 3.67
C THR E 147 32.27 -10.71 4.31
N PRO E 148 33.13 -11.57 3.77
CA PRO E 148 34.35 -11.94 4.51
C PRO E 148 35.39 -10.83 4.50
N LEU E 149 36.12 -10.73 5.61
CA LEU E 149 37.34 -9.91 5.65
C LEU E 149 38.54 -10.80 5.36
N PRO E 150 39.32 -10.52 4.32
CA PRO E 150 40.48 -11.37 4.01
C PRO E 150 41.45 -11.51 5.19
N GLN E 151 41.90 -12.74 5.41
CA GLN E 151 42.83 -13.09 6.49
C GLN E 151 42.22 -12.92 7.89
N ALA E 152 40.89 -12.83 8.00
CA ALA E 152 40.21 -12.66 9.27
C ALA E 152 39.02 -13.63 9.38
N SER E 153 39.30 -14.93 9.26
CA SER E 153 38.20 -15.89 9.18
C SER E 153 37.48 -16.03 10.52
N ALA E 154 38.22 -16.08 11.63
CA ALA E 154 37.54 -16.16 12.93
C ALA E 154 36.70 -14.91 13.18
N TYR E 155 37.25 -13.74 12.86
CA TYR E 155 36.52 -12.49 13.03
C TYR E 155 35.25 -12.48 12.19
N THR E 156 35.37 -12.88 10.92
CA THR E 156 34.20 -12.99 10.07
C THR E 156 33.17 -13.95 10.65
N ALA E 157 33.63 -15.14 11.06
CA ALA E 157 32.68 -16.15 11.53
C ALA E 157 31.96 -15.67 12.77
N ALA E 158 32.66 -14.98 13.66
CA ALA E 158 32.03 -14.54 14.90
C ALA E 158 31.07 -13.38 14.66
N LYS E 159 31.41 -12.48 13.72
CA LYS E 159 30.46 -11.44 13.35
C LYS E 159 29.19 -12.04 12.76
N HIS E 160 29.35 -13.04 11.88
CA HIS E 160 28.18 -13.76 11.35
C HIS E 160 27.38 -14.37 12.49
N ALA E 161 28.05 -15.03 13.44
CA ALA E 161 27.34 -15.61 14.58
C ALA E 161 26.56 -14.56 15.35
N LEU E 162 27.17 -13.41 15.62
CA LEU E 162 26.44 -12.36 16.33
C LEU E 162 25.25 -11.86 15.52
N GLY E 163 25.38 -11.84 14.18
CA GLY E 163 24.23 -11.51 13.35
C GLY E 163 23.08 -12.49 13.53
N GLY E 164 23.39 -13.79 13.58
CA GLY E 164 22.35 -14.78 13.80
C GLY E 164 21.76 -14.70 15.21
N LEU E 165 22.61 -14.44 16.20
CA LEU E 165 22.10 -14.24 17.57
C LEU E 165 21.15 -13.07 17.62
N THR E 166 21.48 -11.98 16.93
CA THR E 166 20.58 -10.82 16.87
C THR E 166 19.18 -11.24 16.41
N LYS E 167 19.12 -12.03 15.34
CA LYS E 167 17.84 -12.50 14.83
C LYS E 167 17.08 -13.33 15.85
N SER E 168 17.78 -14.28 16.51
CA SER E 168 17.12 -15.15 17.47
C SER E 168 16.64 -14.37 18.70
N MET E 169 17.46 -13.43 19.19
CA MET E 169 17.05 -12.59 20.32
C MET E 169 15.83 -11.75 19.96
N ALA E 170 15.80 -11.19 18.75
CA ALA E 170 14.67 -10.38 18.36
C ALA E 170 13.38 -11.21 18.34
N LEU E 171 13.46 -12.43 17.83
CA LEU E 171 12.28 -13.29 17.75
C LEU E 171 11.78 -13.71 19.13
N GLU E 172 12.71 -14.10 20.03
CA GLU E 172 12.31 -14.63 21.34
C GLU E 172 11.95 -13.54 22.34
N LEU E 173 12.49 -12.32 22.17
CA LEU E 173 12.25 -11.26 23.15
C LEU E 173 11.17 -10.28 22.73
N ILE E 174 10.64 -10.41 21.52
CA ILE E 174 9.63 -9.46 21.05
C ILE E 174 8.42 -9.46 21.98
N GLU E 175 8.03 -10.63 22.50
CA GLU E 175 6.89 -10.70 23.40
C GLU E 175 7.10 -9.90 24.68
N HIS E 176 8.34 -9.50 24.99
CA HIS E 176 8.61 -8.63 26.12
C HIS E 176 8.87 -7.18 25.71
N HIS E 177 8.57 -6.82 24.46
CA HIS E 177 8.78 -5.45 23.95
C HIS E 177 10.26 -5.06 24.01
N ILE E 178 11.14 -6.03 23.83
CA ILE E 178 12.56 -5.79 23.68
C ILE E 178 12.89 -5.96 22.21
N LEU E 179 13.31 -4.87 21.57
CA LEU E 179 13.67 -4.87 20.15
C LEU E 179 15.18 -5.05 20.02
N VAL E 180 15.61 -5.94 19.12
CA VAL E 180 17.00 -6.31 19.00
C VAL E 180 17.43 -6.12 17.55
N ASN E 181 18.50 -5.36 17.34
CA ASN E 181 19.01 -5.06 16.00
C ASN E 181 20.52 -5.05 16.03
N ALA E 182 21.12 -5.23 14.86
CA ALA E 182 22.56 -5.05 14.71
C ALA E 182 22.83 -3.81 13.87
N VAL E 183 23.88 -3.06 14.22
CA VAL E 183 24.38 -2.00 13.35
C VAL E 183 25.73 -2.46 12.84
N ALA E 184 25.87 -2.50 11.51
CA ALA E 184 27.03 -3.12 10.85
C ALA E 184 27.88 -2.02 10.21
N PRO E 185 28.89 -1.53 10.91
CA PRO E 185 29.71 -0.44 10.34
C PRO E 185 30.68 -0.96 9.29
N GLY E 186 30.93 -0.12 8.29
CA GLY E 186 32.01 -0.33 7.35
C GLY E 186 33.31 0.14 7.95
N ALA E 187 34.16 0.80 7.15
CA ALA E 187 35.42 1.36 7.64
C ALA E 187 35.16 2.64 8.42
N ILE E 188 35.48 2.63 9.71
CA ILE E 188 35.30 3.79 10.59
C ILE E 188 36.66 4.30 11.02
N ALA E 189 36.91 5.59 10.78
CA ALA E 189 38.15 6.22 11.21
C ALA E 189 38.13 6.44 12.72
N THR E 190 39.17 5.96 13.40
CA THR E 190 39.26 6.18 14.84
C THR E 190 40.68 6.57 15.24
N GLU E 201 41.01 14.39 3.94
CA GLU E 201 39.93 13.58 4.50
C GLU E 201 38.91 13.15 3.43
N PRO E 202 38.43 14.07 2.58
CA PRO E 202 37.61 13.63 1.44
C PRO E 202 38.50 12.97 0.38
N GLY E 203 38.26 11.70 0.13
CA GLY E 203 39.05 10.94 -0.81
C GLY E 203 40.08 10.01 -0.19
N SER E 204 40.01 9.76 1.11
CA SER E 204 41.08 9.04 1.80
C SER E 204 41.05 7.54 1.53
N GLU E 205 39.92 6.97 1.12
CA GLU E 205 39.81 5.55 0.83
C GLU E 205 39.04 5.35 -0.47
N PRO E 206 39.71 5.54 -1.61
CA PRO E 206 39.00 5.40 -2.90
C PRO E 206 38.46 4.01 -3.17
N SER E 207 38.90 2.97 -2.43
CA SER E 207 38.30 1.65 -2.58
C SER E 207 36.81 1.65 -2.20
N ILE E 208 36.37 2.58 -1.38
CA ILE E 208 34.98 2.69 -0.91
C ILE E 208 34.24 3.69 -1.80
N PRO E 209 32.98 3.41 -2.19
CA PRO E 209 32.26 4.35 -3.08
C PRO E 209 32.21 5.79 -2.57
N ILE E 210 31.91 6.00 -1.29
CA ILE E 210 31.96 7.34 -0.74
C ILE E 210 33.39 7.87 -0.61
N ALA E 211 34.39 7.00 -0.75
CA ALA E 211 35.80 7.36 -0.87
C ALA E 211 36.40 7.89 0.43
N ARG E 212 35.78 7.61 1.56
CA ARG E 212 36.36 8.00 2.84
C ARG E 212 35.89 6.99 3.88
N PRO E 213 36.60 6.89 5.01
CA PRO E 213 36.05 6.16 6.16
C PRO E 213 34.92 6.95 6.78
N GLY E 214 34.16 6.29 7.67
CA GLY E 214 33.09 6.94 8.38
C GLY E 214 33.54 7.48 9.73
N SER E 215 32.73 8.38 10.30
CA SER E 215 32.99 8.88 11.63
C SER E 215 32.30 8.01 12.67
N THR E 216 32.77 8.09 13.92
CA THR E 216 32.06 7.42 14.99
C THR E 216 30.65 7.98 15.14
N HIS E 217 30.48 9.27 14.82
CA HIS E 217 29.15 9.87 14.90
C HIS E 217 28.19 9.23 13.89
N GLU E 218 28.67 8.95 12.68
CA GLU E 218 27.81 8.34 11.68
C GLU E 218 27.31 6.97 12.09
N ILE E 219 27.95 6.31 13.07
CA ILE E 219 27.41 5.08 13.65
C ILE E 219 26.52 5.38 14.85
N ALA E 220 27.04 6.17 15.81
CA ALA E 220 26.28 6.50 17.01
C ALA E 220 24.93 7.12 16.69
N SER E 221 24.85 7.90 15.61
CA SER E 221 23.59 8.56 15.29
C SER E 221 22.50 7.53 15.00
N LEU E 222 22.84 6.44 14.29
CA LEU E 222 21.88 5.38 14.05
C LEU E 222 21.57 4.61 15.32
N VAL E 223 22.58 4.36 16.16
CA VAL E 223 22.34 3.68 17.42
C VAL E 223 21.34 4.47 18.25
N ALA E 224 21.51 5.80 18.30
CA ALA E 224 20.60 6.65 19.06
C ALA E 224 19.19 6.55 18.51
N TRP E 225 19.03 6.54 17.19
CA TRP E 225 17.70 6.41 16.60
C TRP E 225 17.04 5.10 17.00
N LEU E 226 17.80 4.01 17.00
CA LEU E 226 17.28 2.72 17.42
C LEU E 226 16.81 2.73 18.86
N CYS E 227 17.27 3.68 19.67
CA CYS E 227 16.82 3.79 21.06
C CYS E 227 15.63 4.72 21.20
N SER E 228 15.28 5.47 20.16
CA SER E 228 14.22 6.47 20.17
C SER E 228 12.84 5.83 20.02
N GLU E 229 11.81 6.61 20.42
CA GLU E 229 10.43 6.14 20.28
C GLU E 229 10.08 5.78 18.84
N GLY E 230 10.67 6.47 17.85
CA GLY E 230 10.32 6.23 16.46
C GLY E 230 10.77 4.90 15.90
N ALA E 231 11.70 4.23 16.57
CA ALA E 231 12.17 2.93 16.14
C ALA E 231 11.32 1.77 16.65
N SER E 232 10.10 2.05 17.13
CA SER E 232 9.34 1.02 17.85
C SER E 232 8.85 -0.11 16.96
N TYR E 233 9.03 -0.04 15.63
CA TYR E 233 8.67 -1.15 14.76
C TYR E 233 9.87 -1.87 14.17
N THR E 234 11.08 -1.50 14.56
CA THR E 234 12.30 -2.03 13.95
C THR E 234 12.91 -3.09 14.87
N THR E 235 12.94 -4.35 14.40
CA THR E 235 13.60 -5.40 15.17
C THR E 235 14.01 -6.53 14.22
N GLY E 236 15.08 -7.21 14.60
CA GLY E 236 15.60 -8.35 13.86
C GLY E 236 16.49 -8.03 12.68
N GLN E 237 16.90 -6.77 12.51
CA GLN E 237 17.57 -6.34 11.27
C GLN E 237 19.04 -6.01 11.52
N SER E 238 19.83 -6.09 10.44
CA SER E 238 21.22 -5.65 10.46
C SER E 238 21.32 -4.40 9.58
N LEU E 239 21.47 -3.23 10.20
CA LEU E 239 21.44 -1.95 9.48
C LEU E 239 22.87 -1.56 9.13
N ILE E 240 23.20 -1.58 7.84
CA ILE E 240 24.59 -1.47 7.40
C ILE E 240 24.91 -0.01 7.12
N VAL E 241 25.93 0.51 7.79
CA VAL E 241 26.38 1.90 7.65
C VAL E 241 27.82 1.85 7.17
N ASP E 242 28.02 1.93 5.85
CA ASP E 242 29.30 1.55 5.28
C ASP E 242 29.76 2.41 4.11
N GLY E 243 29.12 3.55 3.84
CA GLY E 243 29.55 4.36 2.71
C GLY E 243 29.48 3.65 1.37
N GLY E 244 28.64 2.62 1.25
CA GLY E 244 28.49 1.88 0.01
C GLY E 244 29.45 0.71 -0.15
N PHE E 245 30.19 0.36 0.91
CA PHE E 245 31.14 -0.75 0.87
C PHE E 245 30.51 -2.00 0.25
N MET E 246 29.32 -2.39 0.73
CA MET E 246 28.68 -3.62 0.25
C MET E 246 28.35 -3.58 -1.24
N LEU E 247 28.27 -2.40 -1.85
CA LEU E 247 27.93 -2.30 -3.27
C LEU E 247 29.14 -2.50 -4.18
N ALA E 248 30.35 -2.46 -3.64
CA ALA E 248 31.55 -2.50 -4.47
C ALA E 248 31.93 -3.94 -4.73
N ASN E 249 31.90 -4.35 -5.97
CA ASN E 249 32.26 -5.71 -6.31
C ASN E 249 33.40 -5.63 -7.32
N PRO E 250 33.99 -6.77 -7.78
CA PRO E 250 35.13 -6.67 -8.72
C PRO E 250 34.87 -5.79 -9.94
N GLN E 251 33.60 -5.46 -10.16
CA GLN E 251 33.17 -4.62 -11.27
C GLN E 251 33.39 -3.13 -11.04
N PHE E 252 33.54 -2.70 -9.78
CA PHE E 252 33.53 -1.28 -9.45
C PHE E 252 34.93 -0.67 -9.33
N MET F 3 43.43 -42.09 -11.17
CA MET F 3 43.74 -41.99 -9.74
C MET F 3 42.48 -41.89 -8.89
N THR F 4 42.49 -42.57 -7.74
CA THR F 4 41.30 -42.65 -6.89
C THR F 4 41.31 -41.50 -5.89
N LYS F 5 40.23 -40.72 -5.88
CA LYS F 5 40.07 -39.63 -4.94
C LYS F 5 39.36 -40.10 -3.68
N VAL F 6 39.50 -39.32 -2.61
CA VAL F 6 39.03 -39.71 -1.28
C VAL F 6 38.05 -38.66 -0.78
N ALA F 7 36.87 -39.10 -0.35
CA ALA F 7 35.90 -38.23 0.29
C ALA F 7 35.80 -38.62 1.75
N ILE F 8 35.83 -37.63 2.63
CA ILE F 8 35.63 -37.84 4.06
C ILE F 8 34.34 -37.12 4.43
N VAL F 9 33.39 -37.85 5.00
CA VAL F 9 32.11 -37.32 5.42
C VAL F 9 31.96 -37.60 6.91
N THR F 10 31.89 -36.55 7.72
CA THR F 10 31.67 -36.71 9.15
C THR F 10 30.22 -37.06 9.44
N ALA F 11 30.01 -37.83 10.51
CA ALA F 11 28.68 -38.26 10.94
C ALA F 11 27.95 -38.96 9.80
N SER F 12 28.67 -39.81 9.08
CA SER F 12 28.09 -40.56 7.98
C SER F 12 27.58 -41.93 8.42
N ASP F 13 27.36 -42.12 9.72
CA ASP F 13 26.67 -43.30 10.21
C ASP F 13 25.16 -43.23 9.99
N SER F 14 24.62 -42.06 9.65
CA SER F 14 23.18 -41.90 9.53
C SER F 14 22.87 -40.64 8.72
N GLY F 15 21.59 -40.51 8.37
CA GLY F 15 21.04 -39.27 7.85
C GLY F 15 21.80 -38.72 6.66
N ILE F 16 21.96 -37.39 6.66
CA ILE F 16 22.53 -36.69 5.52
C ILE F 16 23.95 -37.18 5.25
N GLY F 17 24.75 -37.35 6.30
CA GLY F 17 26.14 -37.79 6.11
C GLY F 17 26.22 -39.14 5.42
N LYS F 18 25.42 -40.10 5.88
CA LYS F 18 25.39 -41.41 5.24
C LYS F 18 24.96 -41.32 3.78
N ALA F 19 23.95 -40.49 3.48
CA ALA F 19 23.53 -40.35 2.09
C ALA F 19 24.66 -39.77 1.24
N CYS F 20 25.39 -38.78 1.76
CA CYS F 20 26.53 -38.19 1.04
C CYS F 20 27.61 -39.22 0.79
N ALA F 21 27.97 -39.97 1.83
CA ALA F 21 28.98 -41.01 1.73
C ALA F 21 28.62 -42.02 0.64
N LEU F 22 27.36 -42.48 0.64
CA LEU F 22 26.97 -43.51 -0.33
C LEU F 22 26.97 -42.97 -1.75
N LEU F 23 26.51 -41.74 -1.94
CA LEU F 23 26.49 -41.18 -3.28
C LEU F 23 27.91 -40.89 -3.80
N LEU F 24 28.80 -40.44 -2.92
CA LEU F 24 30.19 -40.24 -3.33
C LEU F 24 30.88 -41.57 -3.61
N ALA F 25 30.51 -42.63 -2.89
CA ALA F 25 31.02 -43.95 -3.22
C ALA F 25 30.57 -44.37 -4.61
N GLN F 26 29.31 -44.08 -4.97
CA GLN F 26 28.86 -44.41 -6.33
C GLN F 26 29.61 -43.61 -7.38
N ASN F 27 30.03 -42.39 -7.04
CA ASN F 27 30.76 -41.55 -7.97
C ASN F 27 32.25 -41.84 -7.96
N GLY F 28 32.70 -42.82 -7.19
CA GLY F 28 34.03 -43.37 -7.33
C GLY F 28 35.04 -42.91 -6.30
N PHE F 29 34.61 -42.22 -5.26
CA PHE F 29 35.50 -41.81 -4.18
C PHE F 29 35.65 -42.95 -3.19
N ASP F 30 36.89 -43.26 -2.82
CA ASP F 30 37.13 -43.96 -1.56
C ASP F 30 36.58 -43.09 -0.44
N ILE F 31 35.99 -43.73 0.58
CA ILE F 31 35.13 -43.06 1.55
C ILE F 31 35.69 -43.21 2.95
N GLY F 32 35.75 -42.10 3.68
CA GLY F 32 36.07 -42.10 5.10
C GLY F 32 34.84 -41.69 5.90
N ILE F 33 34.46 -42.54 6.85
CA ILE F 33 33.24 -42.38 7.62
C ILE F 33 33.61 -42.17 9.09
N THR F 34 32.98 -41.17 9.73
CA THR F 34 33.15 -40.95 11.16
C THR F 34 31.82 -41.14 11.87
N TRP F 35 31.89 -41.59 13.12
CA TRP F 35 30.69 -41.78 13.93
C TRP F 35 30.97 -41.25 15.33
N HIS F 36 29.92 -40.74 15.96
CA HIS F 36 30.03 -40.29 17.35
C HIS F 36 29.80 -41.45 18.33
N SER F 37 28.74 -42.22 18.13
CA SER F 37 28.43 -43.32 19.04
C SER F 37 28.02 -44.58 18.30
N ASP F 38 27.40 -44.43 17.12
CA ASP F 38 26.87 -45.57 16.38
C ASP F 38 27.93 -46.07 15.40
N GLU F 39 28.88 -46.85 15.94
CA GLU F 39 29.89 -47.48 15.09
C GLU F 39 29.24 -48.41 14.06
N ARG F 40 28.10 -48.96 14.43
CA ARG F 40 27.28 -49.87 13.62
C ARG F 40 26.59 -49.28 12.36
N GLY F 41 25.87 -48.16 12.44
CA GLY F 41 25.46 -47.37 11.31
C GLY F 41 26.66 -47.06 10.42
N ALA F 42 27.80 -46.75 11.04
CA ALA F 42 28.99 -46.44 10.25
C ALA F 42 29.45 -47.66 9.45
N GLN F 43 29.52 -48.82 10.11
CA GLN F 43 29.95 -50.03 9.42
C GLN F 43 28.95 -50.48 8.37
N GLU F 44 27.65 -50.28 8.61
CA GLU F 44 26.69 -50.55 7.56
C GLU F 44 26.83 -49.56 6.40
N THR F 45 27.17 -48.31 6.69
CA THR F 45 27.47 -47.37 5.62
C THR F 45 28.69 -47.82 4.82
N ALA F 46 29.75 -48.25 5.52
CA ALA F 46 30.96 -48.72 4.85
C ALA F 46 30.68 -49.95 3.98
N LYS F 47 29.93 -50.91 4.51
CA LYS F 47 29.64 -52.12 3.73
C LYS F 47 28.87 -51.81 2.46
N LYS F 48 27.95 -50.85 2.52
CA LYS F 48 27.22 -50.54 1.28
C LYS F 48 28.09 -49.72 0.33
N ALA F 49 28.90 -48.81 0.88
CA ALA F 49 29.85 -48.10 0.04
C ALA F 49 30.81 -49.06 -0.66
N ALA F 50 31.27 -50.11 0.06
CA ALA F 50 32.16 -51.10 -0.52
C ALA F 50 31.52 -51.91 -1.64
N GLN F 51 30.18 -51.99 -1.69
CA GLN F 51 29.54 -52.67 -2.80
C GLN F 51 29.72 -51.93 -4.12
N PHE F 52 30.05 -50.64 -4.07
CA PHE F 52 30.37 -49.86 -5.27
C PHE F 52 31.82 -50.04 -5.70
N GLY F 53 32.56 -50.93 -5.04
CA GLY F 53 33.92 -51.20 -5.41
C GLY F 53 34.95 -50.22 -4.89
N VAL F 54 34.61 -49.37 -3.93
CA VAL F 54 35.57 -48.42 -3.38
C VAL F 54 35.97 -48.87 -1.98
N ARG F 55 37.02 -48.25 -1.46
CA ARG F 55 37.43 -48.45 -0.08
C ARG F 55 36.58 -47.59 0.86
N ALA F 56 36.21 -48.15 2.00
CA ALA F 56 35.50 -47.42 3.03
C ALA F 56 36.17 -47.69 4.37
N GLU F 57 36.55 -46.63 5.08
CA GLU F 57 37.18 -46.73 6.39
C GLU F 57 36.33 -45.96 7.38
N THR F 58 36.09 -46.55 8.56
CA THR F 58 35.32 -45.91 9.61
C THR F 58 36.23 -45.57 10.79
N ILE F 59 35.93 -44.47 11.45
CA ILE F 59 36.67 -44.09 12.66
C ILE F 59 35.74 -43.33 13.60
N HIS F 60 35.98 -43.50 14.90
CA HIS F 60 35.27 -42.75 15.93
C HIS F 60 35.72 -41.28 15.89
N LEU F 61 34.75 -40.36 15.95
CA LEU F 61 35.03 -38.93 15.99
C LEU F 61 34.29 -38.28 17.15
N ASP F 62 35.05 -37.79 18.13
CA ASP F 62 34.52 -37.18 19.34
C ASP F 62 34.68 -35.69 19.19
N LEU F 63 33.81 -35.06 18.40
CA LEU F 63 33.87 -33.62 18.21
C LEU F 63 33.48 -32.84 19.44
N SER F 64 33.15 -33.51 20.54
CA SER F 64 32.70 -32.80 21.74
C SER F 64 33.85 -32.30 22.59
N GLN F 65 35.03 -32.92 22.51
CA GLN F 65 36.19 -32.48 23.28
C GLN F 65 37.34 -32.22 22.31
N LEU F 66 37.57 -30.96 22.01
CA LEU F 66 38.52 -30.47 21.01
C LEU F 66 39.73 -29.81 21.68
N PRO F 67 40.85 -29.65 20.96
CA PRO F 67 41.15 -30.00 19.56
C PRO F 67 41.55 -31.46 19.34
N GLU F 68 41.81 -32.18 20.44
CA GLU F 68 42.38 -33.52 20.33
C GLU F 68 41.48 -34.46 19.53
N GLY F 69 40.16 -34.34 19.71
CA GLY F 69 39.25 -35.23 19.01
C GLY F 69 39.37 -35.15 17.50
N ALA F 70 39.79 -33.99 16.96
CA ALA F 70 39.91 -33.81 15.52
C ALA F 70 41.07 -34.61 14.93
N GLN F 71 42.01 -35.06 15.77
CA GLN F 71 43.06 -35.96 15.28
C GLN F 71 42.49 -37.18 14.58
N ALA F 72 41.26 -37.56 14.91
CA ALA F 72 40.63 -38.68 14.24
C ALA F 72 40.60 -38.48 12.73
N ILE F 73 40.56 -37.23 12.27
CA ILE F 73 40.52 -36.97 10.84
C ILE F 73 41.89 -37.24 10.21
N GLU F 74 42.96 -36.87 10.90
CA GLU F 74 44.31 -37.20 10.43
C GLU F 74 44.49 -38.71 10.27
N HIS F 75 44.04 -39.49 11.26
CA HIS F 75 44.20 -40.94 11.17
C HIS F 75 43.40 -41.51 10.01
N LEU F 76 42.21 -40.94 9.76
CA LEU F 76 41.41 -41.35 8.62
C LEU F 76 42.15 -41.07 7.30
N ILE F 77 42.73 -39.87 7.18
CA ILE F 77 43.47 -39.54 5.97
C ILE F 77 44.66 -40.46 5.80
N GLN F 78 45.31 -40.82 6.90
CA GLN F 78 46.40 -41.78 6.85
C GLN F 78 45.95 -43.12 6.27
N ARG F 79 44.79 -43.61 6.74
CA ARG F 79 44.32 -44.91 6.29
C ARG F 79 43.98 -44.87 4.80
N LEU F 80 43.37 -43.78 4.34
CA LEU F 80 42.91 -43.67 2.98
C LEU F 80 43.96 -43.13 2.02
N GLY F 81 45.04 -42.55 2.53
CA GLY F 81 46.16 -42.12 1.71
C GLY F 81 46.12 -40.68 1.25
N ARG F 82 44.99 -40.00 1.37
CA ARG F 82 44.84 -38.62 0.91
C ARG F 82 43.45 -38.12 1.28
N VAL F 83 43.13 -36.86 0.97
CA VAL F 83 41.74 -36.39 1.04
C VAL F 83 41.52 -35.36 -0.06
N ASP F 84 40.46 -35.56 -0.85
CA ASP F 84 40.08 -34.67 -1.94
C ASP F 84 38.78 -33.93 -1.68
N VAL F 85 37.91 -34.51 -0.87
CA VAL F 85 36.63 -33.92 -0.49
C VAL F 85 36.50 -34.05 1.02
N LEU F 86 36.09 -32.97 1.67
CA LEU F 86 35.59 -33.04 3.03
C LEU F 86 34.16 -32.51 3.06
N VAL F 87 33.25 -33.30 3.61
CA VAL F 87 31.88 -32.84 3.89
C VAL F 87 31.74 -32.69 5.40
N ASN F 88 31.62 -31.43 5.86
CA ASN F 88 31.41 -31.14 7.28
C ASN F 88 29.93 -31.27 7.58
N ASN F 89 29.54 -32.41 8.14
CA ASN F 89 28.11 -32.72 8.29
C ASN F 89 27.70 -32.54 9.73
N ALA F 90 26.55 -31.89 9.90
CA ALA F 90 26.12 -31.40 11.19
C ALA F 90 25.63 -32.53 12.10
N GLY F 91 25.86 -32.35 13.39
CA GLY F 91 25.31 -33.23 14.40
C GLY F 91 23.85 -32.92 14.67
N ALA F 92 23.36 -33.43 15.79
CA ALA F 92 21.96 -33.25 16.15
C ALA F 92 21.69 -31.83 16.64
N MET F 93 20.46 -31.38 16.41
CA MET F 93 20.04 -30.05 16.82
C MET F 93 19.51 -30.09 18.25
N THR F 94 19.87 -29.07 19.03
CA THR F 94 19.46 -28.94 20.43
C THR F 94 18.71 -27.63 20.61
N LYS F 95 17.58 -27.69 21.33
CA LYS F 95 16.76 -26.52 21.58
C LYS F 95 16.92 -26.05 23.03
N SER F 96 16.93 -24.75 23.21
CA SER F 96 17.00 -24.12 24.53
C SER F 96 16.65 -22.64 24.40
N ALA F 97 15.79 -22.13 25.29
CA ALA F 97 15.40 -20.73 25.24
C ALA F 97 16.59 -19.81 25.51
N PHE F 98 16.68 -18.72 24.74
CA PHE F 98 17.83 -17.83 24.87
C PHE F 98 17.95 -17.27 26.29
N ILE F 99 16.83 -16.88 26.89
CA ILE F 99 16.89 -16.07 28.11
C ILE F 99 17.60 -16.81 29.25
N ASP F 100 17.48 -18.14 29.34
CA ASP F 100 18.09 -18.88 30.43
C ASP F 100 19.00 -20.00 29.93
N MET F 101 19.38 -20.00 28.66
CA MET F 101 20.26 -21.04 28.17
C MET F 101 21.57 -21.01 28.95
N PRO F 102 21.97 -22.11 29.59
CA PRO F 102 23.26 -22.14 30.29
C PRO F 102 24.42 -21.91 29.33
N PHE F 103 25.49 -21.31 29.86
CA PHE F 103 26.68 -21.07 29.04
C PHE F 103 27.29 -22.38 28.56
N THR F 104 27.31 -23.42 29.41
CA THR F 104 27.84 -24.72 29.00
C THR F 104 27.12 -25.23 27.76
N GLN F 105 25.81 -24.99 27.65
CA GLN F 105 25.04 -25.48 26.52
C GLN F 105 25.30 -24.64 25.28
N TRP F 106 25.40 -23.32 25.44
CA TRP F 106 25.85 -22.46 24.35
C TRP F 106 27.19 -22.95 23.79
N ARG F 107 28.12 -23.29 24.68
CA ARG F 107 29.44 -23.72 24.23
C ARG F 107 29.40 -25.09 23.57
N GLN F 108 28.61 -26.03 24.13
CA GLN F 108 28.53 -27.36 23.53
C GLN F 108 27.96 -27.29 22.12
N ILE F 109 26.96 -26.43 21.92
CA ILE F 109 26.36 -26.31 20.59
C ILE F 109 27.34 -25.71 19.60
N PHE F 110 28.10 -24.69 20.02
CA PHE F 110 29.13 -24.16 19.11
C PHE F 110 30.23 -25.18 18.86
N THR F 111 30.60 -25.95 19.89
CA THR F 111 31.62 -26.97 19.76
C THR F 111 31.31 -27.93 18.62
N VAL F 112 30.07 -28.43 18.57
CA VAL F 112 29.71 -29.45 17.59
C VAL F 112 29.25 -28.86 16.25
N ASP F 113 28.86 -27.59 16.21
CA ASP F 113 28.27 -27.04 15.01
C ASP F 113 29.24 -26.15 14.21
N VAL F 114 30.30 -25.61 14.82
CA VAL F 114 31.26 -24.87 14.06
C VAL F 114 32.72 -25.11 14.44
N ASP F 115 32.98 -25.35 15.73
CA ASP F 115 34.36 -25.61 16.14
C ASP F 115 34.90 -26.88 15.51
N GLY F 116 34.12 -27.96 15.54
CA GLY F 116 34.55 -29.20 14.91
C GLY F 116 34.75 -29.04 13.42
N ALA F 117 33.79 -28.37 12.75
CA ALA F 117 33.94 -28.12 11.32
C ALA F 117 35.20 -27.32 11.03
N PHE F 118 35.48 -26.30 11.85
CA PHE F 118 36.68 -25.49 11.64
C PHE F 118 37.94 -26.33 11.73
N LEU F 119 38.07 -27.16 12.77
CA LEU F 119 39.28 -27.96 12.92
C LEU F 119 39.38 -29.04 11.84
N CYS F 120 38.25 -29.63 11.44
CA CYS F 120 38.30 -30.66 10.40
C CYS F 120 38.68 -30.05 9.05
N ALA F 121 38.11 -28.87 8.73
CA ALA F 121 38.43 -28.21 7.48
C ALA F 121 39.89 -27.81 7.40
N GLN F 122 40.45 -27.33 8.52
CA GLN F 122 41.87 -27.03 8.58
C GLN F 122 42.72 -28.24 8.19
N ILE F 123 42.45 -29.38 8.81
CA ILE F 123 43.25 -30.58 8.54
C ILE F 123 43.08 -30.98 7.08
N ALA F 124 41.83 -31.08 6.62
CA ALA F 124 41.58 -31.47 5.23
C ALA F 124 42.29 -30.53 4.27
N ALA F 125 42.21 -29.21 4.54
CA ALA F 125 42.81 -28.23 3.65
C ALA F 125 44.33 -28.37 3.59
N ARG F 126 44.97 -28.61 4.75
CA ARG F 126 46.42 -28.78 4.75
C ARG F 126 46.83 -29.93 3.85
N HIS F 127 46.07 -31.02 3.88
CA HIS F 127 46.39 -32.14 3.00
C HIS F 127 46.13 -31.79 1.54
N MET F 128 45.03 -31.07 1.25
CA MET F 128 44.75 -30.71 -0.14
C MET F 128 45.86 -29.82 -0.70
N ILE F 129 46.39 -28.92 0.12
CA ILE F 129 47.53 -28.10 -0.29
C ILE F 129 48.77 -28.96 -0.50
N LYS F 130 49.07 -29.82 0.47
CA LYS F 130 50.19 -30.75 0.32
C LYS F 130 50.04 -31.61 -0.93
N GLN F 131 48.82 -32.08 -1.20
CA GLN F 131 48.61 -32.93 -2.38
C GLN F 131 48.83 -32.17 -3.68
N GLY F 132 48.46 -30.90 -3.72
CA GLY F 132 48.67 -30.08 -4.90
C GLY F 132 47.66 -30.27 -6.02
N GLU F 133 46.50 -30.86 -5.74
CA GLU F 133 45.52 -31.11 -6.79
C GLU F 133 44.15 -30.55 -6.42
N GLY F 134 44.14 -29.49 -5.61
CA GLY F 134 42.90 -28.83 -5.24
C GLY F 134 42.04 -29.72 -4.36
N GLY F 135 40.78 -29.32 -4.24
CA GLY F 135 39.83 -30.10 -3.48
C GLY F 135 38.51 -29.38 -3.37
N ARG F 136 37.60 -30.02 -2.64
CA ARG F 136 36.27 -29.47 -2.40
C ARG F 136 35.89 -29.72 -0.95
N ILE F 137 35.45 -28.67 -0.28
CA ILE F 137 34.97 -28.74 1.09
C ILE F 137 33.52 -28.25 1.08
N ILE F 138 32.61 -29.08 1.55
CA ILE F 138 31.20 -28.73 1.66
C ILE F 138 30.85 -28.67 3.14
N ASN F 139 30.33 -27.53 3.59
CA ASN F 139 29.84 -27.39 4.95
C ASN F 139 28.32 -27.54 4.93
N ILE F 140 27.82 -28.57 5.61
CA ILE F 140 26.37 -28.75 5.75
C ILE F 140 25.91 -27.81 6.85
N THR F 141 25.24 -26.71 6.48
CA THR F 141 24.71 -25.82 7.50
C THR F 141 23.23 -26.08 7.73
N SER F 142 22.36 -25.17 7.25
CA SER F 142 20.94 -25.19 7.58
C SER F 142 20.29 -23.94 7.01
N VAL F 143 18.97 -23.98 6.78
CA VAL F 143 18.28 -22.72 6.49
C VAL F 143 18.51 -21.74 7.63
N HIS F 144 18.81 -22.27 8.79
CA HIS F 144 19.07 -21.50 9.95
C HIS F 144 20.38 -20.71 9.93
N GLU F 145 21.20 -20.99 8.95
CA GLU F 145 22.31 -20.10 8.63
C GLU F 145 21.80 -18.72 8.24
N HIS F 146 20.51 -18.60 7.91
CA HIS F 146 19.98 -17.38 7.32
C HIS F 146 18.78 -16.80 8.06
N THR F 147 18.00 -17.64 8.74
CA THR F 147 16.78 -17.23 9.40
C THR F 147 16.71 -17.96 10.73
N PRO F 148 16.19 -17.35 11.79
CA PRO F 148 16.31 -17.96 13.12
C PRO F 148 15.40 -19.16 13.31
N LEU F 149 15.85 -20.12 14.14
CA LEU F 149 14.98 -21.20 14.59
C LEU F 149 14.49 -20.89 16.00
N PRO F 150 13.20 -20.71 16.22
CA PRO F 150 12.73 -20.36 17.58
C PRO F 150 13.19 -21.39 18.61
N GLN F 151 13.56 -20.89 19.79
CA GLN F 151 14.10 -21.71 20.89
C GLN F 151 15.40 -22.40 20.51
N ALA F 152 16.13 -21.90 19.51
CA ALA F 152 17.40 -22.49 19.13
C ALA F 152 18.37 -21.38 18.71
N SER F 153 18.63 -20.46 19.64
CA SER F 153 19.47 -19.32 19.31
C SER F 153 20.92 -19.74 19.12
N ALA F 154 21.40 -20.66 19.95
CA ALA F 154 22.79 -21.10 19.80
C ALA F 154 22.99 -21.85 18.50
N TYR F 155 22.01 -22.70 18.14
CA TYR F 155 22.04 -23.39 16.86
C TYR F 155 22.06 -22.38 15.71
N THR F 156 21.14 -21.41 15.76
CA THR F 156 21.11 -20.37 14.73
C THR F 156 22.44 -19.62 14.66
N ALA F 157 22.96 -19.21 15.82
CA ALA F 157 24.21 -18.45 15.85
C ALA F 157 25.36 -19.27 15.27
N ALA F 158 25.44 -20.54 15.64
CA ALA F 158 26.56 -21.39 15.20
C ALA F 158 26.46 -21.68 13.71
N LYS F 159 25.24 -21.89 13.18
CA LYS F 159 25.08 -22.07 11.74
C LYS F 159 25.46 -20.82 10.97
N HIS F 160 25.09 -19.65 11.49
CA HIS F 160 25.54 -18.40 10.91
C HIS F 160 27.07 -18.36 10.92
N ALA F 161 27.69 -18.78 12.02
CA ALA F 161 29.14 -18.77 12.09
C ALA F 161 29.75 -19.65 11.01
N LEU F 162 29.16 -20.82 10.79
CA LEU F 162 29.69 -21.75 9.80
C LEU F 162 29.50 -21.23 8.38
N GLY F 163 28.41 -20.49 8.13
CA GLY F 163 28.27 -19.81 6.85
C GLY F 163 29.32 -18.74 6.62
N GLY F 164 29.67 -17.99 7.67
CA GLY F 164 30.73 -17.00 7.55
C GLY F 164 32.09 -17.63 7.34
N LEU F 165 32.42 -18.66 8.13
CA LEU F 165 33.64 -19.42 7.89
C LEU F 165 33.68 -19.94 6.44
N THR F 166 32.54 -20.37 5.92
CA THR F 166 32.49 -20.87 4.54
C THR F 166 33.00 -19.81 3.56
N LYS F 167 32.52 -18.57 3.70
CA LYS F 167 32.94 -17.49 2.82
C LYS F 167 34.42 -17.20 3.00
N SER F 168 34.88 -17.16 4.26
CA SER F 168 36.29 -16.87 4.51
C SER F 168 37.19 -17.95 3.93
N MET F 169 36.80 -19.23 4.08
CA MET F 169 37.64 -20.30 3.54
C MET F 169 37.67 -20.26 2.02
N ALA F 170 36.52 -19.95 1.41
CA ALA F 170 36.49 -19.88 -0.05
C ALA F 170 37.46 -18.84 -0.58
N LEU F 171 37.49 -17.68 0.07
CA LEU F 171 38.40 -16.62 -0.33
C LEU F 171 39.85 -17.01 -0.07
N GLU F 172 40.11 -17.64 1.07
CA GLU F 172 41.49 -17.88 1.49
C GLU F 172 42.10 -19.11 0.83
N LEU F 173 41.29 -20.05 0.36
CA LEU F 173 41.82 -21.29 -0.21
C LEU F 173 41.70 -21.35 -1.73
N ILE F 174 41.15 -20.31 -2.36
CA ILE F 174 40.91 -20.37 -3.80
C ILE F 174 42.22 -20.53 -4.58
N GLU F 175 43.31 -19.92 -4.10
CA GLU F 175 44.56 -20.01 -4.84
C GLU F 175 45.08 -21.45 -4.91
N HIS F 176 44.69 -22.30 -3.96
CA HIS F 176 45.03 -23.71 -3.97
C HIS F 176 44.03 -24.53 -4.76
N HIS F 177 43.08 -23.88 -5.45
CA HIS F 177 42.01 -24.57 -6.19
C HIS F 177 41.18 -25.44 -5.25
N ILE F 178 40.98 -24.96 -4.03
CA ILE F 178 40.06 -25.58 -3.09
C ILE F 178 38.79 -24.73 -3.08
N LEU F 179 37.67 -25.33 -3.50
CA LEU F 179 36.39 -24.65 -3.54
C LEU F 179 35.58 -25.03 -2.31
N VAL F 180 34.94 -24.03 -1.70
CA VAL F 180 34.25 -24.20 -0.43
C VAL F 180 32.84 -23.62 -0.58
N ASN F 181 31.83 -24.44 -0.29
CA ASN F 181 30.46 -23.98 -0.28
C ASN F 181 29.73 -24.60 0.90
N ALA F 182 28.59 -24.01 1.23
CA ALA F 182 27.67 -24.59 2.18
C ALA F 182 26.45 -25.14 1.44
N VAL F 183 25.93 -26.27 1.91
CA VAL F 183 24.59 -26.73 1.54
C VAL F 183 23.71 -26.58 2.77
N ALA F 184 22.62 -25.82 2.64
CA ALA F 184 21.81 -25.41 3.78
C ALA F 184 20.45 -26.09 3.70
N PRO F 185 20.27 -27.25 4.32
CA PRO F 185 18.99 -27.96 4.23
C PRO F 185 17.92 -27.35 5.12
N GLY F 186 16.67 -27.50 4.67
CA GLY F 186 15.52 -27.23 5.50
C GLY F 186 15.20 -28.43 6.36
N ALA F 187 13.92 -28.73 6.56
CA ALA F 187 13.53 -29.87 7.38
C ALA F 187 13.79 -31.17 6.62
N ILE F 188 14.63 -32.05 7.18
CA ILE F 188 14.97 -33.32 6.56
C ILE F 188 14.39 -34.45 7.39
N ALA F 189 13.75 -35.41 6.73
CA ALA F 189 13.12 -36.52 7.41
C ALA F 189 14.11 -37.63 7.69
N THR F 190 13.95 -38.30 8.83
CA THR F 190 14.66 -39.52 9.17
C THR F 190 13.65 -40.61 9.44
N PRO F 191 13.66 -41.75 8.71
CA PRO F 191 12.62 -42.77 8.58
C PRO F 191 11.36 -42.58 9.42
N GLU F 201 2.78 -39.25 3.85
CA GLU F 201 4.01 -38.48 3.92
C GLU F 201 3.94 -37.13 3.16
N PRO F 202 3.34 -37.11 1.96
CA PRO F 202 3.00 -35.80 1.37
C PRO F 202 1.90 -35.13 2.17
N GLY F 203 2.08 -33.83 2.42
CA GLY F 203 1.17 -33.08 3.26
C GLY F 203 1.48 -33.13 4.74
N SER F 204 2.59 -33.79 5.14
CA SER F 204 2.90 -33.97 6.55
C SER F 204 3.50 -32.74 7.19
N GLU F 205 3.97 -31.78 6.40
CA GLU F 205 4.56 -30.54 6.92
C GLU F 205 3.92 -29.36 6.19
N PRO F 206 2.65 -29.06 6.49
CA PRO F 206 1.93 -28.02 5.74
C PRO F 206 2.51 -26.63 5.89
N SER F 207 3.30 -26.37 6.94
CA SER F 207 3.90 -25.05 7.11
C SER F 207 4.94 -24.75 6.04
N ILE F 208 5.46 -25.79 5.38
CA ILE F 208 6.46 -25.71 4.32
C ILE F 208 5.73 -25.70 2.98
N PRO F 209 6.08 -24.82 2.05
CA PRO F 209 5.31 -24.76 0.79
C PRO F 209 5.21 -26.09 0.06
N ILE F 210 6.30 -26.86 0.00
CA ILE F 210 6.23 -28.20 -0.61
C ILE F 210 5.44 -29.18 0.25
N ALA F 211 5.15 -28.80 1.50
CA ALA F 211 4.26 -29.53 2.40
C ALA F 211 4.81 -30.87 2.88
N ARG F 212 6.12 -31.06 2.82
CA ARG F 212 6.74 -32.28 3.33
C ARG F 212 8.18 -31.97 3.70
N PRO F 213 8.80 -32.77 4.56
CA PRO F 213 10.23 -32.65 4.78
C PRO F 213 10.99 -33.20 3.57
N GLY F 214 12.28 -32.87 3.50
CA GLY F 214 13.12 -33.38 2.44
C GLY F 214 13.68 -34.76 2.73
N SER F 215 14.07 -35.46 1.67
CA SER F 215 14.82 -36.70 1.82
C SER F 215 16.30 -36.39 2.02
N THR F 216 17.04 -37.35 2.61
CA THR F 216 18.48 -37.16 2.72
C THR F 216 19.15 -37.17 1.34
N HIS F 217 18.59 -37.94 0.40
CA HIS F 217 19.13 -37.95 -0.96
C HIS F 217 18.98 -36.60 -1.64
N GLU F 218 17.93 -35.83 -1.29
CA GLU F 218 17.75 -34.52 -1.88
C GLU F 218 18.80 -33.51 -1.40
N ILE F 219 19.44 -33.78 -0.26
CA ILE F 219 20.63 -33.03 0.13
C ILE F 219 21.88 -33.62 -0.51
N ALA F 220 22.04 -34.94 -0.39
CA ALA F 220 23.25 -35.58 -0.87
C ALA F 220 23.49 -35.32 -2.35
N SER F 221 22.41 -35.22 -3.14
CA SER F 221 22.53 -35.00 -4.58
C SER F 221 23.29 -33.70 -4.89
N LEU F 222 22.95 -32.61 -4.20
CA LEU F 222 23.66 -31.36 -4.42
C LEU F 222 25.10 -31.45 -3.91
N VAL F 223 25.31 -32.08 -2.76
CA VAL F 223 26.68 -32.27 -2.26
C VAL F 223 27.52 -33.04 -3.28
N ALA F 224 26.93 -34.08 -3.89
CA ALA F 224 27.64 -34.82 -4.92
C ALA F 224 27.91 -33.95 -6.16
N TRP F 225 26.97 -33.09 -6.53
CA TRP F 225 27.25 -32.20 -7.66
C TRP F 225 28.40 -31.25 -7.34
N LEU F 226 28.47 -30.76 -6.09
CA LEU F 226 29.52 -29.83 -5.70
C LEU F 226 30.91 -30.46 -5.72
N CYS F 227 31.00 -31.79 -5.66
CA CYS F 227 32.28 -32.49 -5.77
C CYS F 227 32.63 -32.85 -7.21
N SER F 228 31.76 -32.56 -8.17
CA SER F 228 31.95 -33.06 -9.52
C SER F 228 32.65 -32.02 -10.39
N GLU F 229 33.06 -32.47 -11.58
CA GLU F 229 33.79 -31.62 -12.50
C GLU F 229 33.03 -30.33 -12.83
N GLY F 230 31.71 -30.43 -13.04
CA GLY F 230 30.96 -29.27 -13.52
C GLY F 230 30.81 -28.15 -12.52
N ALA F 231 31.08 -28.41 -11.25
CA ALA F 231 30.94 -27.41 -10.21
C ALA F 231 32.18 -26.55 -10.05
N SER F 232 33.08 -26.57 -11.04
CA SER F 232 34.39 -25.94 -10.92
C SER F 232 34.35 -24.41 -10.83
N TYR F 233 33.20 -23.75 -11.00
CA TYR F 233 33.14 -22.30 -10.88
C TYR F 233 32.34 -21.83 -9.66
N THR F 234 31.92 -22.76 -8.81
CA THR F 234 31.05 -22.46 -7.68
C THR F 234 31.86 -22.46 -6.39
N THR F 235 31.94 -21.31 -5.73
CA THR F 235 32.65 -21.26 -4.47
C THR F 235 32.13 -20.08 -3.67
N GLY F 236 32.18 -20.22 -2.34
CA GLY F 236 31.77 -19.15 -1.46
C GLY F 236 30.29 -18.99 -1.24
N GLN F 237 29.47 -19.91 -1.73
CA GLN F 237 28.02 -19.75 -1.71
C GLN F 237 27.35 -20.66 -0.68
N SER F 238 26.10 -20.33 -0.36
CA SER F 238 25.26 -21.14 0.53
C SER F 238 24.05 -21.59 -0.30
N LEU F 239 24.03 -22.88 -0.66
CA LEU F 239 23.04 -23.41 -1.58
C LEU F 239 21.90 -24.02 -0.77
N ILE F 240 20.72 -23.42 -0.84
CA ILE F 240 19.63 -23.74 0.08
C ILE F 240 18.71 -24.75 -0.58
N VAL F 241 18.50 -25.88 0.10
CA VAL F 241 17.66 -26.97 -0.37
C VAL F 241 16.59 -27.16 0.69
N ASP F 242 15.40 -26.55 0.50
CA ASP F 242 14.49 -26.40 1.62
C ASP F 242 13.01 -26.53 1.27
N GLY F 243 12.68 -26.97 0.06
CA GLY F 243 11.28 -27.06 -0.30
C GLY F 243 10.52 -25.75 -0.19
N GLY F 244 11.21 -24.61 -0.32
CA GLY F 244 10.56 -23.31 -0.23
C GLY F 244 10.41 -22.74 1.16
N PHE F 245 11.06 -23.36 2.17
CA PHE F 245 11.05 -22.85 3.54
C PHE F 245 11.31 -21.34 3.58
N MET F 246 12.33 -20.88 2.86
CA MET F 246 12.73 -19.47 2.86
C MET F 246 11.69 -18.54 2.23
N LEU F 247 10.74 -19.08 1.46
CA LEU F 247 9.72 -18.25 0.84
C LEU F 247 8.51 -18.04 1.73
N ALA F 248 8.33 -18.86 2.77
CA ALA F 248 7.15 -18.76 3.61
C ALA F 248 7.38 -17.71 4.68
N ASN F 249 6.56 -16.66 4.65
CA ASN F 249 6.63 -15.57 5.60
C ASN F 249 5.25 -15.47 6.24
N PRO F 250 4.96 -14.47 7.10
CA PRO F 250 3.62 -14.39 7.71
C PRO F 250 2.44 -14.40 6.74
N GLN F 251 2.66 -14.12 5.45
CA GLN F 251 1.55 -14.12 4.52
C GLN F 251 1.31 -15.48 3.85
N PHE F 252 2.21 -16.44 4.04
CA PHE F 252 1.99 -17.78 3.51
C PHE F 252 0.83 -18.45 4.23
N ASN F 253 -0.01 -19.14 3.46
CA ASN F 253 -1.20 -19.79 3.99
C ASN F 253 -1.38 -21.17 3.35
N ALA F 254 -2.11 -22.03 4.07
CA ALA F 254 -2.61 -23.30 3.54
C ALA F 254 -1.53 -24.16 2.90
N MET G 3 -38.28 -6.78 -6.56
CA MET G 3 -38.39 -8.14 -6.03
C MET G 3 -37.19 -8.47 -5.14
N THR G 4 -36.01 -7.96 -5.51
CA THR G 4 -34.77 -8.24 -4.80
C THR G 4 -34.46 -7.09 -3.84
N LYS G 5 -34.32 -7.41 -2.57
CA LYS G 5 -33.99 -6.40 -1.56
C LYS G 5 -32.54 -5.96 -1.71
N VAL G 6 -32.23 -4.81 -1.13
CA VAL G 6 -30.93 -4.17 -1.26
C VAL G 6 -30.37 -3.87 0.12
N ALA G 7 -29.12 -4.26 0.35
CA ALA G 7 -28.42 -3.94 1.59
C ALA G 7 -27.17 -3.12 1.29
N ILE G 8 -26.96 -2.07 2.08
CA ILE G 8 -25.79 -1.23 1.98
C ILE G 8 -24.98 -1.40 3.25
N VAL G 9 -23.69 -1.70 3.10
CA VAL G 9 -22.78 -1.86 4.23
C VAL G 9 -21.62 -0.90 4.03
N THR G 10 -21.44 0.02 4.98
CA THR G 10 -20.34 0.96 4.91
C THR G 10 -19.04 0.26 5.31
N ALA G 11 -17.95 0.66 4.65
CA ALA G 11 -16.61 0.11 4.91
C ALA G 11 -16.62 -1.41 4.81
N SER G 12 -17.17 -1.92 3.71
CA SER G 12 -17.24 -3.35 3.46
C SER G 12 -16.16 -3.81 2.49
N ASP G 13 -15.04 -3.08 2.45
CA ASP G 13 -13.86 -3.50 1.71
C ASP G 13 -13.00 -4.48 2.50
N SER G 14 -13.23 -4.59 3.81
CA SER G 14 -12.43 -5.50 4.64
C SER G 14 -13.18 -5.73 5.94
N GLY G 15 -12.62 -6.60 6.79
CA GLY G 15 -13.05 -6.70 8.17
C GLY G 15 -14.51 -7.07 8.32
N ILE G 16 -15.13 -6.54 9.38
CA ILE G 16 -16.51 -6.89 9.71
C ILE G 16 -17.44 -6.51 8.56
N GLY G 17 -17.23 -5.34 7.98
CA GLY G 17 -18.10 -4.89 6.90
C GLY G 17 -18.09 -5.83 5.71
N LYS G 18 -16.90 -6.31 5.33
CA LYS G 18 -16.82 -7.26 4.21
C LYS G 18 -17.61 -8.53 4.51
N ALA G 19 -17.44 -9.09 5.70
CA ALA G 19 -18.14 -10.32 6.05
C ALA G 19 -19.65 -10.12 6.06
N CYS G 20 -20.11 -8.94 6.48
CA CYS G 20 -21.54 -8.61 6.45
C CYS G 20 -22.08 -8.56 5.02
N ALA G 21 -21.37 -7.83 4.15
CA ALA G 21 -21.81 -7.69 2.77
C ALA G 21 -21.90 -9.05 2.08
N LEU G 22 -20.90 -9.92 2.31
CA LEU G 22 -20.89 -11.20 1.62
C LEU G 22 -21.93 -12.17 2.20
N LEU G 23 -22.18 -12.10 3.50
CA LEU G 23 -23.25 -12.92 4.07
C LEU G 23 -24.61 -12.46 3.58
N LEU G 24 -24.82 -11.15 3.48
CA LEU G 24 -26.09 -10.66 2.97
C LEU G 24 -26.26 -11.01 1.50
N ALA G 25 -25.16 -10.99 0.73
CA ALA G 25 -25.22 -11.42 -0.65
C ALA G 25 -25.64 -12.88 -0.74
N GLN G 26 -25.02 -13.73 0.08
CA GLN G 26 -25.46 -15.13 0.14
C GLN G 26 -26.93 -15.24 0.50
N ASN G 27 -27.45 -14.30 1.29
CA ASN G 27 -28.84 -14.33 1.70
C ASN G 27 -29.78 -13.69 0.69
N GLY G 28 -29.28 -13.25 -0.46
CA GLY G 28 -30.12 -12.80 -1.55
C GLY G 28 -30.28 -11.30 -1.72
N PHE G 29 -29.54 -10.50 -0.97
CA PHE G 29 -29.59 -9.05 -1.12
C PHE G 29 -28.63 -8.59 -2.22
N ASP G 30 -29.11 -7.72 -3.11
CA ASP G 30 -28.19 -6.86 -3.85
C ASP G 30 -27.39 -6.03 -2.83
N ILE G 31 -26.13 -5.74 -3.15
CA ILE G 31 -25.20 -5.21 -2.16
C ILE G 31 -24.63 -3.88 -2.63
N GLY G 32 -24.63 -2.88 -1.75
CA GLY G 32 -23.88 -1.66 -1.95
C GLY G 32 -22.67 -1.65 -1.03
N ILE G 33 -21.50 -1.50 -1.63
CA ILE G 33 -20.23 -1.60 -0.91
C ILE G 33 -19.57 -0.21 -0.93
N THR G 34 -19.12 0.27 0.23
CA THR G 34 -18.37 1.52 0.30
C THR G 34 -16.95 1.29 0.83
N TRP G 35 -16.05 2.18 0.40
CA TRP G 35 -14.64 2.08 0.76
C TRP G 35 -14.07 3.49 0.96
N HIS G 36 -13.19 3.62 1.95
CA HIS G 36 -12.56 4.91 2.24
C HIS G 36 -11.34 5.14 1.35
N SER G 37 -10.42 4.19 1.33
CA SER G 37 -9.23 4.25 0.48
C SER G 37 -8.92 2.96 -0.24
N ASP G 38 -9.42 1.81 0.23
CA ASP G 38 -9.11 0.50 -0.35
C ASP G 38 -10.15 0.19 -1.43
N GLU G 39 -9.89 0.70 -2.64
CA GLU G 39 -10.92 0.66 -3.68
C GLU G 39 -11.16 -0.75 -4.22
N ARG G 40 -10.04 -1.42 -4.53
CA ARG G 40 -10.00 -2.81 -5.02
C ARG G 40 -10.45 -3.78 -3.93
N GLY G 41 -9.92 -3.65 -2.72
CA GLY G 41 -10.45 -4.43 -1.63
C GLY G 41 -11.97 -4.44 -1.67
N ALA G 42 -12.56 -3.29 -2.02
CA ALA G 42 -14.00 -3.20 -2.21
C ALA G 42 -14.46 -3.94 -3.46
N GLN G 43 -13.66 -3.95 -4.53
CA GLN G 43 -14.12 -4.70 -5.69
C GLN G 43 -13.83 -6.20 -5.55
N GLU G 44 -12.91 -6.59 -4.67
CA GLU G 44 -12.82 -8.00 -4.31
C GLU G 44 -14.08 -8.46 -3.59
N THR G 45 -14.63 -7.61 -2.71
CA THR G 45 -15.90 -7.93 -2.09
C THR G 45 -17.02 -8.00 -3.12
N ALA G 46 -16.99 -7.08 -4.10
CA ALA G 46 -18.02 -7.03 -5.13
C ALA G 46 -18.00 -8.27 -6.02
N LYS G 47 -16.82 -8.71 -6.45
CA LYS G 47 -16.76 -9.88 -7.33
C LYS G 47 -17.24 -11.14 -6.61
N LYS G 48 -16.79 -11.34 -5.37
CA LYS G 48 -17.25 -12.49 -4.60
C LYS G 48 -18.75 -12.43 -4.38
N ALA G 49 -19.29 -11.23 -4.08
CA ALA G 49 -20.73 -11.09 -3.88
C ALA G 49 -21.51 -11.39 -5.15
N ALA G 50 -20.98 -10.99 -6.30
CA ALA G 50 -21.63 -11.26 -7.58
C ALA G 50 -21.68 -12.74 -7.89
N GLN G 51 -20.74 -13.52 -7.38
CA GLN G 51 -20.80 -14.97 -7.55
C GLN G 51 -22.04 -15.57 -6.90
N PHE G 52 -22.66 -14.84 -5.96
CA PHE G 52 -23.93 -15.29 -5.41
C PHE G 52 -25.11 -14.94 -6.28
N GLY G 53 -24.89 -14.48 -7.50
CA GLY G 53 -26.01 -14.11 -8.36
C GLY G 53 -26.70 -12.80 -8.02
N VAL G 54 -26.17 -12.01 -7.10
CA VAL G 54 -26.76 -10.73 -6.79
C VAL G 54 -25.98 -9.63 -7.49
N ARG G 55 -26.60 -8.47 -7.59
CA ARG G 55 -25.88 -7.30 -8.07
C ARG G 55 -25.03 -6.73 -6.94
N ALA G 56 -23.85 -6.24 -7.30
CA ALA G 56 -22.99 -5.58 -6.31
C ALA G 56 -22.42 -4.29 -6.90
N GLU G 57 -22.55 -3.21 -6.14
CA GLU G 57 -22.08 -1.89 -6.57
C GLU G 57 -21.17 -1.32 -5.50
N THR G 58 -20.05 -0.72 -5.93
CA THR G 58 -19.11 -0.09 -5.03
C THR G 58 -19.13 1.43 -5.20
N ILE G 59 -18.77 2.13 -4.13
CA ILE G 59 -18.62 3.59 -4.15
C ILE G 59 -17.61 4.01 -3.09
N HIS G 60 -16.93 5.11 -3.37
CA HIS G 60 -16.05 5.76 -2.39
C HIS G 60 -16.90 6.46 -1.34
N LEU G 61 -16.55 6.24 -0.06
CA LEU G 61 -17.23 6.89 1.05
C LEU G 61 -16.18 7.48 1.97
N ASP G 62 -16.12 8.80 2.03
CA ASP G 62 -15.21 9.54 2.92
C ASP G 62 -16.06 10.23 3.96
N LEU G 63 -16.26 9.58 5.09
CA LEU G 63 -17.08 10.16 6.15
C LEU G 63 -16.34 11.19 6.97
N SER G 64 -15.09 11.52 6.65
CA SER G 64 -14.36 12.50 7.44
C SER G 64 -14.78 13.94 7.13
N GLN G 65 -15.36 14.21 5.96
CA GLN G 65 -15.88 15.54 5.63
C GLN G 65 -17.40 15.45 5.54
N LEU G 66 -18.10 16.00 6.53
CA LEU G 66 -19.54 15.93 6.63
C LEU G 66 -20.15 17.33 6.57
N PRO G 67 -21.37 17.49 6.04
CA PRO G 67 -22.29 16.44 5.56
C PRO G 67 -22.05 15.94 4.14
N GLU G 68 -21.09 16.54 3.42
CA GLU G 68 -20.95 16.25 2.00
C GLU G 68 -20.62 14.78 1.75
N GLY G 69 -19.71 14.21 2.55
CA GLY G 69 -19.28 12.85 2.28
C GLY G 69 -20.38 11.82 2.38
N ALA G 70 -21.47 12.14 3.08
CA ALA G 70 -22.56 11.18 3.25
C ALA G 70 -23.40 11.03 1.99
N GLN G 71 -23.29 11.98 1.05
CA GLN G 71 -24.08 11.94 -0.18
C GLN G 71 -23.77 10.72 -1.03
N ALA G 72 -22.58 10.13 -0.87
CA ALA G 72 -22.28 8.90 -1.58
C ALA G 72 -23.29 7.80 -1.26
N ILE G 73 -23.86 7.80 -0.06
CA ILE G 73 -24.89 6.83 0.27
C ILE G 73 -26.11 7.05 -0.61
N GLU G 74 -26.48 8.31 -0.81
CA GLU G 74 -27.62 8.62 -1.68
C GLU G 74 -27.35 8.17 -3.11
N HIS G 75 -26.15 8.45 -3.64
CA HIS G 75 -25.80 8.00 -4.98
C HIS G 75 -25.86 6.48 -5.09
N LEU G 76 -25.38 5.77 -4.07
CA LEU G 76 -25.38 4.34 -4.05
C LEU G 76 -26.81 3.79 -4.06
N ILE G 77 -27.69 4.38 -3.27
CA ILE G 77 -29.09 3.95 -3.24
C ILE G 77 -29.73 4.16 -4.61
N GLN G 78 -29.46 5.31 -5.24
CA GLN G 78 -30.04 5.56 -6.56
C GLN G 78 -29.54 4.56 -7.60
N ARG G 79 -28.28 4.12 -7.47
CA ARG G 79 -27.77 3.09 -8.39
C ARG G 79 -28.49 1.76 -8.18
N LEU G 80 -28.64 1.35 -6.92
CA LEU G 80 -29.29 0.08 -6.64
C LEU G 80 -30.80 0.13 -6.82
N GLY G 81 -31.43 1.30 -6.72
CA GLY G 81 -32.85 1.46 -6.97
C GLY G 81 -33.75 1.40 -5.74
N ARG G 82 -33.17 1.16 -4.57
CA ARG G 82 -33.91 1.07 -3.31
C ARG G 82 -32.91 0.70 -2.22
N VAL G 83 -33.37 0.66 -0.98
CA VAL G 83 -32.56 0.18 0.13
C VAL G 83 -33.50 -0.39 1.17
N ASP G 84 -33.21 -1.63 1.58
CA ASP G 84 -33.97 -2.31 2.60
C ASP G 84 -33.19 -2.51 3.88
N VAL G 85 -31.86 -2.48 3.80
CA VAL G 85 -30.97 -2.72 4.93
C VAL G 85 -29.83 -1.69 4.85
N LEU G 86 -29.58 -1.00 5.95
CA LEU G 86 -28.36 -0.24 6.14
C LEU G 86 -27.58 -0.83 7.31
N VAL G 87 -26.32 -1.16 7.06
CA VAL G 87 -25.40 -1.57 8.11
C VAL G 87 -24.38 -0.45 8.24
N ASN G 88 -24.51 0.35 9.31
CA ASN G 88 -23.53 1.39 9.63
C ASN G 88 -22.34 0.72 10.30
N ASN G 89 -21.30 0.44 9.52
CA ASN G 89 -20.16 -0.32 10.02
C ASN G 89 -18.88 0.48 10.18
N ALA G 90 -18.67 1.52 9.36
CA ALA G 90 -17.41 2.25 9.35
C ALA G 90 -17.09 2.82 10.72
N GLY G 91 -15.80 2.86 11.04
CA GLY G 91 -15.34 3.39 12.31
C GLY G 91 -13.85 3.20 12.45
N ALA G 92 -13.26 4.01 13.33
CA ALA G 92 -11.84 3.92 13.66
C ALA G 92 -11.65 4.03 15.16
N MET G 93 -10.80 3.16 15.71
CA MET G 93 -10.47 3.17 17.13
C MET G 93 -9.11 3.84 17.30
N THR G 94 -9.10 4.98 17.97
CA THR G 94 -7.91 5.79 18.18
C THR G 94 -7.69 6.01 19.66
N LYS G 95 -6.43 6.02 20.09
CA LYS G 95 -6.08 6.14 21.49
C LYS G 95 -5.41 7.48 21.72
N SER G 96 -5.83 8.16 22.79
CA SER G 96 -5.12 9.34 23.29
C SER G 96 -5.66 9.71 24.67
N ALA G 97 -4.76 10.00 25.60
CA ALA G 97 -5.15 10.33 26.97
C ALA G 97 -6.17 11.46 27.00
N PHE G 98 -7.21 11.29 27.83
CA PHE G 98 -8.28 12.28 27.92
C PHE G 98 -7.73 13.66 28.24
N ILE G 99 -6.74 13.73 29.14
CA ILE G 99 -6.35 15.01 29.71
C ILE G 99 -5.76 15.92 28.65
N ASP G 100 -5.04 15.38 27.66
CA ASP G 100 -4.38 16.23 26.67
C ASP G 100 -4.78 15.87 25.24
N MET G 101 -5.93 15.24 25.04
CA MET G 101 -6.42 15.02 23.68
C MET G 101 -6.82 16.35 23.07
N PRO G 102 -6.31 16.71 21.89
CA PRO G 102 -6.72 17.96 21.26
C PRO G 102 -8.17 17.89 20.81
N PHE G 103 -8.82 19.06 20.82
CA PHE G 103 -10.24 19.11 20.47
C PHE G 103 -10.50 18.64 19.04
N THR G 104 -9.55 18.86 18.13
CA THR G 104 -9.74 18.40 16.77
C THR G 104 -9.82 16.87 16.70
N GLN G 105 -8.94 16.18 17.45
CA GLN G 105 -8.98 14.72 17.46
C GLN G 105 -10.26 14.21 18.11
N TRP G 106 -10.72 14.88 19.17
CA TRP G 106 -12.02 14.56 19.74
C TRP G 106 -13.11 14.64 18.67
N ARG G 107 -13.06 15.68 17.85
CA ARG G 107 -14.12 15.87 16.84
C ARG G 107 -14.02 14.82 15.74
N GLN G 108 -12.81 14.54 15.25
CA GLN G 108 -12.66 13.55 14.18
C GLN G 108 -13.24 12.20 14.61
N ILE G 109 -13.01 11.79 15.86
CA ILE G 109 -13.51 10.50 16.31
C ILE G 109 -15.04 10.51 16.32
N PHE G 110 -15.65 11.59 16.81
CA PHE G 110 -17.10 11.70 16.79
C PHE G 110 -17.63 11.77 15.36
N THR G 111 -16.88 12.44 14.48
CA THR G 111 -17.33 12.62 13.10
C THR G 111 -17.54 11.27 12.41
N VAL G 112 -16.59 10.35 12.56
CA VAL G 112 -16.67 9.10 11.82
C VAL G 112 -17.38 7.99 12.58
N ASP G 113 -17.54 8.12 13.89
CA ASP G 113 -18.11 7.04 14.68
C ASP G 113 -19.57 7.26 15.06
N VAL G 114 -20.10 8.48 14.91
CA VAL G 114 -21.52 8.65 15.18
C VAL G 114 -22.16 9.67 14.24
N ASP G 115 -21.46 10.75 13.92
CA ASP G 115 -22.02 11.73 12.98
C ASP G 115 -22.30 11.08 11.62
N GLY G 116 -21.34 10.31 11.10
CA GLY G 116 -21.53 9.66 9.81
C GLY G 116 -22.65 8.64 9.81
N ALA G 117 -22.73 7.82 10.87
CA ALA G 117 -23.83 6.87 10.99
C ALA G 117 -25.18 7.59 11.04
N PHE G 118 -25.25 8.71 11.76
CA PHE G 118 -26.48 9.48 11.81
C PHE G 118 -26.90 9.95 10.42
N LEU G 119 -25.95 10.49 9.65
CA LEU G 119 -26.28 11.01 8.32
C LEU G 119 -26.64 9.88 7.36
N CYS G 120 -25.84 8.81 7.35
CA CYS G 120 -26.18 7.66 6.51
C CYS G 120 -27.54 7.08 6.89
N ALA G 121 -27.83 6.95 8.19
CA ALA G 121 -29.12 6.42 8.62
C ALA G 121 -30.27 7.34 8.25
N GLN G 122 -30.05 8.65 8.24
CA GLN G 122 -31.09 9.56 7.77
C GLN G 122 -31.42 9.27 6.31
N ILE G 123 -30.41 9.20 5.47
CA ILE G 123 -30.64 8.99 4.04
C ILE G 123 -31.32 7.64 3.80
N ALA G 124 -30.80 6.59 4.43
CA ALA G 124 -31.40 5.26 4.25
C ALA G 124 -32.85 5.24 4.74
N ALA G 125 -33.11 5.79 5.93
CA ALA G 125 -34.45 5.71 6.50
C ALA G 125 -35.46 6.50 5.65
N ARG G 126 -35.01 7.60 5.05
CA ARG G 126 -35.91 8.38 4.19
C ARG G 126 -36.39 7.54 3.02
N HIS G 127 -35.48 6.82 2.38
CA HIS G 127 -35.88 5.95 1.27
C HIS G 127 -36.79 4.83 1.76
N MET G 128 -36.43 4.21 2.90
CA MET G 128 -37.23 3.13 3.45
C MET G 128 -38.66 3.58 3.71
N ILE G 129 -38.82 4.80 4.24
CA ILE G 129 -40.15 5.34 4.50
C ILE G 129 -40.93 5.50 3.20
N LYS G 130 -40.30 6.11 2.19
CA LYS G 130 -41.01 6.39 0.95
C LYS G 130 -41.36 5.11 0.21
N GLN G 131 -40.51 4.08 0.33
CA GLN G 131 -40.79 2.80 -0.32
C GLN G 131 -42.01 2.11 0.31
N GLY G 132 -42.25 2.34 1.59
CA GLY G 132 -43.40 1.75 2.25
C GLY G 132 -43.31 0.26 2.56
N GLU G 133 -42.11 -0.32 2.57
CA GLU G 133 -41.98 -1.75 2.83
C GLU G 133 -41.10 -2.04 4.04
N GLY G 134 -40.96 -1.09 4.95
CA GLY G 134 -40.12 -1.22 6.13
C GLY G 134 -38.65 -1.38 5.79
N GLY G 135 -37.88 -1.79 6.80
CA GLY G 135 -36.47 -1.95 6.60
C GLY G 135 -35.76 -2.32 7.89
N ARG G 136 -34.45 -2.44 7.79
CA ARG G 136 -33.62 -2.81 8.94
C ARG G 136 -32.39 -1.93 8.95
N ILE G 137 -32.09 -1.32 10.09
CA ILE G 137 -30.88 -0.53 10.27
C ILE G 137 -30.09 -1.13 11.43
N ILE G 138 -28.84 -1.48 11.17
CA ILE G 138 -27.99 -2.14 12.16
C ILE G 138 -26.73 -1.29 12.32
N ASN G 139 -26.57 -0.69 13.51
CA ASN G 139 -25.38 0.09 13.81
C ASN G 139 -24.36 -0.80 14.51
N ILE G 140 -23.18 -0.94 13.91
CA ILE G 140 -22.08 -1.68 14.53
C ILE G 140 -21.45 -0.73 15.56
N THR G 141 -21.57 -1.07 16.83
CA THR G 141 -20.96 -0.21 17.84
C THR G 141 -19.70 -0.89 18.37
N SER G 142 -19.77 -1.40 19.60
CA SER G 142 -18.63 -1.99 20.30
C SER G 142 -19.08 -2.35 21.70
N VAL G 143 -18.36 -3.25 22.39
CA VAL G 143 -18.60 -3.38 23.82
C VAL G 143 -18.39 -2.05 24.51
N HIS G 144 -17.68 -1.17 23.83
CA HIS G 144 -17.40 0.15 24.31
C HIS G 144 -18.56 1.08 24.27
N GLU G 145 -19.64 0.66 23.63
CA GLU G 145 -20.92 1.31 23.85
C GLU G 145 -21.35 1.24 25.31
N HIS G 146 -20.80 0.30 26.08
CA HIS G 146 -21.28 0.00 27.42
C HIS G 146 -20.22 0.11 28.51
N THR G 147 -18.94 -0.01 28.17
CA THR G 147 -17.90 -0.02 29.19
C THR G 147 -16.68 0.68 28.62
N PRO G 148 -15.89 1.36 29.46
CA PRO G 148 -14.84 2.23 28.91
C PRO G 148 -13.66 1.45 28.38
N LEU G 149 -13.09 1.95 27.27
CA LEU G 149 -11.81 1.47 26.76
C LEU G 149 -10.70 2.40 27.26
N PRO G 150 -9.74 1.92 28.06
CA PRO G 150 -8.72 2.82 28.61
C PRO G 150 -7.95 3.52 27.51
N GLN G 151 -7.69 4.81 27.73
CA GLN G 151 -7.00 5.71 26.80
C GLN G 151 -7.79 5.99 25.53
N ALA G 152 -9.09 5.68 25.50
CA ALA G 152 -9.91 5.95 24.33
C ALA G 152 -11.26 6.54 24.77
N SER G 153 -11.19 7.70 25.43
CA SER G 153 -12.41 8.35 25.93
C SER G 153 -13.31 8.80 24.79
N ALA G 154 -12.72 9.41 23.75
CA ALA G 154 -13.51 9.81 22.59
C ALA G 154 -14.21 8.61 21.95
N TYR G 155 -13.45 7.54 21.70
CA TYR G 155 -14.04 6.30 21.16
C TYR G 155 -15.16 5.79 22.05
N THR G 156 -14.93 5.79 23.38
CA THR G 156 -15.98 5.34 24.30
C THR G 156 -17.19 6.26 24.21
N ALA G 157 -16.96 7.58 24.23
CA ALA G 157 -18.09 8.50 24.24
C ALA G 157 -18.90 8.37 22.96
N ALA G 158 -18.23 8.22 21.82
CA ALA G 158 -18.92 8.18 20.54
C ALA G 158 -19.72 6.89 20.37
N LYS G 159 -19.14 5.76 20.77
CA LYS G 159 -19.88 4.49 20.70
C LYS G 159 -21.09 4.52 21.64
N HIS G 160 -20.92 5.07 22.84
CA HIS G 160 -22.07 5.34 23.68
C HIS G 160 -23.11 6.17 22.93
N ALA G 161 -22.68 7.25 22.28
CA ALA G 161 -23.61 8.11 21.55
C ALA G 161 -24.37 7.32 20.49
N LEU G 162 -23.66 6.51 19.71
CA LEU G 162 -24.32 5.72 18.68
C LEU G 162 -25.32 4.75 19.29
N GLY G 163 -25.03 4.23 20.49
CA GLY G 163 -26.01 3.42 21.19
C GLY G 163 -27.25 4.19 21.56
N GLY G 164 -27.07 5.44 22.01
CA GLY G 164 -28.23 6.27 22.28
C GLY G 164 -29.02 6.57 21.02
N LEU G 165 -28.33 6.92 19.92
CA LEU G 165 -29.01 7.14 18.65
C LEU G 165 -29.79 5.90 18.24
N THR G 166 -29.19 4.73 18.41
CA THR G 166 -29.87 3.48 18.04
C THR G 166 -31.22 3.37 18.74
N LYS G 167 -31.28 3.72 20.03
CA LYS G 167 -32.53 3.65 20.78
C LYS G 167 -33.54 4.65 20.26
N SER G 168 -33.11 5.90 20.06
CA SER G 168 -34.00 6.93 19.54
C SER G 168 -34.55 6.54 18.18
N MET G 169 -33.67 6.13 17.27
CA MET G 169 -34.11 5.75 15.93
C MET G 169 -35.14 4.62 16.00
N ALA G 170 -34.91 3.64 16.87
CA ALA G 170 -35.84 2.52 16.95
C ALA G 170 -37.23 3.00 17.36
N LEU G 171 -37.28 3.87 18.35
CA LEU G 171 -38.55 4.45 18.80
C LEU G 171 -39.21 5.25 17.68
N GLU G 172 -38.42 6.12 17.02
CA GLU G 172 -39.00 7.05 16.05
C GLU G 172 -39.34 6.41 14.72
N LEU G 173 -38.73 5.27 14.38
CA LEU G 173 -38.95 4.70 13.06
C LEU G 173 -39.85 3.48 13.09
N ILE G 174 -40.28 3.01 14.28
CA ILE G 174 -41.05 1.78 14.37
C ILE G 174 -42.37 1.91 13.61
N GLU G 175 -42.97 3.11 13.58
CA GLU G 175 -44.25 3.26 12.88
C GLU G 175 -44.12 2.97 11.39
N HIS G 176 -42.91 3.08 10.83
CA HIS G 176 -42.67 2.77 9.44
C HIS G 176 -42.17 1.35 9.24
N HIS G 177 -42.21 0.52 10.29
CA HIS G 177 -41.74 -0.86 10.24
C HIS G 177 -40.25 -0.93 9.91
N ILE G 178 -39.49 0.06 10.37
CA ILE G 178 -38.03 0.04 10.32
C ILE G 178 -37.55 -0.38 11.71
N LEU G 179 -36.87 -1.53 11.78
CA LEU G 179 -36.30 -2.02 13.03
C LEU G 179 -34.85 -1.57 13.09
N VAL G 180 -34.42 -1.10 14.26
CA VAL G 180 -33.10 -0.50 14.42
C VAL G 180 -32.43 -1.10 15.65
N ASN G 181 -31.26 -1.70 15.47
CA ASN G 181 -30.52 -2.32 16.57
C ASN G 181 -29.03 -2.05 16.42
N ALA G 182 -28.31 -2.21 17.54
CA ALA G 182 -26.86 -2.23 17.52
C ALA G 182 -26.35 -3.66 17.66
N VAL G 183 -25.29 -3.99 16.93
CA VAL G 183 -24.44 -5.14 17.27
C VAL G 183 -23.15 -4.59 17.84
N ALA G 184 -22.74 -5.10 19.01
CA ALA G 184 -21.69 -4.54 19.84
C ALA G 184 -20.55 -5.55 19.97
N PRO G 185 -19.54 -5.50 19.10
CA PRO G 185 -18.50 -6.52 19.13
C PRO G 185 -17.43 -6.24 20.17
N GLY G 186 -16.87 -7.33 20.70
CA GLY G 186 -15.68 -7.25 21.52
C GLY G 186 -14.46 -7.25 20.61
N ALA G 187 -13.40 -7.94 21.01
CA ALA G 187 -12.19 -8.02 20.20
C ALA G 187 -12.43 -8.95 19.01
N ILE G 188 -12.32 -8.41 17.80
CA ILE G 188 -12.54 -9.17 16.56
C ILE G 188 -11.24 -9.18 15.76
N ALA G 189 -10.84 -10.36 15.30
CA ALA G 189 -9.64 -10.50 14.46
C ALA G 189 -9.95 -10.06 13.03
N THR G 190 -9.27 -9.00 12.58
CA THR G 190 -9.46 -8.43 11.24
C THR G 190 -8.09 -8.23 10.62
N PRO G 191 -7.39 -9.30 10.27
CA PRO G 191 -6.03 -9.14 9.72
C PRO G 191 -6.06 -8.38 8.39
N MET G 192 -4.99 -7.62 8.14
CA MET G 192 -4.89 -6.88 6.88
C MET G 192 -4.91 -7.82 5.68
N ASN G 193 -4.12 -8.90 5.74
CA ASN G 193 -4.17 -9.93 4.70
C ASN G 193 -5.40 -10.79 4.96
N ASP G 194 -6.36 -10.73 4.04
CA ASP G 194 -7.62 -11.44 4.18
C ASP G 194 -7.64 -12.65 3.25
N MET G 195 -6.90 -13.68 3.65
CA MET G 195 -7.04 -15.01 3.06
C MET G 195 -7.38 -16.02 4.15
N ASP G 196 -6.52 -16.18 5.15
CA ASP G 196 -6.87 -16.81 6.41
C ASP G 196 -7.29 -18.26 6.27
N ASP G 197 -8.46 -18.49 6.84
CA ASP G 197 -8.83 -19.84 7.12
C ASP G 197 -7.98 -20.20 8.37
N SER G 198 -7.24 -19.22 8.92
CA SER G 198 -6.33 -19.28 10.02
C SER G 198 -7.23 -19.13 11.15
N ASP G 199 -7.66 -20.27 11.61
CA ASP G 199 -8.53 -20.35 12.71
C ASP G 199 -7.80 -19.72 13.89
N ILE G 200 -8.54 -18.91 14.60
CA ILE G 200 -7.96 -18.13 15.68
C ILE G 200 -7.33 -19.08 16.70
N GLU G 201 -6.13 -18.73 17.14
CA GLU G 201 -5.39 -19.60 18.05
C GLU G 201 -6.10 -19.64 19.41
N PRO G 202 -6.48 -20.82 19.90
CA PRO G 202 -7.11 -20.91 21.22
C PRO G 202 -6.17 -20.42 22.30
N GLY G 203 -6.71 -19.64 23.24
CA GLY G 203 -5.92 -19.10 24.33
C GLY G 203 -5.08 -17.87 23.99
N SER G 204 -5.21 -17.32 22.78
CA SER G 204 -4.37 -16.20 22.37
C SER G 204 -4.74 -14.87 23.03
N GLU G 205 -5.89 -14.75 23.69
CA GLU G 205 -6.25 -13.54 24.42
C GLU G 205 -6.81 -13.94 25.78
N PRO G 206 -5.93 -14.29 26.73
CA PRO G 206 -6.41 -14.88 27.99
C PRO G 206 -7.20 -13.93 28.86
N SER G 207 -7.11 -12.60 28.63
CA SER G 207 -7.91 -11.69 29.44
C SER G 207 -9.40 -11.81 29.18
N ILE G 208 -9.79 -12.42 28.06
CA ILE G 208 -11.19 -12.56 27.68
C ILE G 208 -11.66 -13.96 28.10
N PRO G 209 -12.87 -14.13 28.65
CA PRO G 209 -13.26 -15.46 29.13
C PRO G 209 -13.11 -16.55 28.09
N ILE G 210 -13.57 -16.30 26.85
CA ILE G 210 -13.41 -17.29 25.79
C ILE G 210 -11.95 -17.47 25.38
N ALA G 211 -11.09 -16.55 25.81
CA ALA G 211 -9.63 -16.64 25.68
C ALA G 211 -9.13 -16.46 24.24
N ARG G 212 -9.94 -15.88 23.35
CA ARG G 212 -9.50 -15.60 21.99
C ARG G 212 -10.31 -14.44 21.44
N PRO G 213 -9.80 -13.71 20.46
CA PRO G 213 -10.64 -12.77 19.74
C PRO G 213 -11.68 -13.50 18.90
N GLY G 214 -12.72 -12.74 18.49
CA GLY G 214 -13.74 -13.29 17.62
C GLY G 214 -13.37 -13.15 16.15
N SER G 215 -14.09 -13.91 15.32
CA SER G 215 -13.99 -13.84 13.86
C SER G 215 -14.98 -12.81 13.33
N THR G 216 -14.72 -12.31 12.11
CA THR G 216 -15.68 -11.43 11.47
C THR G 216 -17.00 -12.14 11.25
N HIS G 217 -16.93 -13.43 10.91
CA HIS G 217 -18.15 -14.22 10.74
C HIS G 217 -19.00 -14.23 12.00
N GLU G 218 -18.37 -14.30 13.17
CA GLU G 218 -19.15 -14.32 14.42
C GLU G 218 -19.91 -13.02 14.66
N ILE G 219 -19.51 -11.94 14.00
CA ILE G 219 -20.29 -10.70 13.98
C ILE G 219 -21.30 -10.70 12.85
N ALA G 220 -20.85 -11.01 11.63
CA ALA G 220 -21.72 -10.92 10.46
C ALA G 220 -22.92 -11.85 10.59
N SER G 221 -22.76 -12.96 11.31
CA SER G 221 -23.84 -13.92 11.42
C SER G 221 -25.04 -13.31 12.13
N LEU G 222 -24.80 -12.51 13.18
CA LEU G 222 -25.90 -11.86 13.88
C LEU G 222 -26.48 -10.73 13.04
N VAL G 223 -25.63 -9.98 12.34
CA VAL G 223 -26.13 -8.94 11.45
C VAL G 223 -27.08 -9.55 10.42
N ALA G 224 -26.69 -10.69 9.85
CA ALA G 224 -27.53 -11.36 8.87
C ALA G 224 -28.87 -11.77 9.48
N TRP G 225 -28.85 -12.31 10.72
CA TRP G 225 -30.10 -12.70 11.36
C TRP G 225 -31.00 -11.49 11.60
N LEU G 226 -30.41 -10.36 11.97
CA LEU G 226 -31.19 -9.14 12.19
C LEU G 226 -31.84 -8.62 10.91
N CYS G 227 -31.34 -8.99 9.74
CA CYS G 227 -32.01 -8.63 8.49
C CYS G 227 -32.99 -9.69 8.02
N SER G 228 -33.22 -10.74 8.81
CA SER G 228 -34.01 -11.87 8.38
C SER G 228 -35.45 -11.78 8.89
N GLU G 229 -36.28 -12.66 8.34
CA GLU G 229 -37.71 -12.65 8.62
C GLU G 229 -37.98 -12.80 10.11
N GLY G 230 -37.20 -13.63 10.79
CA GLY G 230 -37.47 -13.99 12.18
C GLY G 230 -37.11 -12.94 13.20
N ALA G 231 -36.30 -11.96 12.82
CA ALA G 231 -35.96 -10.86 13.71
C ALA G 231 -37.03 -9.76 13.74
N SER G 232 -38.24 -10.04 13.26
CA SER G 232 -39.24 -8.98 13.09
C SER G 232 -39.78 -8.44 14.41
N TYR G 233 -39.41 -8.98 15.57
CA TYR G 233 -39.86 -8.40 16.83
C TYR G 233 -38.72 -7.76 17.61
N THR G 234 -37.51 -7.72 17.03
CA THR G 234 -36.33 -7.22 17.72
C THR G 234 -36.02 -5.81 17.24
N THR G 235 -36.11 -4.84 18.16
CA THR G 235 -35.76 -3.45 17.83
C THR G 235 -35.34 -2.71 19.10
N GLY G 236 -34.41 -1.78 18.93
CA GLY G 236 -33.97 -0.91 20.00
C GLY G 236 -32.93 -1.48 20.93
N GLN G 237 -32.33 -2.61 20.57
CA GLN G 237 -31.44 -3.33 21.45
C GLN G 237 -30.00 -3.20 20.98
N SER G 238 -29.07 -3.48 21.90
CA SER G 238 -27.64 -3.55 21.59
C SER G 238 -27.21 -4.98 21.90
N LEU G 239 -26.99 -5.79 20.87
CA LEU G 239 -26.68 -7.20 21.04
C LEU G 239 -25.17 -7.39 21.08
N ILE G 240 -24.65 -7.84 22.22
CA ILE G 240 -23.21 -7.83 22.48
C ILE G 240 -22.62 -9.19 22.12
N VAL G 241 -21.65 -9.18 21.23
CA VAL G 241 -21.02 -10.40 20.73
C VAL G 241 -19.55 -10.29 21.10
N ASP G 242 -19.18 -10.85 22.26
CA ASP G 242 -17.90 -10.46 22.85
C ASP G 242 -17.14 -11.57 23.56
N GLY G 243 -17.50 -12.84 23.38
CA GLY G 243 -16.78 -13.91 24.05
C GLY G 243 -16.78 -13.84 25.57
N GLY G 244 -17.75 -13.16 26.18
CA GLY G 244 -17.82 -13.00 27.62
C GLY G 244 -17.11 -11.77 28.16
N PHE G 245 -16.57 -10.92 27.29
CA PHE G 245 -15.87 -9.70 27.68
C PHE G 245 -16.57 -8.97 28.81
N MET G 246 -17.89 -8.76 28.68
CA MET G 246 -18.67 -8.06 29.68
C MET G 246 -18.73 -8.78 31.02
N LEU G 247 -18.50 -10.10 31.06
CA LEU G 247 -18.54 -10.80 32.33
C LEU G 247 -17.29 -10.62 33.17
N ALA G 248 -16.18 -10.18 32.57
CA ALA G 248 -14.90 -10.15 33.26
C ALA G 248 -14.79 -8.85 34.07
N ASN G 249 -14.58 -8.98 35.36
CA ASN G 249 -14.45 -7.82 36.24
C ASN G 249 -13.16 -8.04 37.03
N PRO G 250 -12.80 -7.20 38.01
CA PRO G 250 -11.53 -7.45 38.73
C PRO G 250 -11.44 -8.84 39.39
N GLN G 251 -12.56 -9.55 39.56
CA GLN G 251 -12.54 -10.87 40.15
C GLN G 251 -12.27 -11.97 39.14
N PHE G 252 -12.38 -11.66 37.84
CA PHE G 252 -12.13 -12.67 36.81
C PHE G 252 -10.69 -13.16 36.88
N ASN G 253 -10.53 -14.47 37.00
CA ASN G 253 -9.21 -15.11 37.03
C ASN G 253 -8.92 -15.70 35.65
N ALA G 254 -7.81 -15.28 35.05
CA ALA G 254 -7.48 -15.70 33.70
C ALA G 254 -6.97 -17.15 33.70
N LYS G 255 -6.68 -17.65 32.49
CA LYS G 255 -6.18 -19.00 32.23
C LYS G 255 -7.19 -20.05 32.70
N MET H 3 -7.03 26.89 53.39
CA MET H 3 -7.07 25.88 52.34
C MET H 3 -8.51 25.63 51.90
N THR H 4 -9.30 26.70 51.77
CA THR H 4 -10.66 26.56 51.30
C THR H 4 -10.69 26.03 49.87
N LYS H 5 -11.55 25.04 49.63
CA LYS H 5 -11.66 24.45 48.31
C LYS H 5 -12.71 25.16 47.47
N VAL H 6 -12.62 24.96 46.16
CA VAL H 6 -13.39 25.73 45.18
C VAL H 6 -14.21 24.79 44.32
N ALA H 7 -15.48 25.12 44.14
CA ALA H 7 -16.35 24.41 43.21
C ALA H 7 -16.76 25.36 42.09
N ILE H 8 -16.77 24.85 40.87
CA ILE H 8 -17.25 25.58 39.71
C ILE H 8 -18.43 24.82 39.14
N VAL H 9 -19.54 25.52 38.94
CA VAL H 9 -20.76 24.94 38.38
C VAL H 9 -21.09 25.70 37.10
N THR H 10 -21.18 24.99 35.98
CA THR H 10 -21.55 25.65 34.73
C THR H 10 -23.06 25.84 34.65
N ALA H 11 -23.47 26.93 34.02
CA ALA H 11 -24.88 27.29 33.82
C ALA H 11 -25.65 27.29 35.14
N SER H 12 -25.07 27.95 36.15
CA SER H 12 -25.66 28.02 37.48
C SER H 12 -26.38 29.35 37.71
N ASP H 13 -26.89 29.96 36.63
CA ASP H 13 -27.76 31.12 36.72
C ASP H 13 -29.20 30.76 37.07
N SER H 14 -29.58 29.49 37.01
CA SER H 14 -30.94 29.05 37.30
C SER H 14 -30.97 27.53 37.46
N GLY H 15 -32.13 27.03 37.86
CA GLY H 15 -32.39 25.61 37.79
C GLY H 15 -31.44 24.79 38.64
N ILE H 16 -31.11 23.61 38.13
CA ILE H 16 -30.25 22.67 38.85
C ILE H 16 -28.89 23.29 39.13
N GLY H 17 -28.32 23.98 38.12
CA GLY H 17 -27.05 24.65 38.34
C GLY H 17 -27.08 25.58 39.53
N LYS H 18 -28.13 26.39 39.64
CA LYS H 18 -28.24 27.32 40.77
C LYS H 18 -28.34 26.58 42.09
N ALA H 19 -29.19 25.55 42.15
CA ALA H 19 -29.34 24.81 43.40
C ALA H 19 -28.01 24.19 43.84
N CYS H 20 -27.26 23.61 42.89
CA CYS H 20 -25.97 23.01 43.20
C CYS H 20 -24.99 24.01 43.78
N ALA H 21 -24.88 25.19 43.16
CA ALA H 21 -23.94 26.20 43.62
C ALA H 21 -24.30 26.67 45.04
N LEU H 22 -25.58 26.93 45.29
CA LEU H 22 -25.98 27.41 46.60
C LEU H 22 -25.70 26.37 47.69
N LEU H 23 -25.97 25.10 47.40
CA LEU H 23 -25.76 24.07 48.41
C LEU H 23 -24.27 23.85 48.67
N LEU H 24 -23.45 23.94 47.63
CA LEU H 24 -22.02 23.77 47.82
C LEU H 24 -21.43 24.95 48.58
N ALA H 25 -21.92 26.16 48.31
CA ALA H 25 -21.54 27.31 49.13
C ALA H 25 -21.89 27.07 50.59
N GLN H 26 -23.09 26.53 50.85
CA GLN H 26 -23.45 26.12 52.21
C GLN H 26 -22.38 25.24 52.82
N ASN H 27 -21.81 24.34 52.02
CA ASN H 27 -20.87 23.34 52.50
C ASN H 27 -19.43 23.85 52.52
N GLY H 28 -19.23 25.15 52.35
CA GLY H 28 -17.92 25.74 52.53
C GLY H 28 -17.07 25.85 51.30
N PHE H 29 -17.63 25.60 50.12
CA PHE H 29 -16.89 25.73 48.87
C PHE H 29 -16.94 27.18 48.39
N ASP H 30 -15.78 27.73 48.05
CA ASP H 30 -15.78 28.93 47.21
C ASP H 30 -16.36 28.55 45.85
N ILE H 31 -17.10 29.47 45.23
CA ILE H 31 -18.04 29.12 44.16
C ILE H 31 -17.68 29.87 42.88
N GLY H 32 -17.57 29.12 41.78
CA GLY H 32 -17.48 29.68 40.45
C GLY H 32 -18.76 29.39 39.67
N ILE H 33 -19.28 30.44 39.04
CA ILE H 33 -20.56 30.41 38.32
C ILE H 33 -20.32 30.82 36.88
N THR H 34 -20.85 30.05 35.93
CA THR H 34 -20.86 30.47 34.53
C THR H 34 -22.30 30.66 34.06
N TRP H 35 -22.45 31.48 33.04
CA TRP H 35 -23.77 31.83 32.54
C TRP H 35 -23.72 32.10 31.05
N HIS H 36 -24.84 31.85 30.39
CA HIS H 36 -24.96 32.07 28.95
C HIS H 36 -25.59 33.42 28.61
N SER H 37 -26.78 33.70 29.13
CA SER H 37 -27.46 34.95 28.81
C SER H 37 -27.91 35.67 30.08
N ASP H 38 -28.56 34.93 30.97
CA ASP H 38 -29.06 35.50 32.22
C ASP H 38 -27.91 35.93 33.12
N GLU H 39 -27.41 37.15 32.93
CA GLU H 39 -26.40 37.66 33.83
C GLU H 39 -27.01 38.08 35.17
N ARG H 40 -28.24 38.58 35.15
CA ARG H 40 -28.90 38.96 36.41
C ARG H 40 -29.11 37.72 37.29
N GLY H 41 -29.48 36.60 36.68
CA GLY H 41 -29.65 35.37 37.43
C GLY H 41 -28.34 34.86 38.02
N ALA H 42 -27.25 34.99 37.28
CA ALA H 42 -25.95 34.52 37.77
C ALA H 42 -25.45 35.35 38.94
N GLN H 43 -25.64 36.67 38.89
CA GLN H 43 -25.26 37.51 40.02
C GLN H 43 -26.15 37.27 41.23
N GLU H 44 -27.42 36.90 41.01
CA GLU H 44 -28.26 36.54 42.15
C GLU H 44 -27.75 35.26 42.80
N THR H 45 -27.37 34.27 42.00
CA THR H 45 -26.75 33.06 42.53
C THR H 45 -25.46 33.40 43.27
N ALA H 46 -24.64 34.31 42.73
CA ALA H 46 -23.40 34.69 43.40
C ALA H 46 -23.68 35.43 44.69
N LYS H 47 -24.78 36.21 44.75
CA LYS H 47 -25.08 36.99 45.95
C LYS H 47 -25.44 36.08 47.12
N LYS H 48 -26.25 35.05 46.87
CA LYS H 48 -26.61 34.14 47.94
C LYS H 48 -25.43 33.25 48.32
N ALA H 49 -24.57 32.90 47.37
CA ALA H 49 -23.43 32.05 47.69
C ALA H 49 -22.46 32.73 48.64
N ALA H 50 -22.33 34.05 48.54
CA ALA H 50 -21.37 34.74 49.40
C ALA H 50 -21.87 34.80 50.84
N GLN H 51 -23.18 34.96 51.05
CA GLN H 51 -23.73 35.08 52.41
C GLN H 51 -23.40 33.88 53.29
N PHE H 52 -23.07 32.74 52.69
CA PHE H 52 -22.68 31.57 53.46
C PHE H 52 -21.25 31.65 53.97
N GLY H 53 -20.55 32.77 53.73
CA GLY H 53 -19.19 32.94 54.20
C GLY H 53 -18.11 32.56 53.21
N VAL H 54 -18.45 32.40 51.94
CA VAL H 54 -17.49 31.97 50.94
C VAL H 54 -17.43 33.00 49.81
N ARG H 55 -16.34 32.93 49.06
CA ARG H 55 -16.19 33.77 47.89
C ARG H 55 -17.00 33.18 46.74
N ALA H 56 -17.57 34.06 45.91
CA ALA H 56 -18.34 33.62 44.76
C ALA H 56 -18.02 34.51 43.56
N GLU H 57 -17.72 33.89 42.42
CA GLU H 57 -17.35 34.66 41.24
C GLU H 57 -18.09 34.16 40.01
N THR H 58 -18.18 35.05 39.04
CA THR H 58 -19.06 34.93 37.89
C THR H 58 -18.28 35.16 36.60
N ILE H 59 -18.66 34.43 35.54
CA ILE H 59 -18.07 34.66 34.23
C ILE H 59 -19.02 34.15 33.14
N HIS H 60 -18.97 34.81 32.00
CA HIS H 60 -19.77 34.42 30.84
C HIS H 60 -19.11 33.25 30.13
N LEU H 61 -19.89 32.20 29.88
CA LEU H 61 -19.39 31.01 29.19
C LEU H 61 -20.33 30.67 28.05
N ASP H 62 -19.84 30.79 26.82
CA ASP H 62 -20.60 30.46 25.63
C ASP H 62 -19.97 29.23 25.00
N LEU H 63 -20.52 28.05 25.32
CA LEU H 63 -20.01 26.81 24.75
C LEU H 63 -20.47 26.59 23.31
N SER H 64 -21.15 27.56 22.70
CA SER H 64 -21.55 27.42 21.31
C SER H 64 -20.33 27.42 20.39
N GLN H 65 -19.45 28.40 20.56
CA GLN H 65 -18.22 28.50 19.78
C GLN H 65 -17.08 27.87 20.59
N LEU H 66 -16.61 26.72 20.13
CA LEU H 66 -15.56 25.91 20.73
C LEU H 66 -14.38 25.78 19.78
N PRO H 67 -13.16 25.58 20.31
CA PRO H 67 -12.80 25.38 21.72
C PRO H 67 -12.49 26.65 22.52
N GLU H 68 -12.48 27.81 21.87
CA GLU H 68 -12.08 29.04 22.56
C GLU H 68 -13.04 29.41 23.68
N GLY H 69 -14.33 29.07 23.53
CA GLY H 69 -15.30 29.41 24.55
C GLY H 69 -14.94 28.83 25.91
N ALA H 70 -14.38 27.61 25.91
CA ALA H 70 -14.05 26.94 27.16
C ALA H 70 -13.03 27.72 27.99
N GLN H 71 -12.33 28.68 27.39
CA GLN H 71 -11.28 29.40 28.10
C GLN H 71 -11.83 30.21 29.26
N ALA H 72 -13.14 30.46 29.30
CA ALA H 72 -13.73 31.16 30.43
C ALA H 72 -13.62 30.36 31.71
N ILE H 73 -13.57 29.03 31.61
CA ILE H 73 -13.32 28.20 32.80
C ILE H 73 -11.90 28.39 33.30
N GLU H 74 -10.94 28.51 32.37
CA GLU H 74 -9.57 28.77 32.77
C GLU H 74 -9.45 30.12 33.47
N HIS H 75 -10.13 31.14 32.94
CA HIS H 75 -10.17 32.44 33.61
C HIS H 75 -10.77 32.32 35.00
N LEU H 76 -11.87 31.57 35.13
CA LEU H 76 -12.53 31.41 36.42
C LEU H 76 -11.60 30.79 37.45
N ILE H 77 -10.89 29.73 37.06
CA ILE H 77 -9.99 29.06 38.00
C ILE H 77 -8.90 30.01 38.46
N GLN H 78 -8.44 30.88 37.56
CA GLN H 78 -7.41 31.87 37.93
C GLN H 78 -7.94 32.86 38.96
N ARG H 79 -9.20 33.29 38.83
CA ARG H 79 -9.75 34.25 39.78
C ARG H 79 -9.90 33.63 41.18
N LEU H 80 -10.29 32.36 41.24
CA LEU H 80 -10.48 31.69 42.53
C LEU H 80 -9.21 31.01 43.04
N GLY H 81 -8.17 30.91 42.21
CA GLY H 81 -6.90 30.37 42.64
C GLY H 81 -6.77 28.86 42.58
N ARG H 82 -7.86 28.13 42.44
CA ARG H 82 -7.83 26.67 42.41
C ARG H 82 -9.19 26.17 41.92
N VAL H 83 -9.27 24.86 41.74
CA VAL H 83 -10.56 24.21 41.50
C VAL H 83 -10.50 22.83 42.12
N ASP H 84 -11.51 22.50 42.93
CA ASP H 84 -11.61 21.18 43.53
C ASP H 84 -12.81 20.40 43.03
N VAL H 85 -13.88 21.09 42.62
CA VAL H 85 -15.10 20.45 42.15
C VAL H 85 -15.53 21.15 40.87
N LEU H 86 -15.84 20.36 39.84
CA LEU H 86 -16.49 20.85 38.64
C LEU H 86 -17.82 20.14 38.47
N VAL H 87 -18.89 20.92 38.35
CA VAL H 87 -20.20 20.38 37.99
C VAL H 87 -20.50 20.86 36.57
N ASN H 88 -20.47 19.92 35.61
CA ASN H 88 -20.89 20.19 34.24
C ASN H 88 -22.41 20.08 34.17
N ASN H 89 -23.11 21.21 34.24
CA ASN H 89 -24.56 21.19 34.30
C ASN H 89 -25.16 21.30 32.91
N ALA H 90 -26.23 20.55 32.69
CA ALA H 90 -26.83 20.42 31.37
C ALA H 90 -27.61 21.67 31.00
N GLY H 91 -27.32 22.24 29.83
CA GLY H 91 -28.18 23.25 29.26
C GLY H 91 -29.54 22.67 28.88
N ALA H 92 -30.33 23.50 28.20
CA ALA H 92 -31.71 23.14 27.93
C ALA H 92 -31.82 21.97 26.95
N MET H 93 -32.94 21.27 27.03
CA MET H 93 -33.29 20.23 26.06
C MET H 93 -34.03 20.86 24.88
N THR H 94 -33.65 20.47 23.66
CA THR H 94 -34.38 20.86 22.46
C THR H 94 -34.75 19.63 21.66
N LYS H 95 -35.92 19.68 21.03
CA LYS H 95 -36.49 18.56 20.30
C LYS H 95 -36.37 18.79 18.80
N SER H 96 -36.26 17.69 18.06
CA SER H 96 -36.21 17.73 16.60
C SER H 96 -36.38 16.32 16.08
N ALA H 97 -37.16 16.17 15.00
CA ALA H 97 -37.44 14.86 14.44
C ALA H 97 -36.19 14.29 13.80
N PHE H 98 -35.84 13.04 14.16
CA PHE H 98 -34.64 12.40 13.64
C PHE H 98 -34.58 12.49 12.13
N ILE H 99 -35.69 12.15 11.46
CA ILE H 99 -35.69 12.05 10.01
C ILE H 99 -35.43 13.40 9.36
N ASP H 100 -35.78 14.50 10.03
CA ASP H 100 -35.71 15.84 9.47
C ASP H 100 -34.56 16.68 9.98
N MET H 101 -33.98 16.31 11.12
CA MET H 101 -33.05 17.20 11.82
C MET H 101 -31.91 17.64 10.91
N PRO H 102 -31.73 18.96 10.69
CA PRO H 102 -30.56 19.40 9.93
C PRO H 102 -29.28 19.04 10.66
N PHE H 103 -28.21 18.89 9.88
CA PHE H 103 -26.93 18.46 10.46
C PHE H 103 -26.38 19.53 11.40
N THR H 104 -26.59 20.81 11.06
CA THR H 104 -26.18 21.91 11.94
C THR H 104 -26.82 21.77 13.31
N GLN H 105 -28.11 21.41 13.35
CA GLN H 105 -28.78 21.25 14.64
C GLN H 105 -28.19 20.07 15.40
N TRP H 106 -27.93 18.96 14.72
CA TRP H 106 -27.32 17.79 15.35
C TRP H 106 -25.97 18.16 15.99
N ARG H 107 -25.14 18.90 15.24
CA ARG H 107 -23.82 19.27 15.75
C ARG H 107 -23.93 20.31 16.88
N GLN H 108 -24.90 21.22 16.80
CA GLN H 108 -25.05 22.22 17.85
C GLN H 108 -25.46 21.57 19.16
N ILE H 109 -26.42 20.65 19.11
CA ILE H 109 -26.84 19.96 20.32
C ILE H 109 -25.67 19.17 20.90
N PHE H 110 -24.81 18.62 20.04
CA PHE H 110 -23.64 17.90 20.55
C PHE H 110 -22.59 18.86 21.10
N THR H 111 -22.46 20.06 20.52
CA THR H 111 -21.44 20.97 21.00
C THR H 111 -21.75 21.45 22.41
N VAL H 112 -23.02 21.70 22.72
CA VAL H 112 -23.37 22.21 24.04
C VAL H 112 -23.62 21.11 25.07
N ASP H 113 -23.97 19.89 24.65
CA ASP H 113 -24.38 18.87 25.60
C ASP H 113 -23.29 17.85 25.90
N VAL H 114 -22.19 17.82 25.13
CA VAL H 114 -21.09 16.93 25.49
C VAL H 114 -19.73 17.57 25.16
N ASP H 115 -19.62 18.22 24.00
CA ASP H 115 -18.34 18.85 23.64
C ASP H 115 -17.92 19.89 24.68
N GLY H 116 -18.84 20.74 25.12
CA GLY H 116 -18.50 21.70 26.15
C GLY H 116 -18.03 21.04 27.43
N ALA H 117 -18.78 20.04 27.90
CA ALA H 117 -18.41 19.31 29.11
C ALA H 117 -17.01 18.73 28.98
N PHE H 118 -16.69 18.17 27.82
CA PHE H 118 -15.40 17.52 27.63
C PHE H 118 -14.27 18.52 27.79
N LEU H 119 -14.40 19.70 27.18
CA LEU H 119 -13.34 20.69 27.24
C LEU H 119 -13.24 21.31 28.63
N CYS H 120 -14.38 21.60 29.25
CA CYS H 120 -14.37 22.16 30.60
C CYS H 120 -13.74 21.19 31.58
N ALA H 121 -14.05 19.90 31.44
CA ALA H 121 -13.50 18.87 32.31
C ALA H 121 -11.98 18.72 32.13
N GLN H 122 -11.50 18.88 30.91
CA GLN H 122 -10.04 18.86 30.69
C GLN H 122 -9.37 19.95 31.50
N ILE H 123 -9.84 21.19 31.36
CA ILE H 123 -9.22 22.32 32.04
C ILE H 123 -9.28 22.14 33.54
N ALA H 124 -10.47 21.80 34.06
CA ALA H 124 -10.59 21.62 35.51
C ALA H 124 -9.69 20.50 36.02
N ALA H 125 -9.65 19.38 35.30
CA ALA H 125 -8.84 18.25 35.77
C ALA H 125 -7.34 18.58 35.70
N ARG H 126 -6.92 19.36 34.71
CA ARG H 126 -5.52 19.75 34.63
C ARG H 126 -5.09 20.51 35.88
N HIS H 127 -5.94 21.42 36.38
CA HIS H 127 -5.61 22.13 37.61
C HIS H 127 -5.65 21.18 38.80
N MET H 128 -6.69 20.34 38.89
CA MET H 128 -6.80 19.37 39.97
C MET H 128 -5.54 18.52 40.07
N ILE H 129 -5.03 18.04 38.92
CA ILE H 129 -3.80 17.26 38.91
C ILE H 129 -2.63 18.09 39.42
N LYS H 130 -2.52 19.34 38.97
CA LYS H 130 -1.35 20.16 39.33
C LYS H 130 -1.33 20.48 40.80
N GLN H 131 -2.49 20.62 41.44
CA GLN H 131 -2.54 20.86 42.88
C GLN H 131 -2.26 19.61 43.70
N GLY H 132 -2.51 18.43 43.15
CA GLY H 132 -2.18 17.20 43.86
C GLY H 132 -3.02 16.94 45.08
N GLU H 133 -4.27 17.43 45.10
CA GLU H 133 -5.17 17.21 46.23
C GLU H 133 -6.44 16.47 45.81
N GLY H 134 -6.41 15.79 44.66
CA GLY H 134 -7.60 15.11 44.20
C GLY H 134 -8.68 16.10 43.79
N GLY H 135 -9.83 15.56 43.44
CA GLY H 135 -10.93 16.40 42.99
C GLY H 135 -12.18 15.57 42.77
N ARG H 136 -13.27 16.28 42.46
CA ARG H 136 -14.55 15.65 42.13
C ARG H 136 -15.13 16.32 40.89
N ILE H 137 -15.52 15.51 39.91
CA ILE H 137 -16.15 16.00 38.68
C ILE H 137 -17.50 15.32 38.54
N ILE H 138 -18.57 16.11 38.58
CA ILE H 138 -19.93 15.60 38.44
C ILE H 138 -20.48 16.10 37.11
N ASN H 139 -20.92 15.18 36.27
CA ASN H 139 -21.56 15.48 35.00
C ASN H 139 -23.05 15.28 35.17
N ILE H 140 -23.82 16.37 35.11
CA ILE H 140 -25.28 16.25 35.13
C ILE H 140 -25.72 15.76 33.76
N THR H 141 -26.28 14.55 33.72
CA THR H 141 -26.79 14.04 32.45
C THR H 141 -28.32 14.09 32.46
N SER H 142 -28.95 12.92 32.51
CA SER H 142 -30.40 12.81 32.40
C SER H 142 -30.74 11.32 32.48
N VAL H 143 -32.01 11.03 32.78
CA VAL H 143 -32.50 9.67 32.52
C VAL H 143 -32.21 9.26 31.08
N HIS H 144 -32.15 10.23 30.18
CA HIS H 144 -31.94 9.91 28.76
C HIS H 144 -30.48 9.68 28.42
N GLU H 145 -29.60 9.66 29.43
CA GLU H 145 -28.34 8.93 29.33
C GLU H 145 -28.59 7.45 29.09
N HIS H 146 -29.74 6.93 29.54
CA HIS H 146 -30.00 5.51 29.52
C HIS H 146 -31.20 5.08 28.69
N THR H 147 -32.17 5.97 28.45
CA THR H 147 -33.38 5.59 27.73
C THR H 147 -33.82 6.76 26.85
N PRO H 148 -34.36 6.51 25.66
CA PRO H 148 -34.53 7.60 24.69
C PRO H 148 -35.68 8.54 25.05
N LEU H 149 -35.50 9.80 24.68
CA LEU H 149 -36.55 10.82 24.81
C LEU H 149 -37.17 11.03 23.44
N PRO H 150 -38.43 10.68 23.21
CA PRO H 150 -38.98 10.75 21.85
C PRO H 150 -38.87 12.17 21.29
N GLN H 151 -38.61 12.25 19.99
CA GLN H 151 -38.44 13.51 19.28
C GLN H 151 -37.20 14.28 19.74
N ALA H 152 -36.27 13.61 20.43
CA ALA H 152 -35.04 14.25 20.87
C ALA H 152 -33.86 13.28 20.74
N SER H 153 -33.60 12.83 19.50
CA SER H 153 -32.56 11.82 19.28
C SER H 153 -31.17 12.40 19.53
N ALA H 154 -30.96 13.67 19.17
CA ALA H 154 -29.66 14.29 19.40
C ALA H 154 -29.41 14.48 20.89
N TYR H 155 -30.41 14.96 21.62
CA TYR H 155 -30.29 15.10 23.07
C TYR H 155 -30.03 13.75 23.72
N THR H 156 -30.74 12.72 23.26
CA THR H 156 -30.52 11.37 23.80
C THR H 156 -29.09 10.89 23.50
N ALA H 157 -28.63 11.09 22.26
CA ALA H 157 -27.32 10.59 21.88
C ALA H 157 -26.20 11.33 22.63
N ALA H 158 -26.35 12.66 22.81
CA ALA H 158 -25.34 13.42 23.54
C ALA H 158 -25.34 13.10 25.03
N LYS H 159 -26.50 12.84 25.63
CA LYS H 159 -26.50 12.40 27.03
C LYS H 159 -25.80 11.05 27.18
N HIS H 160 -26.08 10.12 26.27
CA HIS H 160 -25.35 8.85 26.25
C HIS H 160 -23.85 9.09 26.11
N ALA H 161 -23.46 9.94 25.16
CA ALA H 161 -22.04 10.25 24.99
C ALA H 161 -21.41 10.75 26.29
N LEU H 162 -22.11 11.66 26.98
CA LEU H 162 -21.58 12.19 28.23
C LEU H 162 -21.51 11.11 29.31
N GLY H 163 -22.44 10.16 29.29
CA GLY H 163 -22.33 9.00 30.16
C GLY H 163 -21.10 8.18 29.87
N GLY H 164 -20.79 8.01 28.57
CA GLY H 164 -19.57 7.30 28.23
C GLY H 164 -18.32 8.04 28.68
N LEU H 165 -18.26 9.34 28.37
CA LEU H 165 -17.14 10.16 28.81
C LEU H 165 -16.97 10.12 30.33
N THR H 166 -18.08 10.14 31.07
CA THR H 166 -18.02 9.98 32.52
C THR H 166 -17.20 8.75 32.90
N LYS H 167 -17.55 7.59 32.34
CA LYS H 167 -16.87 6.36 32.72
C LYS H 167 -15.39 6.40 32.36
N SER H 168 -15.06 6.93 31.17
CA SER H 168 -13.68 7.03 30.74
C SER H 168 -12.88 7.94 31.67
N MET H 169 -13.44 9.09 32.03
CA MET H 169 -12.75 10.02 32.91
C MET H 169 -12.45 9.38 34.26
N ALA H 170 -13.45 8.71 34.84
CA ALA H 170 -13.24 8.00 36.11
C ALA H 170 -12.03 7.07 36.04
N LEU H 171 -11.96 6.26 34.98
CA LEU H 171 -10.87 5.31 34.81
C LEU H 171 -9.52 6.02 34.73
N GLU H 172 -9.42 7.03 33.85
CA GLU H 172 -8.13 7.66 33.61
C GLU H 172 -7.70 8.61 34.71
N LEU H 173 -8.65 9.16 35.47
CA LEU H 173 -8.30 10.19 36.45
C LEU H 173 -8.17 9.66 37.88
N ILE H 174 -8.59 8.42 38.15
CA ILE H 174 -8.57 7.89 39.51
C ILE H 174 -7.17 7.93 40.11
N GLU H 175 -6.13 7.71 39.28
CA GLU H 175 -4.76 7.73 39.79
C GLU H 175 -4.39 9.09 40.38
N HIS H 176 -5.09 10.16 39.98
CA HIS H 176 -4.90 11.47 40.58
C HIS H 176 -5.94 11.76 41.66
N HIS H 177 -6.66 10.74 42.12
CA HIS H 177 -7.66 10.89 43.19
C HIS H 177 -8.78 11.84 42.76
N ILE H 178 -9.13 11.81 41.48
CA ILE H 178 -10.25 12.58 40.96
C ILE H 178 -11.40 11.62 40.72
N LEU H 179 -12.49 11.79 41.46
CA LEU H 179 -13.66 10.94 41.29
C LEU H 179 -14.64 11.61 40.33
N VAL H 180 -15.18 10.81 39.41
CA VAL H 180 -16.01 11.31 38.32
C VAL H 180 -17.29 10.48 38.26
N ASN H 181 -18.44 11.14 38.35
CA ASN H 181 -19.73 10.47 38.28
C ASN H 181 -20.71 11.33 37.53
N ALA H 182 -21.82 10.72 37.14
CA ALA H 182 -22.94 11.45 36.58
C ALA H 182 -24.14 11.38 37.52
N VAL H 183 -24.86 12.49 37.63
CA VAL H 183 -26.19 12.50 38.23
C VAL H 183 -27.18 12.67 37.09
N ALA H 184 -28.16 11.77 37.03
CA ALA H 184 -29.05 11.64 35.87
C ALA H 184 -30.46 12.00 36.32
N PRO H 185 -30.85 13.28 36.26
CA PRO H 185 -32.18 13.67 36.75
C PRO H 185 -33.29 13.15 35.85
N GLY H 186 -34.45 12.88 36.46
CA GLY H 186 -35.68 12.72 35.70
C GLY H 186 -36.28 14.08 35.36
N ALA H 187 -37.61 14.18 35.42
CA ALA H 187 -38.28 15.46 35.19
C ALA H 187 -38.10 16.36 36.41
N ILE H 188 -37.47 17.52 36.21
CA ILE H 188 -37.22 18.47 37.28
C ILE H 188 -37.99 19.75 36.99
N ALA H 189 -38.64 20.29 38.03
CA ALA H 189 -39.49 21.46 37.90
C ALA H 189 -38.67 22.74 37.72
N THR H 190 -39.18 23.66 36.91
CA THR H 190 -38.51 24.93 36.67
C THR H 190 -39.02 26.01 37.62
N GLU H 201 -48.05 21.19 43.68
CA GLU H 201 -46.86 20.41 43.38
C GLU H 201 -47.06 18.89 43.50
N PRO H 202 -47.69 18.36 44.53
CA PRO H 202 -47.83 16.90 44.50
C PRO H 202 -48.98 16.29 43.65
N GLY H 203 -48.70 15.18 42.98
CA GLY H 203 -49.67 14.51 42.12
C GLY H 203 -49.63 15.02 40.68
N SER H 204 -48.64 15.84 40.43
CA SER H 204 -48.38 16.42 39.14
C SER H 204 -47.99 15.54 37.93
N GLU H 205 -47.06 14.56 37.96
CA GLU H 205 -46.89 13.91 36.67
C GLU H 205 -47.35 12.48 36.89
N PRO H 206 -48.64 12.21 36.75
CA PRO H 206 -49.14 10.86 37.03
C PRO H 206 -48.48 9.78 36.19
N SER H 207 -47.81 10.14 35.08
CA SER H 207 -47.05 9.16 34.33
C SER H 207 -45.78 8.71 35.06
N ILE H 208 -45.30 9.50 36.02
CA ILE H 208 -44.16 9.14 36.86
C ILE H 208 -44.68 8.39 38.08
N PRO H 209 -44.01 7.33 38.55
CA PRO H 209 -44.50 6.63 39.75
C PRO H 209 -44.68 7.53 40.96
N ILE H 210 -43.68 8.37 41.28
CA ILE H 210 -43.85 9.30 42.39
C ILE H 210 -44.85 10.39 42.05
N ALA H 211 -45.29 10.43 40.80
CA ALA H 211 -46.35 11.30 40.33
C ALA H 211 -45.98 12.77 40.36
N ARG H 212 -44.72 13.16 40.46
CA ARG H 212 -44.43 14.59 40.43
C ARG H 212 -43.05 14.79 39.84
N PRO H 213 -42.75 15.97 39.30
CA PRO H 213 -41.37 16.29 38.97
C PRO H 213 -40.55 16.46 40.23
N GLY H 214 -39.24 16.37 40.08
CA GLY H 214 -38.36 16.57 41.19
C GLY H 214 -38.05 18.03 41.40
N SER H 215 -37.66 18.36 42.64
CA SER H 215 -37.15 19.69 42.93
C SER H 215 -35.69 19.78 42.50
N THR H 216 -35.24 21.02 42.31
CA THR H 216 -33.81 21.22 42.06
C THR H 216 -32.98 20.83 43.28
N HIS H 217 -33.54 20.99 44.47
CA HIS H 217 -32.85 20.56 45.68
C HIS H 217 -32.61 19.05 45.67
N GLU H 218 -33.59 18.30 45.15
CA GLU H 218 -33.47 16.86 45.13
C GLU H 218 -32.35 16.39 44.22
N ILE H 219 -31.91 17.21 43.28
CA ILE H 219 -30.69 16.95 42.51
C ILE H 219 -29.45 17.46 43.24
N ALA H 220 -29.44 18.75 43.60
CA ALA H 220 -28.27 19.34 44.26
C ALA H 220 -27.84 18.57 45.51
N SER H 221 -28.78 18.00 46.24
CA SER H 221 -28.41 17.32 47.48
C SER H 221 -27.51 16.12 47.19
N LEU H 222 -27.75 15.41 46.09
CA LEU H 222 -26.85 14.31 45.75
C LEU H 222 -25.52 14.82 45.18
N VAL H 223 -25.56 15.88 44.38
CA VAL H 223 -24.31 16.48 43.89
C VAL H 223 -23.43 16.88 45.06
N ALA H 224 -24.03 17.44 46.11
CA ALA H 224 -23.23 17.83 47.27
C ALA H 224 -22.67 16.62 48.00
N TRP H 225 -23.47 15.56 48.15
CA TRP H 225 -22.93 14.36 48.77
C TRP H 225 -21.76 13.80 47.96
N LEU H 226 -21.87 13.85 46.62
CA LEU H 226 -20.77 13.40 45.78
C LEU H 226 -19.51 14.23 45.97
N CYS H 227 -19.61 15.42 46.56
CA CYS H 227 -18.46 16.28 46.83
C CYS H 227 -17.94 16.13 48.25
N SER H 228 -18.59 15.34 49.08
CA SER H 228 -18.24 15.25 50.49
C SER H 228 -17.28 14.09 50.74
N GLU H 229 -16.70 14.08 51.93
CA GLU H 229 -15.73 13.06 52.28
C GLU H 229 -16.31 11.65 52.15
N GLY H 230 -17.60 11.47 52.47
CA GLY H 230 -18.16 10.13 52.51
C GLY H 230 -18.24 9.45 51.17
N ALA H 231 -18.14 10.21 50.08
CA ALA H 231 -18.27 9.67 48.73
C ALA H 231 -16.94 9.26 48.11
N SER H 232 -15.92 9.04 48.94
CA SER H 232 -14.55 8.82 48.47
C SER H 232 -14.34 7.46 47.79
N TYR H 233 -15.34 6.58 47.76
CA TYR H 233 -15.25 5.30 47.05
C TYR H 233 -16.20 5.22 45.86
N THR H 234 -16.88 6.32 45.52
CA THR H 234 -17.89 6.32 44.45
C THR H 234 -17.31 7.03 43.22
N THR H 235 -17.11 6.26 42.14
CA THR H 235 -16.61 6.81 40.89
C THR H 235 -17.06 5.93 39.73
N GLY H 236 -17.22 6.57 38.56
CA GLY H 236 -17.60 5.87 37.35
C GLY H 236 -19.08 5.57 37.22
N GLN H 237 -19.90 6.00 38.16
CA GLN H 237 -21.29 5.61 38.17
C GLN H 237 -22.18 6.73 37.64
N SER H 238 -23.39 6.34 37.23
CA SER H 238 -24.44 7.27 36.84
C SER H 238 -25.58 7.08 37.84
N LEU H 239 -25.75 8.05 38.73
CA LEU H 239 -26.72 7.96 39.81
C LEU H 239 -28.02 8.63 39.36
N ILE H 240 -29.11 7.86 39.35
CA ILE H 240 -30.35 8.28 38.71
C ILE H 240 -31.35 8.76 39.76
N VAL H 241 -31.77 10.01 39.64
CA VAL H 241 -32.66 10.66 40.58
C VAL H 241 -33.92 11.03 39.79
N ASP H 242 -34.94 10.16 39.81
CA ASP H 242 -35.99 10.25 38.80
C ASP H 242 -37.39 9.89 39.31
N GLY H 243 -37.59 9.74 40.62
CA GLY H 243 -38.92 9.43 41.11
C GLY H 243 -39.53 8.16 40.57
N GLY H 244 -38.71 7.20 40.12
CA GLY H 244 -39.20 5.95 39.57
C GLY H 244 -39.35 5.92 38.06
N PHE H 245 -39.01 7.00 37.37
CA PHE H 245 -39.19 7.12 35.92
C PHE H 245 -38.72 5.86 35.19
N MET H 246 -37.50 5.40 35.49
CA MET H 246 -36.94 4.21 34.84
C MET H 246 -37.74 2.95 35.12
N LEU H 247 -38.50 2.90 36.22
CA LEU H 247 -39.28 1.72 36.55
C LEU H 247 -40.53 1.58 35.69
N ALA H 248 -40.97 2.65 35.04
CA ALA H 248 -42.28 2.69 34.40
C ALA H 248 -42.14 2.19 32.96
N ASN H 249 -42.71 1.04 32.70
CA ASN H 249 -42.63 0.45 31.36
C ASN H 249 -44.07 0.38 30.80
N PRO H 250 -44.30 -0.15 29.58
CA PRO H 250 -45.68 -0.20 29.06
C PRO H 250 -46.68 -0.91 29.97
N GLN H 251 -46.19 -1.70 30.92
CA GLN H 251 -47.06 -2.39 31.85
C GLN H 251 -47.46 -1.54 33.06
N PHE H 252 -46.76 -0.43 33.30
CA PHE H 252 -47.15 0.46 34.38
C PHE H 252 -48.53 1.08 34.17
N ASN H 253 -49.00 1.15 32.93
CA ASN H 253 -50.34 1.69 32.64
C ASN H 253 -51.43 0.75 33.15
S SO4 I . 28.95 -21.07 -45.31
O1 SO4 I . 30.20 -20.50 -44.85
O2 SO4 I . 29.19 -21.69 -46.61
O3 SO4 I . 28.49 -22.08 -44.36
O4 SO4 I . 27.93 -20.02 -45.41
S SO4 J . 33.49 -36.17 -12.45
O1 SO4 J . 34.36 -35.16 -11.84
O2 SO4 J . 34.15 -36.73 -13.63
O3 SO4 J . 33.23 -37.24 -11.50
O4 SO4 J . 32.22 -35.55 -12.85
CL CL K . -35.69 -14.27 5.22
#